data_8V0H
#
_entry.id   8V0H
#
_cell.length_a   1.000
_cell.length_b   1.000
_cell.length_c   1.000
_cell.angle_alpha   90.00
_cell.angle_beta   90.00
_cell.angle_gamma   90.00
#
_symmetry.space_group_name_H-M   'P 1'
#
_entity_poly.entity_id   1
_entity_poly.type   'polypeptide(L)'
_entity_poly.pdbx_seq_one_letter_code
;MGSSHHHHHHSSGLVPRGSHMGSENLYFQGSWPPSEVLTAVGLICALAGGFAKADIEMAGPMAAVGLLIVSYVVSGKSVD
MYIERAGDITWEKDAEVTGNSPRLDVALDESGDFSLVEEDGPPMREIILKVVLMAICGMNPIAIPFAAGAWYVYVKTGKR
;
_entity_poly.pdbx_strand_id   A
#
# COMPACT_ATOMS: atom_id res chain seq x y z
N SER A 31 7.83 16.79 -5.96
CA SER A 31 6.79 16.65 -4.95
C SER A 31 6.92 15.32 -4.22
N TRP A 32 8.14 14.97 -3.84
CA TRP A 32 8.43 13.69 -3.20
C TRP A 32 9.24 13.87 -1.94
N PRO A 33 8.60 14.33 -0.87
CA PRO A 33 9.28 14.56 0.40
C PRO A 33 9.91 13.28 0.92
N PRO A 34 10.78 13.42 1.92
CA PRO A 34 11.48 12.28 2.49
C PRO A 34 10.49 11.22 3.00
N SER A 35 9.25 11.63 3.18
CA SER A 35 8.20 10.74 3.66
C SER A 35 8.03 9.55 2.72
N GLU A 36 8.49 9.71 1.48
CA GLU A 36 8.46 8.62 0.51
C GLU A 36 9.16 7.38 1.05
N VAL A 37 10.21 7.59 1.84
CA VAL A 37 10.99 6.49 2.39
C VAL A 37 10.12 5.58 3.25
N LEU A 38 9.25 6.19 4.06
CA LEU A 38 8.35 5.44 4.93
C LEU A 38 7.42 4.54 4.12
N THR A 39 6.92 5.07 3.01
CA THR A 39 6.05 4.32 2.12
C THR A 39 6.83 3.27 1.34
N ALA A 40 8.08 3.59 1.01
CA ALA A 40 8.94 2.66 0.29
C ALA A 40 9.28 1.44 1.14
N VAL A 41 9.78 1.69 2.34
CA VAL A 41 10.22 0.62 3.23
C VAL A 41 9.08 -0.34 3.55
N GLY A 42 7.90 0.22 3.83
CA GLY A 42 6.71 -0.58 4.08
C GLY A 42 6.47 -1.58 2.94
N LEU A 43 6.38 -1.07 1.73
CA LEU A 43 6.09 -1.91 0.56
C LEU A 43 7.22 -2.89 0.30
N ILE A 44 8.46 -2.41 0.45
CA ILE A 44 9.63 -3.26 0.23
C ILE A 44 9.65 -4.43 1.21
N CYS A 45 9.35 -4.15 2.47
CA CYS A 45 9.29 -5.19 3.49
C CYS A 45 8.26 -6.25 3.14
N ALA A 46 7.12 -5.82 2.60
CA ALA A 46 6.09 -6.74 2.17
C ALA A 46 6.59 -7.65 1.05
N LEU A 47 7.29 -7.06 0.08
CA LEU A 47 7.84 -7.82 -1.03
C LEU A 47 8.87 -8.84 -0.54
N ALA A 48 9.68 -8.43 0.42
CA ALA A 48 10.67 -9.33 1.03
C ALA A 48 9.98 -10.53 1.67
N GLY A 49 8.91 -10.27 2.41
CA GLY A 49 8.11 -11.32 3.01
C GLY A 49 7.52 -12.24 1.94
N GLY A 50 7.21 -11.66 0.78
CA GLY A 50 6.61 -12.41 -0.31
C GLY A 50 7.50 -13.57 -0.75
N PHE A 51 8.80 -13.43 -0.49
CA PHE A 51 9.78 -14.41 -0.97
C PHE A 51 10.03 -15.48 0.08
N ALA A 52 9.29 -15.41 1.19
CA ALA A 52 9.44 -16.37 2.27
C ALA A 52 9.00 -17.76 1.84
N LYS A 53 9.95 -18.68 1.71
CA LYS A 53 9.66 -20.01 1.20
C LYS A 53 9.05 -19.96 -0.18
N ALA A 54 9.46 -18.98 -0.97
CA ALA A 54 8.96 -18.83 -2.34
C ALA A 54 10.08 -18.38 -3.28
N ASP A 55 10.04 -18.88 -4.51
CA ASP A 55 11.06 -18.55 -5.50
C ASP A 55 12.45 -18.91 -4.99
N ILE A 56 12.58 -20.09 -4.40
CA ILE A 56 13.85 -20.54 -3.86
C ILE A 56 14.30 -21.84 -4.53
N GLU A 57 13.74 -22.12 -5.71
CA GLU A 57 14.11 -23.30 -6.47
C GLU A 57 13.67 -24.58 -5.75
N MET A 58 13.04 -24.41 -4.58
CA MET A 58 12.42 -25.52 -3.88
C MET A 58 10.96 -25.24 -3.58
N ALA A 59 10.45 -24.14 -4.14
CA ALA A 59 9.09 -23.70 -3.84
C ALA A 59 8.06 -24.49 -4.64
N GLY A 60 6.88 -24.68 -4.05
CA GLY A 60 5.76 -25.28 -4.77
C GLY A 60 4.98 -24.22 -5.54
N PRO A 61 4.13 -24.68 -6.45
CA PRO A 61 3.29 -23.78 -7.24
C PRO A 61 2.53 -22.80 -6.35
N MET A 62 2.04 -23.30 -5.23
CA MET A 62 1.26 -22.49 -4.30
C MET A 62 2.10 -21.35 -3.72
N ALA A 63 3.32 -21.68 -3.32
CA ALA A 63 4.23 -20.68 -2.77
C ALA A 63 4.57 -19.61 -3.80
N ALA A 64 4.71 -20.02 -5.05
CA ALA A 64 4.94 -19.09 -6.15
C ALA A 64 3.78 -18.12 -6.30
N VAL A 65 2.56 -18.64 -6.19
CA VAL A 65 1.37 -17.81 -6.21
C VAL A 65 1.34 -16.84 -5.04
N GLY A 66 1.74 -17.33 -3.87
CA GLY A 66 1.87 -16.48 -2.68
C GLY A 66 2.68 -15.23 -2.99
N LEU A 67 3.85 -15.43 -3.59
CA LEU A 67 4.70 -14.31 -3.98
C LEU A 67 3.96 -13.36 -4.92
N LEU A 68 3.31 -13.93 -5.93
CA LEU A 68 2.61 -13.13 -6.93
C LEU A 68 1.49 -12.32 -6.29
N ILE A 69 0.80 -12.93 -5.33
CA ILE A 69 -0.26 -12.25 -4.59
C ILE A 69 0.26 -11.01 -3.88
N VAL A 70 1.38 -11.16 -3.19
CA VAL A 70 2.01 -10.04 -2.49
C VAL A 70 2.42 -8.95 -3.46
N SER A 71 3.04 -9.35 -4.57
CA SER A 71 3.48 -8.41 -5.60
C SER A 71 2.30 -7.61 -6.14
N TYR A 72 1.18 -8.30 -6.37
CA TYR A 72 -0.03 -7.64 -6.86
C TYR A 72 -0.48 -6.55 -5.91
N VAL A 73 -0.66 -6.91 -4.64
CA VAL A 73 -1.18 -5.98 -3.65
C VAL A 73 -0.23 -4.80 -3.45
N VAL A 74 1.06 -5.10 -3.38
CA VAL A 74 2.08 -4.07 -3.26
C VAL A 74 2.06 -3.12 -4.45
N SER A 75 1.99 -3.69 -5.64
CA SER A 75 1.98 -2.90 -6.87
C SER A 75 0.85 -1.89 -6.88
N GLY A 76 -0.31 -2.30 -6.36
CA GLY A 76 -1.48 -1.43 -6.33
C GLY A 76 -1.23 -0.18 -5.49
N LYS A 77 -0.25 -0.28 -4.59
CA LYS A 77 0.06 0.82 -3.68
C LYS A 77 1.36 1.51 -4.06
N SER A 78 1.86 1.20 -5.25
CA SER A 78 3.10 1.79 -5.73
C SER A 78 2.92 3.28 -6.03
N VAL A 79 4.03 4.01 -6.08
CA VAL A 79 4.01 5.42 -6.45
C VAL A 79 3.41 5.62 -7.83
N ASP A 80 3.78 4.75 -8.76
CA ASP A 80 3.28 4.81 -10.13
C ASP A 80 1.75 4.78 -10.16
N MET A 81 1.16 3.89 -9.36
CA MET A 81 -0.28 3.75 -9.30
C MET A 81 -0.92 4.97 -8.63
N TYR A 82 -0.21 5.55 -7.68
CA TYR A 82 -0.67 6.77 -7.02
C TYR A 82 -0.67 7.95 -7.98
N ILE A 83 0.31 7.99 -8.87
CA ILE A 83 0.37 9.00 -9.92
C ILE A 83 -0.82 8.88 -10.86
N GLU A 84 -1.14 7.65 -11.26
CA GLU A 84 -2.32 7.38 -12.07
C GLU A 84 -3.59 7.78 -11.35
N ARG A 85 -3.67 7.47 -10.06
CA ARG A 85 -4.78 7.89 -9.22
C ARG A 85 -4.96 9.40 -9.27
N ALA A 86 -3.85 10.13 -9.13
CA ALA A 86 -3.88 11.58 -9.18
C ALA A 86 -4.45 12.08 -10.51
N GLY A 87 -4.07 11.41 -11.58
CA GLY A 87 -4.57 11.75 -12.91
C GLY A 87 -6.09 11.68 -12.97
N ASP A 88 -6.66 10.71 -12.25
CA ASP A 88 -8.10 10.51 -12.24
C ASP A 88 -8.71 10.94 -10.91
N ILE A 89 -8.03 11.85 -10.22
CA ILE A 89 -8.49 12.33 -8.92
C ILE A 89 -9.83 13.04 -9.04
N THR A 90 -10.75 12.70 -8.15
CA THR A 90 -12.07 13.34 -8.12
C THR A 90 -12.38 13.89 -6.74
N TRP A 91 -11.57 13.51 -5.75
CA TRP A 91 -11.88 13.79 -4.36
C TRP A 91 -11.63 15.25 -4.02
N GLU A 92 -12.69 15.94 -3.61
CA GLU A 92 -12.63 17.38 -3.37
C GLU A 92 -11.72 17.70 -2.19
N LYS A 93 -11.58 16.73 -1.29
CA LYS A 93 -10.80 16.92 -0.07
C LYS A 93 -9.31 16.72 -0.33
N ASP A 94 -8.99 16.14 -1.49
CA ASP A 94 -7.62 15.77 -1.80
C ASP A 94 -6.92 16.86 -2.60
N ALA A 95 -5.85 17.40 -2.06
CA ALA A 95 -5.20 18.58 -2.62
C ALA A 95 -4.87 18.37 -4.09
N GLU A 96 -4.64 17.13 -4.47
CA GLU A 96 -4.25 16.79 -5.83
C GLU A 96 -5.35 17.18 -6.82
N VAL A 97 -6.57 17.31 -6.33
CA VAL A 97 -7.71 17.64 -7.17
C VAL A 97 -7.55 19.03 -7.81
N THR A 98 -6.70 19.85 -7.19
CA THR A 98 -6.51 21.23 -7.64
C THR A 98 -5.48 21.31 -8.76
N GLY A 99 -4.96 20.15 -9.16
CA GLY A 99 -4.00 20.09 -10.26
C GLY A 99 -2.57 20.04 -9.74
N ASN A 100 -2.43 19.86 -8.44
CA ASN A 100 -1.11 19.75 -7.82
C ASN A 100 -0.43 18.43 -8.16
N SER A 101 0.89 18.43 -8.20
CA SER A 101 1.65 17.21 -8.43
C SER A 101 1.37 16.18 -7.36
N PRO A 102 1.39 14.90 -7.74
CA PRO A 102 1.11 13.81 -6.82
C PRO A 102 1.98 13.93 -5.57
N ARG A 103 1.38 13.66 -4.41
CA ARG A 103 2.08 13.75 -3.14
C ARG A 103 1.89 12.49 -2.31
N LEU A 104 2.86 12.21 -1.44
CA LEU A 104 2.78 11.06 -0.55
C LEU A 104 2.65 11.49 0.90
N ASP A 105 3.02 12.73 1.18
CA ASP A 105 3.25 13.18 2.55
C ASP A 105 1.95 13.47 3.27
N VAL A 106 1.18 12.43 3.55
CA VAL A 106 -0.06 12.58 4.30
C VAL A 106 0.20 13.15 5.69
N ALA A 107 -0.62 14.12 6.09
CA ALA A 107 -0.43 14.81 7.35
C ALA A 107 -1.73 15.43 7.84
N LEU A 108 -1.83 15.63 9.15
CA LEU A 108 -2.94 16.38 9.73
C LEU A 108 -2.54 17.82 10.01
N ASP A 109 -3.24 18.76 9.39
CA ASP A 109 -2.91 20.18 9.53
C ASP A 109 -3.52 20.77 10.79
N GLU A 110 -3.10 21.97 11.14
CA GLU A 110 -3.59 22.64 12.33
C GLU A 110 -5.08 22.94 12.23
N SER A 111 -5.57 23.03 10.99
CA SER A 111 -6.97 23.33 10.75
C SER A 111 -7.87 22.17 11.16
N GLY A 112 -7.27 20.99 11.32
CA GLY A 112 -8.03 19.78 11.58
C GLY A 112 -8.28 19.00 10.30
N ASP A 113 -7.89 19.58 9.17
CA ASP A 113 -8.04 18.94 7.88
C ASP A 113 -6.96 17.89 7.66
N PHE A 114 -7.36 16.70 7.23
CA PHE A 114 -6.41 15.62 6.96
C PHE A 114 -5.91 15.67 5.53
N SER A 115 -4.69 16.17 5.35
CA SER A 115 -4.18 16.48 4.02
C SER A 115 -3.89 15.20 3.23
N LEU A 116 -4.38 15.16 2.00
CA LEU A 116 -4.15 14.01 1.13
C LEU A 116 -4.82 12.76 1.70
N VAL A 117 -5.88 12.96 2.47
CA VAL A 117 -6.68 11.85 2.97
C VAL A 117 -8.11 11.91 2.43
N GLU A 118 -8.61 10.77 1.97
CA GLU A 118 -9.98 10.68 1.48
C GLU A 118 -10.98 10.70 2.63
N GLU A 119 -11.20 11.87 3.20
CA GLU A 119 -12.10 12.01 4.34
C GLU A 119 -13.50 11.53 4.01
N ASP A 120 -13.89 11.66 2.74
CA ASP A 120 -15.23 11.27 2.29
C ASP A 120 -15.20 9.87 1.68
N GLY A 121 -14.07 9.19 1.79
CA GLY A 121 -13.92 7.86 1.20
C GLY A 121 -14.24 6.77 2.22
N PRO A 122 -13.95 5.53 1.85
CA PRO A 122 -14.20 4.40 2.73
C PRO A 122 -13.43 4.53 4.04
N PRO A 123 -13.97 3.93 5.10
CA PRO A 123 -13.30 3.93 6.40
C PRO A 123 -11.88 3.38 6.28
N MET A 124 -10.96 4.00 7.02
CA MET A 124 -9.56 3.60 6.98
C MET A 124 -9.40 2.14 7.40
N ARG A 125 -10.19 1.72 8.38
CA ARG A 125 -10.16 0.34 8.85
C ARG A 125 -10.41 -0.64 7.72
N GLU A 126 -11.42 -0.36 6.91
CA GLU A 126 -11.79 -1.23 5.80
C GLU A 126 -10.71 -1.22 4.72
N ILE A 127 -10.10 -0.06 4.51
CA ILE A 127 -9.01 0.06 3.54
C ILE A 127 -7.80 -0.75 3.97
N ILE A 128 -7.45 -0.66 5.24
CA ILE A 128 -6.33 -1.43 5.79
C ILE A 128 -6.59 -2.92 5.68
N LEU A 129 -7.79 -3.34 6.05
CA LEU A 129 -8.17 -4.75 5.96
C LEU A 129 -8.16 -5.23 4.51
N LYS A 130 -8.67 -4.40 3.63
CA LYS A 130 -8.73 -4.74 2.21
C LYS A 130 -7.36 -5.16 1.68
N VAL A 131 -6.35 -4.37 1.99
CA VAL A 131 -4.99 -4.65 1.55
C VAL A 131 -4.57 -6.06 1.91
N VAL A 132 -4.89 -6.47 3.14
CA VAL A 132 -4.54 -7.80 3.62
C VAL A 132 -5.48 -8.86 3.07
N LEU A 133 -6.77 -8.55 3.05
CA LEU A 133 -7.81 -9.53 2.73
C LEU A 133 -7.71 -9.94 1.27
N MET A 134 -7.14 -9.08 0.44
CA MET A 134 -6.94 -9.38 -0.97
C MET A 134 -6.00 -10.56 -1.16
N ALA A 135 -5.21 -10.85 -0.12
CA ALA A 135 -4.22 -11.92 -0.18
C ALA A 135 -4.80 -13.24 0.33
N ILE A 136 -4.25 -14.34 -0.16
CA ILE A 136 -4.72 -15.66 0.23
C ILE A 136 -3.65 -16.43 1.00
N CYS A 137 -3.83 -16.54 2.31
CA CYS A 137 -2.84 -17.19 3.17
C CYS A 137 -2.71 -18.66 2.84
N GLY A 138 -3.75 -19.23 2.25
CA GLY A 138 -3.77 -20.65 1.91
C GLY A 138 -2.64 -20.98 0.95
N MET A 139 -2.25 -20.01 0.13
CA MET A 139 -1.23 -20.23 -0.89
C MET A 139 0.16 -20.30 -0.27
N ASN A 140 0.37 -19.51 0.78
CA ASN A 140 1.67 -19.49 1.46
C ASN A 140 1.52 -18.99 2.90
N PRO A 141 1.34 -19.93 3.83
CA PRO A 141 0.99 -19.58 5.21
C PRO A 141 2.12 -18.81 5.88
N ILE A 142 3.22 -18.64 5.16
CA ILE A 142 4.37 -17.89 5.68
C ILE A 142 4.45 -16.50 5.05
N ALA A 143 4.58 -16.48 3.73
CA ALA A 143 4.88 -15.25 3.02
C ALA A 143 3.77 -14.22 3.17
N ILE A 144 2.53 -14.70 3.16
CA ILE A 144 1.36 -13.83 3.06
C ILE A 144 1.17 -13.01 4.34
N PRO A 145 1.08 -13.71 5.47
CA PRO A 145 0.90 -13.07 6.76
C PRO A 145 2.12 -12.23 7.13
N PHE A 146 3.27 -12.58 6.56
CA PHE A 146 4.47 -11.76 6.69
C PHE A 146 4.32 -10.43 5.95
N ALA A 147 3.82 -10.50 4.73
CA ALA A 147 3.50 -9.29 3.97
C ALA A 147 2.42 -8.47 4.66
N ALA A 148 1.45 -9.18 5.25
CA ALA A 148 0.37 -8.53 5.98
C ALA A 148 0.92 -7.66 7.12
N GLY A 149 1.91 -8.20 7.83
CA GLY A 149 2.61 -7.42 8.84
C GLY A 149 3.17 -6.12 8.27
N ALA A 150 3.92 -6.23 7.19
CA ALA A 150 4.51 -5.07 6.53
C ALA A 150 3.41 -4.11 6.06
N TRP A 151 2.30 -4.66 5.59
CA TRP A 151 1.19 -3.85 5.10
C TRP A 151 0.53 -3.09 6.24
N TYR A 152 0.43 -3.73 7.39
CA TYR A 152 -0.09 -3.07 8.59
C TYR A 152 0.80 -1.92 9.03
N VAL A 153 2.10 -2.04 8.74
CA VAL A 153 3.04 -0.95 8.99
C VAL A 153 2.92 0.13 7.94
N TYR A 154 2.82 -0.27 6.68
CA TYR A 154 2.71 0.68 5.57
C TYR A 154 1.62 1.70 5.81
N VAL A 155 0.44 1.21 6.21
CA VAL A 155 -0.75 2.06 6.26
C VAL A 155 -0.62 3.09 7.38
N LYS A 156 0.38 2.92 8.24
CA LYS A 156 0.61 3.85 9.33
C LYS A 156 0.97 5.24 8.82
N THR A 157 1.38 5.31 7.55
CA THR A 157 1.71 6.58 6.92
C THR A 157 0.44 7.40 6.68
N GLY A 158 -0.70 6.74 6.66
CA GLY A 158 -1.98 7.41 6.42
C GLY A 158 -2.33 7.39 4.93
N LYS A 159 -1.37 6.97 4.11
CA LYS A 159 -1.58 6.91 2.67
C LYS A 159 -2.58 5.83 2.29
N ARG A 160 -3.55 6.18 1.45
CA ARG A 160 -4.62 5.27 1.09
C ARG A 160 -4.49 4.83 -0.36
N SER A 31 7.50 17.22 -4.84
CA SER A 31 6.49 16.86 -3.86
C SER A 31 6.74 15.47 -3.29
N TRP A 32 8.00 15.17 -3.03
CA TRP A 32 8.40 13.85 -2.54
C TRP A 32 9.31 13.96 -1.33
N PRO A 33 8.71 14.22 -0.17
CA PRO A 33 9.47 14.38 1.06
C PRO A 33 10.30 13.14 1.36
N PRO A 34 11.28 13.29 2.24
CA PRO A 34 12.15 12.18 2.62
C PRO A 34 11.35 11.00 3.14
N SER A 35 10.11 11.26 3.55
CA SER A 35 9.24 10.21 4.07
C SER A 35 8.99 9.13 3.02
N GLU A 36 9.28 9.45 1.77
CA GLU A 36 9.17 8.49 0.68
C GLU A 36 9.97 7.23 0.99
N VAL A 37 11.11 7.40 1.66
CA VAL A 37 11.97 6.28 2.02
C VAL A 37 11.23 5.29 2.92
N LEU A 38 10.48 5.81 3.88
CA LEU A 38 9.71 4.96 4.78
C LEU A 38 8.65 4.15 4.03
N THR A 39 8.03 4.79 3.04
CA THR A 39 7.05 4.11 2.19
C THR A 39 7.71 3.08 1.29
N ALA A 40 8.92 3.37 0.84
CA ALA A 40 9.69 2.44 0.03
C ALA A 40 10.05 1.20 0.81
N VAL A 41 10.66 1.40 1.99
CA VAL A 41 11.11 0.29 2.82
C VAL A 41 9.96 -0.62 3.21
N GLY A 42 8.83 -0.02 3.59
CA GLY A 42 7.63 -0.77 3.92
C GLY A 42 7.26 -1.73 2.80
N LEU A 43 7.11 -1.20 1.59
CA LEU A 43 6.70 -2.01 0.45
C LEU A 43 7.76 -3.04 0.10
N ILE A 44 9.02 -2.65 0.19
CA ILE A 44 10.13 -3.55 -0.09
C ILE A 44 10.15 -4.73 0.88
N CYS A 45 9.92 -4.44 2.15
CA CYS A 45 9.86 -5.48 3.18
C CYS A 45 8.75 -6.48 2.88
N ALA A 46 7.61 -5.98 2.42
CA ALA A 46 6.50 -6.83 2.03
C ALA A 46 6.89 -7.76 0.90
N LEU A 47 7.57 -7.21 -0.11
CA LEU A 47 8.01 -8.00 -1.25
C LEU A 47 8.99 -9.09 -0.82
N ALA A 48 9.89 -8.74 0.10
CA ALA A 48 10.84 -9.70 0.64
C ALA A 48 10.12 -10.86 1.32
N GLY A 49 9.10 -10.54 2.11
CA GLY A 49 8.26 -11.55 2.74
C GLY A 49 7.57 -12.40 1.69
N GLY A 50 7.24 -11.80 0.56
CA GLY A 50 6.53 -12.50 -0.51
C GLY A 50 7.33 -13.70 -1.00
N PHE A 51 8.64 -13.65 -0.82
CA PHE A 51 9.53 -14.68 -1.35
C PHE A 51 9.77 -15.78 -0.33
N ALA A 52 9.10 -15.68 0.81
CA ALA A 52 9.25 -16.67 1.88
C ALA A 52 8.69 -18.01 1.46
N LYS A 53 9.57 -18.98 1.28
CA LYS A 53 9.18 -20.30 0.77
C LYS A 53 8.50 -20.19 -0.59
N ALA A 54 8.94 -19.22 -1.38
CA ALA A 54 8.38 -19.02 -2.72
C ALA A 54 9.47 -18.64 -3.72
N ASP A 55 9.34 -19.11 -4.94
CA ASP A 55 10.33 -18.85 -5.97
C ASP A 55 11.72 -19.29 -5.55
N ILE A 56 11.79 -20.48 -4.97
CA ILE A 56 13.07 -21.02 -4.51
C ILE A 56 13.40 -22.34 -5.21
N GLU A 57 12.76 -22.57 -6.36
CA GLU A 57 13.02 -23.76 -7.15
C GLU A 57 12.54 -25.01 -6.43
N MET A 58 11.97 -24.82 -5.24
CA MET A 58 11.32 -25.91 -4.51
C MET A 58 9.89 -25.54 -4.13
N ALA A 59 9.42 -24.40 -4.64
CA ALA A 59 8.11 -23.88 -4.27
C ALA A 59 7.00 -24.61 -5.02
N GLY A 60 5.85 -24.73 -4.37
CA GLY A 60 4.65 -25.25 -5.03
C GLY A 60 3.90 -24.15 -5.75
N PRO A 61 2.97 -24.54 -6.60
CA PRO A 61 2.15 -23.58 -7.35
C PRO A 61 1.50 -22.57 -6.41
N MET A 62 1.04 -23.05 -5.25
CA MET A 62 0.36 -22.20 -4.29
C MET A 62 1.30 -21.13 -3.74
N ALA A 63 2.51 -21.53 -3.41
CA ALA A 63 3.51 -20.60 -2.91
C ALA A 63 3.85 -19.53 -3.94
N ALA A 64 3.90 -19.94 -5.21
CA ALA A 64 4.13 -19.01 -6.31
C ALA A 64 3.02 -17.97 -6.39
N VAL A 65 1.79 -18.41 -6.21
CA VAL A 65 0.65 -17.51 -6.16
C VAL A 65 0.76 -16.55 -4.98
N GLY A 66 1.18 -17.08 -3.84
CA GLY A 66 1.42 -16.26 -2.66
C GLY A 66 2.30 -15.06 -3.00
N LEU A 67 3.42 -15.31 -3.66
CA LEU A 67 4.32 -14.25 -4.10
C LEU A 67 3.59 -13.25 -4.99
N LEU A 68 2.84 -13.77 -5.97
CA LEU A 68 2.14 -12.92 -6.92
C LEU A 68 1.10 -12.05 -6.23
N ILE A 69 0.44 -12.61 -5.22
CA ILE A 69 -0.53 -11.87 -4.44
C ILE A 69 0.11 -10.67 -3.75
N VAL A 70 1.26 -10.90 -3.13
CA VAL A 70 2.00 -9.84 -2.46
C VAL A 70 2.43 -8.76 -3.45
N SER A 71 2.98 -9.21 -4.59
CA SER A 71 3.42 -8.28 -5.63
C SER A 71 2.28 -7.40 -6.12
N TYR A 72 1.10 -8.01 -6.29
CA TYR A 72 -0.08 -7.28 -6.71
C TYR A 72 -0.43 -6.18 -5.73
N VAL A 73 -0.57 -6.55 -4.47
CA VAL A 73 -0.99 -5.60 -3.43
C VAL A 73 0.04 -4.48 -3.26
N VAL A 74 1.31 -4.87 -3.25
CA VAL A 74 2.40 -3.89 -3.16
C VAL A 74 2.37 -2.92 -4.33
N SER A 75 2.23 -3.45 -5.54
CA SER A 75 2.23 -2.65 -6.75
C SER A 75 1.15 -1.57 -6.69
N GLY A 76 -0.01 -1.94 -6.17
CA GLY A 76 -1.15 -1.03 -6.11
C GLY A 76 -0.83 0.19 -5.26
N LYS A 77 0.14 0.05 -4.36
CA LYS A 77 0.49 1.11 -3.44
C LYS A 77 1.83 1.74 -3.80
N SER A 78 2.29 1.46 -5.01
CA SER A 78 3.55 2.03 -5.50
C SER A 78 3.39 3.51 -5.83
N VAL A 79 4.52 4.22 -5.88
CA VAL A 79 4.51 5.62 -6.29
C VAL A 79 3.96 5.78 -7.70
N ASP A 80 4.34 4.87 -8.59
CA ASP A 80 3.87 4.89 -9.97
C ASP A 80 2.35 4.88 -10.04
N MET A 81 1.73 4.01 -9.24
CA MET A 81 0.28 3.89 -9.22
C MET A 81 -0.37 5.12 -8.58
N TYR A 82 0.34 5.71 -7.61
CA TYR A 82 -0.12 6.95 -6.98
C TYR A 82 -0.17 8.09 -7.99
N ILE A 83 0.82 8.15 -8.86
CA ILE A 83 0.85 9.15 -9.92
C ILE A 83 -0.31 8.95 -10.90
N GLU A 84 -0.54 7.71 -11.30
CA GLU A 84 -1.66 7.37 -12.16
C GLU A 84 -2.99 7.70 -11.49
N ARG A 85 -3.08 7.40 -10.19
CA ARG A 85 -4.26 7.74 -9.41
C ARG A 85 -4.56 9.23 -9.50
N ALA A 86 -3.53 10.05 -9.36
CA ALA A 86 -3.68 11.50 -9.46
C ALA A 86 -4.21 11.90 -10.82
N GLY A 87 -3.71 11.25 -11.87
CA GLY A 87 -4.16 11.54 -13.23
C GLY A 87 -5.66 11.28 -13.38
N ASP A 88 -6.16 10.26 -12.69
CA ASP A 88 -7.57 9.90 -12.78
C ASP A 88 -8.29 10.25 -11.49
N ILE A 89 -7.77 11.23 -10.75
CA ILE A 89 -8.36 11.63 -9.48
C ILE A 89 -9.76 12.20 -9.68
N THR A 90 -10.69 11.76 -8.84
CA THR A 90 -12.06 12.25 -8.90
C THR A 90 -12.50 12.82 -7.55
N TRP A 91 -11.68 12.60 -6.53
CA TRP A 91 -12.06 12.92 -5.15
C TRP A 91 -11.93 14.41 -4.89
N GLU A 92 -13.06 15.05 -4.59
CA GLU A 92 -13.10 16.50 -4.42
C GLU A 92 -12.32 16.93 -3.18
N LYS A 93 -12.15 16.01 -2.25
CA LYS A 93 -11.46 16.31 -0.99
C LYS A 93 -9.95 16.20 -1.14
N ASP A 94 -9.52 15.63 -2.26
CA ASP A 94 -8.11 15.35 -2.48
C ASP A 94 -7.45 16.45 -3.32
N ALA A 95 -6.43 17.09 -2.74
CA ALA A 95 -5.86 18.28 -3.35
C ALA A 95 -5.44 18.04 -4.79
N GLU A 96 -5.16 16.77 -5.11
CA GLU A 96 -4.72 16.41 -6.45
C GLU A 96 -5.76 16.78 -7.49
N VAL A 97 -7.02 16.85 -7.07
CA VAL A 97 -8.11 17.17 -7.98
C VAL A 97 -7.99 18.58 -8.52
N THR A 98 -7.24 19.42 -7.82
CA THR A 98 -7.05 20.80 -8.23
C THR A 98 -5.82 20.95 -9.11
N GLY A 99 -5.15 19.84 -9.38
CA GLY A 99 -3.95 19.84 -10.20
C GLY A 99 -2.70 19.80 -9.33
N ASN A 100 -2.89 19.59 -8.03
CA ASN A 100 -1.78 19.49 -7.09
C ASN A 100 -0.95 18.24 -7.36
N SER A 101 0.37 18.40 -7.29
CA SER A 101 1.29 17.27 -7.51
C SER A 101 1.06 16.17 -6.48
N PRO A 102 1.22 14.93 -6.90
CA PRO A 102 1.05 13.78 -6.01
C PRO A 102 1.86 13.95 -4.74
N ARG A 103 1.26 13.59 -3.61
CA ARG A 103 1.90 13.74 -2.31
C ARG A 103 1.79 12.46 -1.50
N LEU A 104 2.72 12.28 -0.56
CA LEU A 104 2.70 11.12 0.34
C LEU A 104 2.37 11.55 1.76
N ASP A 105 2.62 12.82 2.06
CA ASP A 105 2.66 13.27 3.45
C ASP A 105 1.26 13.52 3.99
N VAL A 106 0.49 12.46 4.18
CA VAL A 106 -0.82 12.55 4.78
C VAL A 106 -0.76 13.16 6.18
N ALA A 107 -1.65 14.10 6.45
CA ALA A 107 -1.62 14.83 7.71
C ALA A 107 -3.01 15.34 8.09
N LEU A 108 -3.24 15.54 9.38
CA LEU A 108 -4.46 16.18 9.85
C LEU A 108 -4.20 17.65 10.16
N ASP A 109 -4.93 18.53 9.48
CA ASP A 109 -4.73 19.97 9.62
C ASP A 109 -5.47 20.51 10.84
N GLU A 110 -5.16 21.75 11.21
CA GLU A 110 -5.79 22.37 12.37
C GLU A 110 -7.28 22.55 12.16
N SER A 111 -7.71 22.59 10.90
CA SER A 111 -9.11 22.79 10.57
C SER A 111 -9.93 21.54 10.91
N GLY A 112 -9.25 20.43 11.12
CA GLY A 112 -9.91 19.15 11.33
C GLY A 112 -10.01 18.35 10.04
N ASP A 113 -9.60 18.99 8.93
CA ASP A 113 -9.61 18.33 7.63
C ASP A 113 -8.42 17.38 7.49
N PHE A 114 -8.69 16.16 7.02
CA PHE A 114 -7.64 15.17 6.83
C PHE A 114 -7.03 15.29 5.44
N SER A 115 -5.85 15.87 5.36
CA SER A 115 -5.22 16.20 4.08
C SER A 115 -4.77 14.94 3.35
N LEU A 116 -5.11 14.85 2.07
CA LEU A 116 -4.73 13.70 1.26
C LEU A 116 -5.40 12.43 1.75
N VAL A 117 -6.55 12.59 2.39
CA VAL A 117 -7.36 11.45 2.81
C VAL A 117 -8.72 11.47 2.15
N GLU A 118 -9.17 10.32 1.66
CA GLU A 118 -10.48 10.20 1.02
C GLU A 118 -11.60 10.21 2.04
N GLU A 119 -11.89 11.39 2.58
CA GLU A 119 -12.90 11.54 3.60
C GLU A 119 -14.26 11.02 3.13
N ASP A 120 -14.52 11.16 1.84
CA ASP A 120 -15.78 10.72 1.25
C ASP A 120 -15.70 9.27 0.82
N GLY A 121 -14.53 8.66 0.98
CA GLY A 121 -14.33 7.28 0.59
C GLY A 121 -14.38 6.35 1.79
N PRO A 122 -13.91 5.12 1.60
CA PRO A 122 -13.88 4.14 2.69
C PRO A 122 -13.08 4.65 3.87
N PRO A 123 -13.49 4.24 5.07
CA PRO A 123 -12.77 4.60 6.29
C PRO A 123 -11.30 4.22 6.19
N MET A 124 -10.44 5.04 6.79
CA MET A 124 -9.00 4.77 6.77
C MET A 124 -8.68 3.42 7.38
N ARG A 125 -9.40 3.05 8.43
CA ARG A 125 -9.25 1.74 9.05
C ARG A 125 -9.49 0.62 8.04
N GLU A 126 -10.54 0.77 7.25
CA GLU A 126 -10.91 -0.25 6.27
C GLU A 126 -9.88 -0.33 5.15
N ILE A 127 -9.32 0.81 4.78
CA ILE A 127 -8.26 0.86 3.77
C ILE A 127 -7.03 0.10 4.24
N ILE A 128 -6.65 0.30 5.49
CA ILE A 128 -5.53 -0.43 6.08
C ILE A 128 -5.78 -1.93 6.07
N LEU A 129 -6.98 -2.32 6.46
CA LEU A 129 -7.36 -3.73 6.48
C LEU A 129 -7.41 -4.29 5.06
N LYS A 130 -7.94 -3.50 4.13
CA LYS A 130 -8.09 -3.93 2.74
C LYS A 130 -6.77 -4.45 2.18
N VAL A 131 -5.71 -3.70 2.42
CA VAL A 131 -4.39 -4.07 1.92
C VAL A 131 -4.06 -5.52 2.26
N VAL A 132 -4.37 -5.92 3.49
CA VAL A 132 -4.10 -7.28 3.95
C VAL A 132 -5.18 -8.24 3.49
N LEU A 133 -6.43 -7.81 3.57
CA LEU A 133 -7.56 -8.69 3.31
C LEU A 133 -7.59 -9.16 1.87
N MET A 134 -7.00 -8.36 0.99
CA MET A 134 -6.92 -8.71 -0.43
C MET A 134 -6.09 -9.98 -0.63
N ALA A 135 -5.22 -10.26 0.32
CA ALA A 135 -4.29 -11.38 0.20
C ALA A 135 -4.91 -12.67 0.71
N ILE A 136 -4.44 -13.80 0.19
CA ILE A 136 -4.95 -15.10 0.59
C ILE A 136 -3.89 -15.93 1.30
N CYS A 137 -4.01 -16.04 2.61
CA CYS A 137 -3.01 -16.74 3.42
C CYS A 137 -2.99 -18.22 3.08
N GLY A 138 -4.09 -18.73 2.54
CA GLY A 138 -4.20 -20.14 2.19
C GLY A 138 -3.15 -20.53 1.16
N MET A 139 -2.75 -19.56 0.34
CA MET A 139 -1.80 -19.82 -0.73
C MET A 139 -0.38 -19.99 -0.19
N ASN A 140 -0.06 -19.24 0.86
CA ASN A 140 1.26 -19.29 1.47
C ASN A 140 1.22 -18.80 2.91
N PRO A 141 1.04 -19.73 3.84
CA PRO A 141 0.79 -19.38 5.23
C PRO A 141 1.99 -18.69 5.85
N ILE A 142 3.06 -18.57 5.08
CA ILE A 142 4.28 -17.90 5.55
C ILE A 142 4.41 -16.51 4.92
N ALA A 143 4.46 -16.48 3.58
CA ALA A 143 4.81 -15.26 2.87
C ALA A 143 3.77 -14.18 3.08
N ILE A 144 2.50 -14.59 3.13
CA ILE A 144 1.39 -13.64 3.10
C ILE A 144 1.31 -12.83 4.39
N PRO A 145 1.24 -13.54 5.52
CA PRO A 145 1.15 -12.89 6.82
C PRO A 145 2.44 -12.13 7.14
N PHE A 146 3.53 -12.54 6.50
CA PHE A 146 4.79 -11.80 6.57
C PHE A 146 4.68 -10.45 5.86
N ALA A 147 4.12 -10.47 4.66
CA ALA A 147 3.83 -9.24 3.94
C ALA A 147 2.82 -8.38 4.68
N ALA A 148 1.85 -9.03 5.31
CA ALA A 148 0.83 -8.33 6.09
C ALA A 148 1.47 -7.52 7.21
N GLY A 149 2.46 -8.10 7.88
CA GLY A 149 3.25 -7.39 8.87
C GLY A 149 3.84 -6.11 8.27
N ALA A 150 4.56 -6.24 7.17
CA ALA A 150 5.18 -5.10 6.51
C ALA A 150 4.12 -4.08 6.08
N TRP A 151 2.97 -4.57 5.65
CA TRP A 151 1.89 -3.70 5.20
C TRP A 151 1.29 -2.91 6.36
N TYR A 152 1.20 -3.55 7.53
CA TYR A 152 0.75 -2.88 8.74
C TYR A 152 1.75 -1.82 9.19
N VAL A 153 3.02 -2.03 8.86
CA VAL A 153 4.04 -1.03 9.09
C VAL A 153 3.97 0.10 8.07
N TYR A 154 3.76 -0.27 6.81
CA TYR A 154 3.70 0.71 5.73
C TYR A 154 2.73 1.83 6.06
N VAL A 155 1.53 1.46 6.51
CA VAL A 155 0.45 2.43 6.68
C VAL A 155 0.74 3.40 7.82
N LYS A 156 1.77 3.09 8.61
CA LYS A 156 2.17 3.95 9.71
C LYS A 156 2.79 5.24 9.21
N THR A 157 3.09 5.29 7.92
CA THR A 157 3.59 6.51 7.29
C THR A 157 2.48 7.54 7.14
N GLY A 158 1.24 7.09 7.28
CA GLY A 158 0.08 7.97 7.13
C GLY A 158 -0.61 7.76 5.79
N LYS A 159 0.13 7.22 4.83
CA LYS A 159 -0.37 7.02 3.47
C LYS A 159 -1.51 6.00 3.46
N ARG A 160 -2.56 6.31 2.70
CA ARG A 160 -3.73 5.44 2.63
C ARG A 160 -4.07 5.09 1.19
N SER A 31 7.72 17.38 -5.10
CA SER A 31 6.62 17.07 -4.18
C SER A 31 6.79 15.69 -3.57
N TRP A 32 8.04 15.31 -3.29
CA TRP A 32 8.33 13.99 -2.76
C TRP A 32 9.25 14.07 -1.56
N PRO A 33 8.66 14.36 -0.39
CA PRO A 33 9.43 14.49 0.84
C PRO A 33 10.22 13.22 1.14
N PRO A 34 11.22 13.36 2.00
CA PRO A 34 12.06 12.22 2.36
C PRO A 34 11.23 11.07 2.91
N SER A 35 10.01 11.38 3.35
CA SER A 35 9.12 10.38 3.92
C SER A 35 8.82 9.28 2.90
N GLU A 36 9.06 9.57 1.63
CA GLU A 36 8.89 8.59 0.57
C GLU A 36 9.71 7.33 0.85
N VAL A 37 10.87 7.52 1.47
CA VAL A 37 11.75 6.41 1.79
C VAL A 37 11.09 5.42 2.73
N LEU A 38 10.38 5.96 3.72
CA LEU A 38 9.67 5.13 4.69
C LEU A 38 8.59 4.28 4.01
N THR A 39 7.92 4.87 3.04
CA THR A 39 6.90 4.15 2.26
C THR A 39 7.55 3.12 1.35
N ALA A 40 8.72 3.46 0.83
CA ALA A 40 9.47 2.53 -0.02
C ALA A 40 9.90 1.29 0.76
N VAL A 41 10.52 1.51 1.91
CA VAL A 41 11.03 0.41 2.73
C VAL A 41 9.90 -0.52 3.15
N GLY A 42 8.78 0.06 3.57
CA GLY A 42 7.60 -0.71 3.94
C GLY A 42 7.20 -1.67 2.81
N LEU A 43 7.02 -1.12 1.62
CA LEU A 43 6.60 -1.92 0.47
C LEU A 43 7.64 -2.97 0.11
N ILE A 44 8.91 -2.56 0.16
CA ILE A 44 10.01 -3.47 -0.14
C ILE A 44 10.04 -4.65 0.83
N CYS A 45 9.88 -4.36 2.11
CA CYS A 45 9.86 -5.39 3.13
C CYS A 45 8.72 -6.39 2.89
N ALA A 46 7.56 -5.86 2.52
CA ALA A 46 6.41 -6.71 2.20
C ALA A 46 6.70 -7.60 1.00
N LEU A 47 7.26 -6.99 -0.04
CA LEU A 47 7.58 -7.74 -1.27
C LEU A 47 8.60 -8.83 -1.01
N ALA A 48 9.62 -8.51 -0.22
CA ALA A 48 10.63 -9.48 0.17
C ALA A 48 9.98 -10.66 0.91
N GLY A 49 9.05 -10.35 1.80
CA GLY A 49 8.28 -11.38 2.48
C GLY A 49 7.53 -12.27 1.50
N GLY A 50 7.12 -11.69 0.37
CA GLY A 50 6.37 -12.41 -0.64
C GLY A 50 7.17 -13.60 -1.16
N PHE A 51 8.49 -13.51 -1.06
CA PHE A 51 9.38 -14.52 -1.64
C PHE A 51 9.70 -15.61 -0.62
N ALA A 52 9.08 -15.52 0.55
CA ALA A 52 9.30 -16.50 1.61
C ALA A 52 8.76 -17.86 1.21
N LYS A 53 9.66 -18.82 1.02
CA LYS A 53 9.28 -20.15 0.55
C LYS A 53 8.58 -20.08 -0.80
N ALA A 54 8.96 -19.10 -1.61
CA ALA A 54 8.38 -18.94 -2.95
C ALA A 54 9.44 -18.53 -3.96
N ASP A 55 9.29 -19.00 -5.19
CA ASP A 55 10.26 -18.72 -6.24
C ASP A 55 11.66 -19.18 -5.84
N ILE A 56 11.75 -20.37 -5.26
CA ILE A 56 13.03 -20.92 -4.82
C ILE A 56 13.34 -22.22 -5.54
N GLU A 57 12.66 -22.46 -6.66
CA GLU A 57 12.88 -23.66 -7.46
C GLU A 57 12.51 -24.91 -6.66
N MET A 58 11.88 -24.72 -5.51
CA MET A 58 11.31 -25.83 -4.76
C MET A 58 9.88 -25.51 -4.32
N ALA A 59 9.35 -24.39 -4.80
CA ALA A 59 8.05 -23.90 -4.35
C ALA A 59 6.92 -24.63 -5.06
N GLY A 60 5.79 -24.77 -4.36
CA GLY A 60 4.58 -25.31 -4.97
C GLY A 60 3.79 -24.21 -5.68
N PRO A 61 2.83 -24.62 -6.51
CA PRO A 61 1.99 -23.67 -7.22
C PRO A 61 1.36 -22.67 -6.26
N MET A 62 0.94 -23.15 -5.10
CA MET A 62 0.27 -22.31 -4.11
C MET A 62 1.21 -21.22 -3.60
N ALA A 63 2.45 -21.60 -3.31
CA ALA A 63 3.45 -20.65 -2.83
C ALA A 63 3.74 -19.59 -3.89
N ALA A 64 3.75 -20.01 -5.15
CA ALA A 64 3.94 -19.08 -6.26
C ALA A 64 2.83 -18.05 -6.31
N VAL A 65 1.60 -18.51 -6.10
CA VAL A 65 0.45 -17.62 -6.02
C VAL A 65 0.58 -16.65 -4.84
N GLY A 66 1.05 -17.17 -3.72
CA GLY A 66 1.32 -16.33 -2.55
C GLY A 66 2.18 -15.13 -2.92
N LEU A 67 3.28 -15.39 -3.62
CA LEU A 67 4.17 -14.33 -4.09
C LEU A 67 3.42 -13.34 -4.97
N LEU A 68 2.64 -13.86 -5.92
CA LEU A 68 1.90 -13.03 -6.86
C LEU A 68 0.89 -12.15 -6.14
N ILE A 69 0.27 -12.71 -5.11
CA ILE A 69 -0.69 -11.96 -4.30
C ILE A 69 -0.02 -10.75 -3.64
N VAL A 70 1.13 -10.99 -3.02
CA VAL A 70 1.88 -9.92 -2.38
C VAL A 70 2.36 -8.90 -3.40
N SER A 71 2.90 -9.38 -4.51
CA SER A 71 3.41 -8.51 -5.57
C SER A 71 2.32 -7.58 -6.09
N TYR A 72 1.12 -8.13 -6.26
CA TYR A 72 -0.03 -7.33 -6.70
C TYR A 72 -0.32 -6.21 -5.72
N VAL A 73 -0.50 -6.56 -4.45
CA VAL A 73 -0.88 -5.59 -3.43
C VAL A 73 0.20 -4.53 -3.25
N VAL A 74 1.46 -4.96 -3.23
CA VAL A 74 2.58 -4.04 -3.14
C VAL A 74 2.61 -3.09 -4.32
N SER A 75 2.49 -3.63 -5.52
CA SER A 75 2.56 -2.85 -6.75
C SER A 75 1.47 -1.77 -6.77
N GLY A 76 0.29 -2.14 -6.31
CA GLY A 76 -0.86 -1.24 -6.35
C GLY A 76 -0.63 -0.02 -5.46
N LYS A 77 0.31 -0.14 -4.53
CA LYS A 77 0.57 0.93 -3.57
C LYS A 77 1.91 1.62 -3.87
N SER A 78 2.46 1.33 -5.05
CA SER A 78 3.72 1.93 -5.47
C SER A 78 3.54 3.42 -5.76
N VAL A 79 4.66 4.15 -5.73
CA VAL A 79 4.65 5.57 -6.07
C VAL A 79 4.15 5.79 -7.49
N ASP A 80 4.58 4.93 -8.40
CA ASP A 80 4.15 4.99 -9.79
C ASP A 80 2.63 4.94 -9.91
N MET A 81 2.02 4.04 -9.16
CA MET A 81 0.57 3.89 -9.17
C MET A 81 -0.11 5.08 -8.51
N TYR A 82 0.54 5.65 -7.50
CA TYR A 82 0.04 6.85 -6.84
C TYR A 82 -0.01 8.03 -7.82
N ILE A 83 1.01 8.14 -8.65
CA ILE A 83 1.05 9.16 -9.68
C ILE A 83 -0.09 8.99 -10.69
N GLU A 84 -0.30 7.75 -11.12
CA GLU A 84 -1.41 7.43 -12.01
C GLU A 84 -2.75 7.75 -11.37
N ARG A 85 -2.87 7.41 -10.09
CA ARG A 85 -4.07 7.76 -9.33
C ARG A 85 -4.33 9.26 -9.36
N ALA A 86 -3.28 10.04 -9.13
CA ALA A 86 -3.38 11.49 -9.16
C ALA A 86 -3.86 11.97 -10.53
N GLY A 87 -3.33 11.38 -11.59
CA GLY A 87 -3.70 11.76 -12.94
C GLY A 87 -5.20 11.55 -13.18
N ASP A 88 -5.73 10.47 -12.62
CA ASP A 88 -7.14 10.12 -12.81
C ASP A 88 -7.94 10.36 -11.54
N ILE A 89 -7.44 11.25 -10.68
CA ILE A 89 -8.10 11.54 -9.42
C ILE A 89 -9.47 12.17 -9.64
N THR A 90 -10.46 11.69 -8.91
CA THR A 90 -11.83 12.19 -9.02
C THR A 90 -12.33 12.73 -7.69
N TRP A 91 -11.57 12.48 -6.64
CA TRP A 91 -12.00 12.80 -5.28
C TRP A 91 -11.89 14.30 -5.01
N GLU A 92 -13.02 14.93 -4.74
CA GLU A 92 -13.07 16.38 -4.58
C GLU A 92 -12.31 16.83 -3.33
N LYS A 93 -12.17 15.92 -2.37
CA LYS A 93 -11.52 16.23 -1.10
C LYS A 93 -10.01 16.12 -1.22
N ASP A 94 -9.56 15.51 -2.32
CA ASP A 94 -8.13 15.23 -2.50
C ASP A 94 -7.45 16.36 -3.27
N ALA A 95 -6.52 17.04 -2.62
CA ALA A 95 -5.98 18.29 -3.14
C ALA A 95 -5.43 18.12 -4.55
N GLU A 96 -5.04 16.89 -4.89
CA GLU A 96 -4.44 16.61 -6.18
C GLU A 96 -5.42 16.89 -7.32
N VAL A 97 -6.71 16.90 -6.99
CA VAL A 97 -7.75 17.14 -7.98
C VAL A 97 -7.65 18.55 -8.55
N THR A 98 -6.97 19.43 -7.82
CA THR A 98 -6.86 20.83 -8.22
C THR A 98 -5.65 21.05 -9.12
N GLY A 99 -4.93 19.97 -9.41
CA GLY A 99 -3.73 20.05 -10.23
C GLY A 99 -2.47 20.00 -9.37
N ASN A 100 -2.66 20.00 -8.05
CA ASN A 100 -1.55 19.90 -7.12
C ASN A 100 -0.73 18.64 -7.38
N SER A 101 0.57 18.82 -7.56
CA SER A 101 1.47 17.71 -7.86
C SER A 101 1.26 16.55 -6.88
N PRO A 102 1.43 15.33 -7.37
CA PRO A 102 1.25 14.14 -6.54
C PRO A 102 2.05 14.26 -5.25
N ARG A 103 1.39 13.97 -4.13
CA ARG A 103 2.02 14.10 -2.82
C ARG A 103 1.71 12.91 -1.93
N LEU A 104 2.58 12.66 -0.96
CA LEU A 104 2.32 11.65 0.06
C LEU A 104 1.94 12.28 1.39
N ASP A 105 1.61 13.57 1.34
CA ASP A 105 1.47 14.37 2.56
C ASP A 105 0.13 14.12 3.23
N VAL A 106 -0.07 12.90 3.74
CA VAL A 106 -1.31 12.55 4.42
C VAL A 106 -1.21 12.83 5.91
N ALA A 107 -2.14 13.63 6.41
CA ALA A 107 -2.11 14.08 7.81
C ALA A 107 -3.43 14.71 8.21
N LEU A 108 -3.66 14.80 9.52
CA LEU A 108 -4.76 15.58 10.05
C LEU A 108 -4.32 16.98 10.42
N ASP A 109 -4.90 17.98 9.76
CA ASP A 109 -4.53 19.37 9.97
C ASP A 109 -5.27 19.97 11.16
N GLU A 110 -4.85 21.16 11.58
CA GLU A 110 -5.47 21.84 12.70
C GLU A 110 -6.92 22.18 12.40
N SER A 111 -7.25 22.30 11.12
CA SER A 111 -8.60 22.65 10.69
C SER A 111 -9.57 21.50 10.95
N GLY A 112 -9.03 20.31 11.17
CA GLY A 112 -9.84 19.11 11.29
C GLY A 112 -9.91 18.36 9.96
N ASP A 113 -9.40 18.97 8.91
CA ASP A 113 -9.38 18.35 7.59
C ASP A 113 -8.28 17.32 7.47
N PHE A 114 -8.59 16.20 6.83
CA PHE A 114 -7.62 15.13 6.62
C PHE A 114 -6.95 15.27 5.25
N SER A 115 -5.69 15.69 5.25
CA SER A 115 -4.99 16.00 4.01
C SER A 115 -4.83 14.75 3.15
N LEU A 116 -5.29 14.83 1.91
CA LEU A 116 -5.11 13.76 0.95
C LEU A 116 -5.70 12.45 1.46
N VAL A 117 -6.79 12.55 2.22
CA VAL A 117 -7.55 11.37 2.62
C VAL A 117 -8.92 11.36 1.96
N GLU A 118 -9.32 10.19 1.48
CA GLU A 118 -10.63 10.04 0.84
C GLU A 118 -11.75 10.08 1.87
N GLU A 119 -12.04 11.27 2.37
CA GLU A 119 -13.04 11.44 3.43
C GLU A 119 -14.41 10.93 2.98
N ASP A 120 -14.68 11.05 1.68
CA ASP A 120 -15.94 10.59 1.12
C ASP A 120 -15.85 9.13 0.67
N GLY A 121 -14.67 8.54 0.84
CA GLY A 121 -14.45 7.15 0.43
C GLY A 121 -14.49 6.22 1.64
N PRO A 122 -13.96 5.02 1.46
CA PRO A 122 -13.91 4.03 2.53
C PRO A 122 -13.15 4.56 3.74
N PRO A 123 -13.59 4.16 4.93
CA PRO A 123 -12.92 4.55 6.16
C PRO A 123 -11.44 4.20 6.12
N MET A 124 -10.62 5.02 6.77
CA MET A 124 -9.18 4.80 6.82
C MET A 124 -8.85 3.43 7.40
N ARG A 125 -9.62 3.04 8.41
CA ARG A 125 -9.47 1.72 9.03
C ARG A 125 -9.63 0.62 7.99
N GLU A 126 -10.66 0.75 7.15
CA GLU A 126 -10.96 -0.25 6.14
C GLU A 126 -9.87 -0.28 5.07
N ILE A 127 -9.33 0.87 4.73
CA ILE A 127 -8.22 0.97 3.79
C ILE A 127 -7.00 0.21 4.28
N ILE A 128 -6.68 0.38 5.56
CA ILE A 128 -5.57 -0.34 6.17
C ILE A 128 -5.81 -1.84 6.12
N LEU A 129 -7.02 -2.26 6.50
CA LEU A 129 -7.35 -3.68 6.52
C LEU A 129 -7.37 -4.26 5.11
N LYS A 130 -7.91 -3.51 4.16
CA LYS A 130 -8.05 -3.97 2.79
C LYS A 130 -6.73 -4.48 2.24
N VAL A 131 -5.65 -3.74 2.50
CA VAL A 131 -4.33 -4.11 2.02
C VAL A 131 -4.00 -5.56 2.38
N VAL A 132 -4.42 -5.97 3.58
CA VAL A 132 -4.12 -7.31 4.07
C VAL A 132 -5.21 -8.29 3.68
N LEU A 133 -6.46 -7.85 3.75
CA LEU A 133 -7.60 -8.73 3.55
C LEU A 133 -7.63 -9.24 2.11
N MET A 134 -7.05 -8.49 1.19
CA MET A 134 -6.98 -8.88 -0.20
C MET A 134 -6.17 -10.17 -0.37
N ALA A 135 -5.27 -10.41 0.57
CA ALA A 135 -4.33 -11.53 0.47
C ALA A 135 -4.94 -12.82 0.99
N ILE A 136 -4.45 -13.95 0.49
CA ILE A 136 -4.95 -15.25 0.90
C ILE A 136 -3.86 -16.07 1.59
N CYS A 137 -3.94 -16.18 2.91
CA CYS A 137 -2.92 -16.86 3.69
C CYS A 137 -2.87 -18.34 3.36
N GLY A 138 -3.98 -18.87 2.84
CA GLY A 138 -4.06 -20.28 2.49
C GLY A 138 -3.03 -20.65 1.43
N MET A 139 -2.67 -19.68 0.60
CA MET A 139 -1.75 -19.92 -0.50
C MET A 139 -0.32 -20.08 -0.01
N ASN A 140 0.03 -19.30 1.01
CA ASN A 140 1.38 -19.34 1.56
C ASN A 140 1.39 -18.86 3.01
N PRO A 141 1.27 -19.79 3.94
CA PRO A 141 1.07 -19.46 5.34
C PRO A 141 2.28 -18.74 5.91
N ILE A 142 3.32 -18.60 5.10
CA ILE A 142 4.53 -17.91 5.52
C ILE A 142 4.61 -16.52 4.89
N ALA A 143 4.61 -16.47 3.56
CA ALA A 143 4.89 -15.24 2.84
C ALA A 143 3.82 -14.18 3.11
N ILE A 144 2.57 -14.62 3.21
CA ILE A 144 1.43 -13.71 3.23
C ILE A 144 1.39 -12.92 4.53
N PRO A 145 1.37 -13.62 5.64
CA PRO A 145 1.33 -13.00 6.96
C PRO A 145 2.60 -12.21 7.24
N PHE A 146 3.68 -12.57 6.55
CA PHE A 146 4.92 -11.79 6.59
C PHE A 146 4.75 -10.46 5.90
N ALA A 147 4.17 -10.47 4.71
CA ALA A 147 3.83 -9.25 4.00
C ALA A 147 2.82 -8.42 4.79
N ALA A 148 1.86 -9.10 5.40
CA ALA A 148 0.84 -8.43 6.20
C ALA A 148 1.45 -7.62 7.32
N GLY A 149 2.45 -8.20 7.99
CA GLY A 149 3.22 -7.48 8.99
C GLY A 149 3.79 -6.18 8.44
N ALA A 150 4.53 -6.30 7.34
CA ALA A 150 5.14 -5.13 6.70
C ALA A 150 4.08 -4.12 6.26
N TRP A 151 2.94 -4.64 5.81
CA TRP A 151 1.85 -3.78 5.36
C TRP A 151 1.24 -3.01 6.53
N TYR A 152 1.14 -3.65 7.68
CA TYR A 152 0.67 -3.00 8.89
C TYR A 152 1.65 -1.93 9.36
N VAL A 153 2.93 -2.12 9.03
CA VAL A 153 3.95 -1.11 9.29
C VAL A 153 3.87 0.01 8.26
N TYR A 154 3.66 -0.35 7.00
CA TYR A 154 3.60 0.62 5.92
C TYR A 154 2.65 1.76 6.26
N VAL A 155 1.45 1.40 6.74
CA VAL A 155 0.39 2.38 6.93
C VAL A 155 0.71 3.33 8.07
N LYS A 156 1.75 3.00 8.84
CA LYS A 156 2.16 3.83 9.96
C LYS A 156 2.89 5.08 9.49
N THR A 157 3.16 5.15 8.18
CA THR A 157 3.69 6.36 7.57
C THR A 157 2.64 7.45 7.47
N GLY A 158 1.38 7.06 7.66
CA GLY A 158 0.27 8.01 7.56
C GLY A 158 -0.46 7.86 6.23
N LYS A 159 0.21 7.26 5.26
CA LYS A 159 -0.34 7.11 3.91
C LYS A 159 -1.61 6.28 3.93
N ARG A 160 -2.63 6.77 3.23
CA ARG A 160 -3.88 6.03 3.10
C ARG A 160 -4.29 5.87 1.64
N SER A 31 7.38 15.82 -5.50
CA SER A 31 6.31 15.81 -4.52
C SER A 31 6.46 14.64 -3.55
N TRP A 32 7.71 14.25 -3.29
CA TRP A 32 8.00 13.08 -2.48
C TRP A 32 9.02 13.40 -1.40
N PRO A 33 8.54 13.96 -0.28
CA PRO A 33 9.41 14.28 0.84
C PRO A 33 10.21 13.07 1.29
N PRO A 34 11.20 13.29 2.13
CA PRO A 34 12.07 12.23 2.60
C PRO A 34 11.27 11.11 3.26
N SER A 35 10.04 11.42 3.66
CA SER A 35 9.16 10.44 4.26
C SER A 35 8.96 9.24 3.34
N GLU A 36 9.23 9.44 2.05
CA GLU A 36 9.11 8.36 1.07
C GLU A 36 9.88 7.12 1.51
N VAL A 37 10.99 7.35 2.22
CA VAL A 37 11.83 6.25 2.69
C VAL A 37 11.04 5.28 3.55
N LEU A 38 10.18 5.82 4.42
CA LEU A 38 9.36 5.00 5.30
C LEU A 38 8.37 4.16 4.51
N THR A 39 7.82 4.75 3.46
CA THR A 39 6.88 4.04 2.59
C THR A 39 7.60 3.01 1.73
N ALA A 40 8.83 3.33 1.34
CA ALA A 40 9.64 2.41 0.56
C ALA A 40 9.97 1.15 1.35
N VAL A 41 10.46 1.34 2.56
CA VAL A 41 10.85 0.22 3.43
C VAL A 41 9.66 -0.70 3.69
N GLY A 42 8.50 -0.11 3.95
CA GLY A 42 7.27 -0.87 4.14
C GLY A 42 7.04 -1.83 2.98
N LEU A 43 7.00 -1.30 1.77
CA LEU A 43 6.71 -2.09 0.58
C LEU A 43 7.83 -3.11 0.32
N ILE A 44 9.07 -2.70 0.55
CA ILE A 44 10.22 -3.57 0.37
C ILE A 44 10.14 -4.77 1.32
N CYS A 45 9.78 -4.51 2.57
CA CYS A 45 9.63 -5.56 3.56
C CYS A 45 8.54 -6.55 3.14
N ALA A 46 7.46 -6.03 2.57
CA ALA A 46 6.39 -6.88 2.07
C ALA A 46 6.89 -7.79 0.95
N LEU A 47 7.65 -7.23 0.03
CA LEU A 47 8.21 -8.00 -1.08
C LEU A 47 9.16 -9.08 -0.57
N ALA A 48 9.96 -8.75 0.43
CA ALA A 48 10.85 -9.71 1.06
C ALA A 48 10.07 -10.87 1.66
N GLY A 49 8.98 -10.55 2.36
CA GLY A 49 8.10 -11.57 2.90
C GLY A 49 7.51 -12.43 1.80
N GLY A 50 7.29 -11.83 0.64
CA GLY A 50 6.69 -12.53 -0.49
C GLY A 50 7.53 -13.74 -0.89
N PHE A 51 8.82 -13.68 -0.59
CA PHE A 51 9.75 -14.72 -1.03
C PHE A 51 9.89 -15.81 0.02
N ALA A 52 9.13 -15.69 1.11
CA ALA A 52 9.19 -16.65 2.20
C ALA A 52 8.65 -18.00 1.75
N LYS A 53 9.54 -18.98 1.66
CA LYS A 53 9.18 -20.30 1.14
C LYS A 53 8.61 -20.20 -0.26
N ALA A 54 9.12 -19.26 -1.04
CA ALA A 54 8.69 -19.07 -2.42
C ALA A 54 9.86 -18.72 -3.33
N ASP A 55 9.79 -19.19 -4.57
CA ASP A 55 10.88 -18.96 -5.53
C ASP A 55 12.19 -19.49 -5.01
N ILE A 56 12.14 -20.65 -4.36
CA ILE A 56 13.35 -21.28 -3.83
C ILE A 56 13.55 -22.67 -4.42
N GLU A 57 12.77 -22.99 -5.45
CA GLU A 57 12.88 -24.28 -6.13
C GLU A 57 12.65 -25.43 -5.16
N MET A 58 12.02 -25.13 -4.02
CA MET A 58 11.72 -26.14 -3.03
C MET A 58 10.29 -25.99 -2.51
N ALA A 59 9.41 -25.44 -3.34
CA ALA A 59 8.03 -25.18 -2.95
C ALA A 59 7.08 -25.33 -4.13
N GLY A 60 5.81 -25.53 -3.84
CA GLY A 60 4.82 -25.80 -4.87
C GLY A 60 4.45 -24.53 -5.63
N PRO A 61 3.76 -24.71 -6.75
CA PRO A 61 3.32 -23.57 -7.56
C PRO A 61 2.55 -22.57 -6.72
N MET A 62 1.85 -23.06 -5.70
CA MET A 62 1.04 -22.20 -4.83
C MET A 62 1.90 -21.16 -4.14
N ALA A 63 3.12 -21.54 -3.78
CA ALA A 63 4.06 -20.61 -3.16
C ALA A 63 4.46 -19.51 -4.13
N ALA A 64 4.67 -19.87 -5.38
CA ALA A 64 4.97 -18.90 -6.42
C ALA A 64 3.82 -17.92 -6.61
N VAL A 65 2.60 -18.43 -6.53
CA VAL A 65 1.40 -17.59 -6.60
C VAL A 65 1.36 -16.61 -5.42
N GLY A 66 1.70 -17.10 -4.24
CA GLY A 66 1.81 -16.25 -3.06
C GLY A 66 2.70 -15.05 -3.33
N LEU A 67 3.89 -15.32 -3.85
CA LEU A 67 4.82 -14.25 -4.22
C LEU A 67 4.18 -13.26 -5.18
N LEU A 68 3.54 -13.78 -6.22
CA LEU A 68 2.92 -12.94 -7.24
C LEU A 68 1.82 -12.08 -6.65
N ILE A 69 1.06 -12.65 -5.72
CA ILE A 69 0.00 -11.90 -5.03
C ILE A 69 0.57 -10.71 -4.28
N VAL A 70 1.65 -10.95 -3.54
CA VAL A 70 2.32 -9.88 -2.80
C VAL A 70 2.85 -8.81 -3.74
N SER A 71 3.48 -9.23 -4.82
CA SER A 71 4.01 -8.31 -5.83
C SER A 71 2.91 -7.45 -6.41
N TYR A 72 1.77 -8.07 -6.69
CA TYR A 72 0.62 -7.35 -7.25
C TYR A 72 0.18 -6.22 -6.32
N VAL A 73 -0.07 -6.56 -5.06
CA VAL A 73 -0.56 -5.59 -4.09
C VAL A 73 0.45 -4.47 -3.86
N VAL A 74 1.72 -4.84 -3.77
CA VAL A 74 2.79 -3.87 -3.60
C VAL A 74 2.90 -2.95 -4.82
N SER A 75 2.81 -3.55 -6.01
CA SER A 75 2.92 -2.79 -7.25
C SER A 75 1.84 -1.72 -7.33
N GLY A 76 0.64 -2.05 -6.86
CA GLY A 76 -0.48 -1.12 -6.89
C GLY A 76 -0.21 0.10 -6.00
N LYS A 77 0.78 -0.02 -5.13
CA LYS A 77 1.11 1.05 -4.19
C LYS A 77 2.41 1.74 -4.60
N SER A 78 2.84 1.51 -5.83
CA SER A 78 4.05 2.14 -6.35
C SER A 78 3.79 3.60 -6.71
N VAL A 79 4.87 4.36 -6.85
CA VAL A 79 4.78 5.75 -7.29
C VAL A 79 4.12 5.85 -8.67
N ASP A 80 4.52 4.96 -9.57
CA ASP A 80 3.98 4.95 -10.92
C ASP A 80 2.47 4.83 -10.92
N MET A 81 1.96 3.93 -10.09
CA MET A 81 0.53 3.67 -10.00
C MET A 81 -0.20 4.80 -9.29
N TYR A 82 0.48 5.42 -8.33
CA TYR A 82 -0.07 6.57 -7.62
C TYR A 82 -0.30 7.73 -8.56
N ILE A 83 0.63 7.94 -9.49
CA ILE A 83 0.49 8.99 -10.49
C ILE A 83 -0.72 8.73 -11.39
N GLU A 84 -0.87 7.49 -11.84
CA GLU A 84 -2.02 7.10 -12.63
C GLU A 84 -3.30 7.17 -11.81
N ARG A 85 -3.21 6.80 -10.54
CA ARG A 85 -4.36 6.81 -9.65
C ARG A 85 -5.04 8.18 -9.65
N ALA A 86 -4.23 9.24 -9.71
CA ALA A 86 -4.74 10.60 -9.66
C ALA A 86 -5.83 10.82 -10.70
N GLY A 87 -5.68 10.15 -11.85
CA GLY A 87 -6.55 10.39 -12.99
C GLY A 87 -7.97 9.87 -12.72
N ASP A 88 -8.09 9.01 -11.72
CA ASP A 88 -9.36 8.36 -11.43
C ASP A 88 -9.99 8.93 -10.17
N ILE A 89 -9.46 10.06 -9.69
CA ILE A 89 -9.92 10.65 -8.45
C ILE A 89 -11.05 11.65 -8.71
N THR A 90 -12.12 11.53 -7.92
CA THR A 90 -13.20 12.50 -7.97
C THR A 90 -13.43 13.15 -6.61
N TRP A 91 -12.66 12.72 -5.62
CA TRP A 91 -12.87 13.15 -4.24
C TRP A 91 -12.36 14.56 -4.01
N GLU A 92 -13.23 15.43 -3.52
CA GLU A 92 -12.89 16.84 -3.32
C GLU A 92 -11.84 17.00 -2.25
N LYS A 93 -11.74 16.01 -1.37
CA LYS A 93 -10.81 16.07 -0.23
C LYS A 93 -9.44 15.54 -0.61
N ASP A 94 -9.32 15.05 -1.85
CA ASP A 94 -8.06 14.49 -2.33
C ASP A 94 -7.41 15.39 -3.36
N ALA A 95 -6.28 15.99 -2.98
CA ALA A 95 -5.69 17.07 -3.77
C ALA A 95 -5.42 16.61 -5.20
N GLU A 96 -5.27 15.30 -5.39
CA GLU A 96 -4.98 14.73 -6.69
C GLU A 96 -6.09 15.04 -7.70
N VAL A 97 -7.29 15.29 -7.18
CA VAL A 97 -8.44 15.61 -8.02
C VAL A 97 -8.20 16.89 -8.81
N THR A 98 -7.32 17.73 -8.31
CA THR A 98 -7.04 19.02 -8.95
C THR A 98 -5.84 18.90 -9.90
N GLY A 99 -5.29 17.71 -10.00
CA GLY A 99 -4.08 17.48 -10.80
C GLY A 99 -2.83 17.66 -9.96
N ASN A 100 -3.00 17.72 -8.64
CA ASN A 100 -1.87 17.88 -7.74
C ASN A 100 -1.14 16.56 -7.51
N SER A 101 0.12 16.51 -7.94
CA SER A 101 0.90 15.29 -7.88
C SER A 101 0.80 14.64 -6.49
N PRO A 102 0.81 13.32 -6.46
CA PRO A 102 0.73 12.59 -5.20
C PRO A 102 1.74 13.10 -4.18
N ARG A 103 1.28 13.31 -2.95
CA ARG A 103 2.13 13.88 -1.91
C ARG A 103 2.07 13.05 -0.64
N LEU A 104 3.07 13.23 0.22
CA LEU A 104 3.08 12.57 1.52
C LEU A 104 2.73 13.53 2.64
N ASP A 105 2.22 14.70 2.26
CA ASP A 105 2.00 15.78 3.21
C ASP A 105 0.70 15.57 4.00
N VAL A 106 0.67 14.50 4.77
CA VAL A 106 -0.53 14.15 5.53
C VAL A 106 -0.42 14.63 6.98
N ALA A 107 -1.38 15.45 7.40
CA ALA A 107 -1.33 16.08 8.71
C ALA A 107 -2.67 16.69 9.08
N LEU A 108 -2.87 16.95 10.37
CA LEU A 108 -4.00 17.74 10.83
C LEU A 108 -3.61 19.20 11.03
N ASP A 109 -4.26 20.09 10.28
CA ASP A 109 -3.94 21.51 10.34
C ASP A 109 -4.68 22.19 11.49
N GLU A 110 -4.30 23.43 11.77
CA GLU A 110 -4.93 24.18 12.85
C GLU A 110 -6.40 24.44 12.57
N SER A 111 -6.76 24.42 11.30
CA SER A 111 -8.13 24.68 10.88
C SER A 111 -9.06 23.52 11.26
N GLY A 112 -8.46 22.38 11.58
CA GLY A 112 -9.22 21.17 11.84
C GLY A 112 -9.30 20.29 10.60
N ASP A 113 -8.84 20.83 9.47
CA ASP A 113 -8.84 20.08 8.22
C ASP A 113 -7.69 19.08 8.17
N PHE A 114 -7.99 17.87 7.71
CA PHE A 114 -6.98 16.83 7.56
C PHE A 114 -6.37 16.86 6.16
N SER A 115 -5.09 17.22 6.09
CA SER A 115 -4.41 17.39 4.81
C SER A 115 -4.25 16.05 4.09
N LEU A 116 -4.75 15.99 2.85
CA LEU A 116 -4.59 14.80 2.03
C LEU A 116 -5.20 13.57 2.70
N VAL A 117 -6.29 13.79 3.43
CA VAL A 117 -7.09 12.69 3.96
C VAL A 117 -8.49 12.68 3.36
N GLU A 118 -8.91 11.51 2.88
CA GLU A 118 -10.22 11.37 2.24
C GLU A 118 -11.34 11.36 3.28
N GLU A 119 -11.63 12.52 3.84
CA GLU A 119 -12.60 12.63 4.92
C GLU A 119 -13.97 12.12 4.48
N ASP A 120 -14.27 12.27 3.19
CA ASP A 120 -15.57 11.88 2.65
C ASP A 120 -15.51 10.47 2.08
N GLY A 121 -14.34 9.85 2.14
CA GLY A 121 -14.12 8.57 1.49
C GLY A 121 -14.36 7.42 2.45
N PRO A 122 -14.06 6.20 2.00
CA PRO A 122 -14.23 5.01 2.82
C PRO A 122 -13.37 5.10 4.08
N PRO A 123 -13.86 4.48 5.16
CA PRO A 123 -13.10 4.41 6.41
C PRO A 123 -11.71 3.87 6.17
N MET A 124 -10.72 4.46 6.85
CA MET A 124 -9.34 4.04 6.69
C MET A 124 -9.14 2.59 7.10
N ARG A 125 -9.95 2.14 8.05
CA ARG A 125 -9.92 0.73 8.47
C ARG A 125 -10.15 -0.20 7.30
N GLU A 126 -11.15 0.10 6.49
CA GLU A 126 -11.47 -0.71 5.31
C GLU A 126 -10.35 -0.64 4.28
N ILE A 127 -9.76 0.54 4.12
CA ILE A 127 -8.68 0.74 3.18
C ILE A 127 -7.45 -0.09 3.58
N ILE A 128 -7.11 -0.06 4.86
CA ILE A 128 -6.00 -0.85 5.38
C ILE A 128 -6.24 -2.33 5.20
N LEU A 129 -7.43 -2.79 5.59
CA LEU A 129 -7.79 -4.19 5.46
C LEU A 129 -7.80 -4.64 4.01
N LYS A 130 -8.29 -3.78 3.13
CA LYS A 130 -8.34 -4.07 1.71
C LYS A 130 -6.99 -4.55 1.18
N VAL A 131 -5.94 -3.81 1.56
CA VAL A 131 -4.59 -4.15 1.12
C VAL A 131 -4.24 -5.60 1.45
N VAL A 132 -4.61 -6.02 2.66
CA VAL A 132 -4.34 -7.38 3.10
C VAL A 132 -5.33 -8.37 2.49
N LEU A 133 -6.60 -7.97 2.45
CA LEU A 133 -7.67 -8.88 2.06
C LEU A 133 -7.55 -9.28 0.60
N MET A 134 -6.89 -8.43 -0.19
CA MET A 134 -6.65 -8.72 -1.60
C MET A 134 -5.77 -9.95 -1.77
N ALA A 135 -5.05 -10.31 -0.71
CA ALA A 135 -4.12 -11.43 -0.75
C ALA A 135 -4.79 -12.71 -0.27
N ILE A 136 -4.28 -13.85 -0.74
CA ILE A 136 -4.85 -15.15 -0.41
C ILE A 136 -3.86 -15.98 0.39
N CYS A 137 -4.11 -16.12 1.69
CA CYS A 137 -3.20 -16.83 2.58
C CYS A 137 -3.15 -18.32 2.23
N GLY A 138 -4.19 -18.80 1.57
CA GLY A 138 -4.28 -20.21 1.21
C GLY A 138 -3.21 -20.60 0.21
N MET A 139 -2.64 -19.60 -0.46
CA MET A 139 -1.59 -19.84 -1.45
C MET A 139 -0.24 -20.02 -0.78
N ASN A 140 0.02 -19.25 0.27
CA ASN A 140 1.27 -19.33 1.00
C ASN A 140 1.12 -18.86 2.43
N PRO A 141 0.86 -19.80 3.34
CA PRO A 141 0.48 -19.47 4.70
C PRO A 141 1.61 -18.75 5.44
N ILE A 142 2.75 -18.62 4.77
CA ILE A 142 3.90 -17.94 5.34
C ILE A 142 4.09 -16.56 4.73
N ALA A 143 4.26 -16.52 3.41
CA ALA A 143 4.67 -15.29 2.73
C ALA A 143 3.60 -14.22 2.85
N ILE A 144 2.33 -14.64 2.79
CA ILE A 144 1.22 -13.71 2.67
C ILE A 144 1.03 -12.90 3.94
N PRO A 145 0.85 -13.61 5.06
CA PRO A 145 0.65 -12.96 6.34
C PRO A 145 1.90 -12.20 6.78
N PHE A 146 3.05 -12.58 6.23
CA PHE A 146 4.28 -11.83 6.42
C PHE A 146 4.22 -10.49 5.71
N ALA A 147 3.79 -10.51 4.46
CA ALA A 147 3.55 -9.28 3.71
C ALA A 147 2.47 -8.43 4.36
N ALA A 148 1.45 -9.09 4.89
CA ALA A 148 0.37 -8.40 5.58
C ALA A 148 0.90 -7.59 6.76
N GLY A 149 1.82 -8.17 7.51
CA GLY A 149 2.52 -7.47 8.57
C GLY A 149 3.15 -6.18 8.05
N ALA A 150 3.95 -6.30 7.01
CA ALA A 150 4.61 -5.15 6.40
C ALA A 150 3.60 -4.13 5.90
N TRP A 151 2.49 -4.61 5.38
CA TRP A 151 1.44 -3.74 4.85
C TRP A 151 0.74 -2.99 5.99
N TYR A 152 0.58 -3.65 7.12
CA TYR A 152 0.04 -3.01 8.31
C TYR A 152 0.96 -1.93 8.83
N VAL A 153 2.26 -2.11 8.62
CA VAL A 153 3.25 -1.09 8.93
C VAL A 153 3.23 0.03 7.90
N TYR A 154 3.13 -0.35 6.63
CA TYR A 154 3.15 0.62 5.53
C TYR A 154 2.17 1.76 5.78
N VAL A 155 0.93 1.40 6.12
CA VAL A 155 -0.14 2.37 6.26
C VAL A 155 0.10 3.28 7.47
N LYS A 156 0.95 2.83 8.38
CA LYS A 156 1.21 3.55 9.61
C LYS A 156 2.30 4.60 9.42
N THR A 157 2.79 4.72 8.19
CA THR A 157 3.74 5.76 7.83
C THR A 157 3.05 7.12 7.73
N GLY A 158 1.72 7.10 7.69
CA GLY A 158 0.94 8.32 7.50
C GLY A 158 0.50 8.47 6.05
N LYS A 159 1.02 7.61 5.18
CA LYS A 159 0.64 7.62 3.78
C LYS A 159 -0.87 7.48 3.61
N ARG A 160 -1.45 8.36 2.80
CA ARG A 160 -2.86 8.27 2.46
C ARG A 160 -3.09 8.35 0.95
N SER A 31 7.19 16.55 -4.10
CA SER A 31 6.06 16.22 -3.26
C SER A 31 6.29 14.91 -2.51
N TRP A 32 7.56 14.59 -2.26
CA TRP A 32 7.92 13.33 -1.63
C TRP A 32 8.86 13.57 -0.45
N PRO A 33 8.31 13.93 0.70
CA PRO A 33 9.10 14.18 1.89
C PRO A 33 10.00 12.99 2.22
N PRO A 34 10.97 13.22 3.09
CA PRO A 34 11.93 12.17 3.46
C PRO A 34 11.21 10.92 3.96
N SER A 35 9.98 11.10 4.42
CA SER A 35 9.19 9.98 4.92
C SER A 35 8.94 8.94 3.84
N GLU A 36 9.18 9.33 2.59
CA GLU A 36 9.05 8.42 1.46
C GLU A 36 9.95 7.19 1.63
N VAL A 37 11.07 7.38 2.32
CA VAL A 37 12.00 6.29 2.59
C VAL A 37 11.31 5.20 3.41
N LEU A 38 10.54 5.60 4.41
CA LEU A 38 9.81 4.64 5.24
C LEU A 38 8.80 3.85 4.42
N THR A 39 8.15 4.53 3.48
CA THR A 39 7.19 3.89 2.59
C THR A 39 7.89 2.97 1.60
N ALA A 40 9.08 3.38 1.15
CA ALA A 40 9.87 2.56 0.23
C ALA A 40 10.30 1.25 0.89
N VAL A 41 10.83 1.35 2.10
CA VAL A 41 11.28 0.18 2.84
C VAL A 41 10.13 -0.79 3.09
N GLY A 42 8.98 -0.24 3.47
CA GLY A 42 7.78 -1.06 3.66
C GLY A 42 7.44 -1.85 2.41
N LEU A 43 7.36 -1.16 1.28
CA LEU A 43 6.99 -1.78 0.02
C LEU A 43 8.02 -2.84 -0.39
N ILE A 44 9.30 -2.49 -0.22
CA ILE A 44 10.38 -3.39 -0.61
C ILE A 44 10.40 -4.64 0.26
N CYS A 45 10.31 -4.44 1.57
CA CYS A 45 10.34 -5.55 2.52
C CYS A 45 9.17 -6.50 2.30
N ALA A 46 8.00 -5.94 2.04
CA ALA A 46 6.81 -6.73 1.76
C ALA A 46 7.00 -7.58 0.52
N LEU A 47 7.48 -6.96 -0.55
CA LEU A 47 7.67 -7.66 -1.82
C LEU A 47 8.69 -8.77 -1.68
N ALA A 48 9.79 -8.49 -0.97
CA ALA A 48 10.80 -9.50 -0.69
C ALA A 48 10.21 -10.67 0.08
N GLY A 49 9.37 -10.37 1.05
CA GLY A 49 8.65 -11.39 1.80
C GLY A 49 7.79 -12.26 0.88
N GLY A 50 7.30 -11.66 -0.19
CA GLY A 50 6.44 -12.37 -1.14
C GLY A 50 7.16 -13.57 -1.73
N PHE A 51 8.48 -13.52 -1.76
CA PHE A 51 9.28 -14.55 -2.41
C PHE A 51 9.67 -15.64 -1.42
N ALA A 52 9.16 -15.53 -0.20
CA ALA A 52 9.46 -16.52 0.84
C ALA A 52 8.84 -17.87 0.50
N LYS A 53 9.68 -18.85 0.21
CA LYS A 53 9.22 -20.16 -0.22
C LYS A 53 8.37 -20.06 -1.48
N ALA A 54 8.70 -19.09 -2.34
CA ALA A 54 7.99 -18.91 -3.60
C ALA A 54 8.95 -18.52 -4.72
N ASP A 55 8.65 -18.98 -5.93
CA ASP A 55 9.51 -18.72 -7.07
C ASP A 55 10.93 -19.21 -6.82
N ILE A 56 11.05 -20.40 -6.26
CA ILE A 56 12.35 -20.98 -5.97
C ILE A 56 12.56 -22.30 -6.71
N GLU A 57 11.78 -22.51 -7.77
CA GLU A 57 11.91 -23.70 -8.58
C GLU A 57 11.50 -24.95 -7.80
N MET A 58 11.08 -24.75 -6.56
CA MET A 58 10.52 -25.82 -5.75
C MET A 58 9.16 -25.44 -5.18
N ALA A 59 8.64 -24.30 -5.63
CA ALA A 59 7.39 -23.76 -5.08
C ALA A 59 6.18 -24.48 -5.66
N GLY A 60 5.14 -24.59 -4.86
CA GLY A 60 3.86 -25.09 -5.34
C GLY A 60 3.01 -23.97 -5.96
N PRO A 61 1.97 -24.35 -6.68
CA PRO A 61 1.08 -23.38 -7.29
C PRO A 61 0.57 -22.37 -6.26
N MET A 62 0.28 -22.84 -5.06
CA MET A 62 -0.26 -21.99 -4.01
C MET A 62 0.77 -20.94 -3.60
N ALA A 63 2.02 -21.36 -3.43
CA ALA A 63 3.09 -20.45 -3.07
C ALA A 63 3.29 -19.38 -4.13
N ALA A 64 3.16 -19.78 -5.40
CA ALA A 64 3.25 -18.85 -6.52
C ALA A 64 2.16 -17.79 -6.43
N VAL A 65 0.95 -18.21 -6.09
CA VAL A 65 -0.15 -17.29 -5.87
C VAL A 65 0.13 -16.34 -4.71
N GLY A 66 0.70 -16.89 -3.65
CA GLY A 66 1.13 -16.08 -2.51
C GLY A 66 1.98 -14.90 -2.97
N LEU A 67 2.99 -15.18 -3.78
CA LEU A 67 3.84 -14.13 -4.33
C LEU A 67 3.03 -13.12 -5.11
N LEU A 68 2.15 -13.61 -5.99
CA LEU A 68 1.34 -12.74 -6.83
C LEU A 68 0.43 -11.85 -6.00
N ILE A 69 -0.10 -12.40 -4.91
CA ILE A 69 -0.93 -11.63 -3.99
C ILE A 69 -0.15 -10.46 -3.40
N VAL A 70 1.05 -10.74 -2.91
CA VAL A 70 1.91 -9.71 -2.33
C VAL A 70 2.29 -8.66 -3.37
N SER A 71 2.68 -9.13 -4.54
CA SER A 71 3.07 -8.24 -5.63
C SER A 71 1.93 -7.29 -6.00
N TYR A 72 0.72 -7.83 -6.02
CA TYR A 72 -0.47 -7.02 -6.31
C TYR A 72 -0.62 -5.90 -5.29
N VAL A 73 -0.62 -6.26 -4.01
CA VAL A 73 -0.87 -5.31 -2.93
C VAL A 73 0.23 -4.26 -2.87
N VAL A 74 1.48 -4.71 -2.97
CA VAL A 74 2.62 -3.80 -2.98
C VAL A 74 2.54 -2.81 -4.14
N SER A 75 2.19 -3.32 -5.31
CA SER A 75 2.00 -2.47 -6.49
C SER A 75 0.88 -1.46 -6.25
N GLY A 76 -0.21 -1.92 -5.64
CA GLY A 76 -1.37 -1.07 -5.42
C GLY A 76 -1.02 0.14 -4.56
N LYS A 77 -0.09 -0.05 -3.64
CA LYS A 77 0.29 1.01 -2.71
C LYS A 77 1.63 1.63 -3.09
N SER A 78 2.08 1.37 -4.31
CA SER A 78 3.37 1.84 -4.78
C SER A 78 3.31 3.33 -5.11
N VAL A 79 4.48 3.97 -5.16
CA VAL A 79 4.58 5.35 -5.59
C VAL A 79 4.13 5.50 -7.04
N ASP A 80 4.53 4.57 -7.89
CA ASP A 80 4.15 4.58 -9.30
C ASP A 80 2.64 4.57 -9.46
N MET A 81 1.98 3.74 -8.65
CA MET A 81 0.52 3.63 -8.70
C MET A 81 -0.14 4.94 -8.28
N TYR A 82 0.44 5.60 -7.29
CA TYR A 82 -0.06 6.89 -6.83
C TYR A 82 -0.01 7.92 -7.94
N ILE A 83 1.07 7.90 -8.72
CA ILE A 83 1.24 8.83 -9.83
C ILE A 83 0.23 8.55 -10.95
N GLU A 84 0.14 7.29 -11.35
CA GLU A 84 -0.79 6.88 -12.38
C GLU A 84 -2.23 7.12 -11.95
N ARG A 85 -2.52 6.82 -10.70
CA ARG A 85 -3.85 7.07 -10.13
C ARG A 85 -4.23 8.54 -10.25
N ALA A 86 -3.30 9.42 -9.86
CA ALA A 86 -3.52 10.86 -9.95
C ALA A 86 -3.85 11.28 -11.37
N GLY A 87 -3.14 10.69 -12.34
CA GLY A 87 -3.32 11.05 -13.73
C GLY A 87 -4.78 10.95 -14.15
N ASP A 88 -5.39 9.80 -13.87
CA ASP A 88 -6.75 9.53 -14.33
C ASP A 88 -7.74 9.56 -13.16
N ILE A 89 -7.39 10.28 -12.11
CA ILE A 89 -8.21 10.35 -10.91
C ILE A 89 -9.52 11.10 -11.18
N THR A 90 -10.60 10.61 -10.59
CA THR A 90 -11.91 11.22 -10.78
C THR A 90 -12.48 11.68 -9.44
N TRP A 91 -11.71 11.52 -8.37
CA TRP A 91 -12.15 11.89 -7.03
C TRP A 91 -12.03 13.38 -6.80
N GLU A 92 -13.16 14.06 -6.69
CA GLU A 92 -13.18 15.51 -6.58
C GLU A 92 -12.66 15.96 -5.21
N LYS A 93 -12.66 15.04 -4.25
CA LYS A 93 -12.22 15.35 -2.90
C LYS A 93 -10.72 15.21 -2.76
N ASP A 94 -10.08 14.66 -3.78
CA ASP A 94 -8.64 14.39 -3.74
C ASP A 94 -7.86 15.44 -4.52
N ALA A 95 -7.00 16.15 -3.81
CA ALA A 95 -6.34 17.33 -4.37
C ALA A 95 -5.62 16.99 -5.66
N GLU A 96 -5.29 15.72 -5.84
CA GLU A 96 -4.58 15.26 -7.03
C GLU A 96 -5.36 15.59 -8.30
N VAL A 97 -6.68 15.65 -8.17
CA VAL A 97 -7.55 15.92 -9.31
C VAL A 97 -7.30 17.32 -9.87
N THR A 98 -6.74 18.20 -9.05
CA THR A 98 -6.48 19.57 -9.45
C THR A 98 -5.09 19.72 -10.06
N GLY A 99 -4.36 18.61 -10.12
CA GLY A 99 -2.99 18.63 -10.63
C GLY A 99 -1.98 18.72 -9.50
N ASN A 100 -2.45 18.56 -8.27
CA ASN A 100 -1.58 18.58 -7.11
C ASN A 100 -0.85 17.27 -6.92
N SER A 101 0.43 17.25 -7.27
CA SER A 101 1.22 16.02 -7.29
C SER A 101 1.00 15.22 -6.02
N PRO A 102 1.01 13.90 -6.16
CA PRO A 102 0.80 13.00 -5.03
C PRO A 102 1.70 13.38 -3.85
N ARG A 103 1.12 13.39 -2.65
CA ARG A 103 1.86 13.80 -1.46
C ARG A 103 1.77 12.73 -0.38
N LEU A 104 2.71 12.77 0.56
CA LEU A 104 2.66 11.91 1.74
C LEU A 104 2.15 12.67 2.95
N ASP A 105 1.69 13.89 2.72
CA ASP A 105 1.36 14.80 3.82
C ASP A 105 -0.02 14.48 4.40
N VAL A 106 -0.15 13.30 4.98
CA VAL A 106 -1.43 12.83 5.50
C VAL A 106 -1.50 12.99 7.02
N ALA A 107 -2.44 13.81 7.47
CA ALA A 107 -2.54 14.14 8.89
C ALA A 107 -3.88 14.80 9.20
N LEU A 108 -4.25 14.80 10.48
CA LEU A 108 -5.38 15.59 10.95
C LEU A 108 -4.93 16.95 11.47
N ASP A 109 -5.40 18.01 10.81
CA ASP A 109 -4.99 19.36 11.16
C ASP A 109 -5.80 19.90 12.32
N GLU A 110 -5.38 21.03 12.87
CA GLU A 110 -6.07 21.66 13.99
C GLU A 110 -7.47 22.09 13.60
N SER A 111 -7.69 22.31 12.30
CA SER A 111 -8.98 22.74 11.80
C SER A 111 -10.01 21.62 11.88
N GLY A 112 -9.52 20.39 12.05
CA GLY A 112 -10.38 19.22 12.02
C GLY A 112 -10.39 18.58 10.65
N ASP A 113 -9.75 19.23 9.69
CA ASP A 113 -9.66 18.73 8.32
C ASP A 113 -8.64 17.59 8.22
N PHE A 114 -9.02 16.53 7.52
CA PHE A 114 -8.11 15.41 7.28
C PHE A 114 -7.39 15.58 5.94
N SER A 115 -6.09 15.82 6.01
CA SER A 115 -5.30 16.15 4.82
C SER A 115 -5.20 14.96 3.89
N LEU A 116 -5.51 15.18 2.62
CA LEU A 116 -5.38 14.14 1.60
C LEU A 116 -6.26 12.95 1.91
N VAL A 117 -7.36 13.20 2.62
CA VAL A 117 -8.38 12.18 2.85
C VAL A 117 -9.69 12.54 2.16
N GLU A 118 -10.25 11.57 1.43
CA GLU A 118 -11.45 11.82 0.63
C GLU A 118 -12.70 11.78 1.49
N GLU A 119 -13.43 12.88 1.52
CA GLU A 119 -14.61 13.00 2.38
C GLU A 119 -15.66 11.96 2.01
N ASP A 120 -15.76 11.66 0.71
CA ASP A 120 -16.78 10.74 0.22
C ASP A 120 -16.15 9.40 -0.15
N GLY A 121 -14.89 9.21 0.22
CA GLY A 121 -14.15 8.01 -0.14
C GLY A 121 -14.15 6.99 0.98
N PRO A 122 -13.52 5.85 0.75
CA PRO A 122 -13.42 4.81 1.76
C PRO A 122 -12.72 5.32 3.01
N PRO A 123 -13.22 4.90 4.17
CA PRO A 123 -12.60 5.28 5.45
C PRO A 123 -11.12 4.93 5.46
N MET A 124 -10.31 5.83 6.01
CA MET A 124 -8.87 5.63 6.10
C MET A 124 -8.55 4.35 6.87
N ARG A 125 -9.27 4.11 7.95
CA ARG A 125 -9.07 2.93 8.76
C ARG A 125 -9.25 1.66 7.94
N GLU A 126 -10.28 1.63 7.11
CA GLU A 126 -10.59 0.47 6.29
C GLU A 126 -9.52 0.24 5.23
N ILE A 127 -9.01 1.33 4.68
CA ILE A 127 -7.91 1.27 3.73
C ILE A 127 -6.64 0.70 4.36
N ILE A 128 -6.34 1.17 5.57
CA ILE A 128 -5.19 0.68 6.32
C ILE A 128 -5.28 -0.83 6.53
N LEU A 129 -6.46 -1.30 6.90
CA LEU A 129 -6.69 -2.72 7.08
C LEU A 129 -6.70 -3.46 5.74
N LYS A 130 -7.31 -2.83 4.73
CA LYS A 130 -7.48 -3.46 3.43
C LYS A 130 -6.15 -3.97 2.88
N VAL A 131 -5.11 -3.18 3.05
CA VAL A 131 -3.79 -3.53 2.53
C VAL A 131 -3.43 -4.97 2.87
N VAL A 132 -3.78 -5.39 4.08
CA VAL A 132 -3.43 -6.73 4.55
C VAL A 132 -4.56 -7.70 4.30
N LEU A 133 -5.80 -7.25 4.48
CA LEU A 133 -6.96 -8.12 4.41
C LEU A 133 -7.14 -8.70 3.01
N MET A 134 -6.61 -7.98 2.02
CA MET A 134 -6.69 -8.42 0.64
C MET A 134 -5.96 -9.75 0.44
N ALA A 135 -4.98 -10.01 1.30
CA ALA A 135 -4.08 -11.15 1.11
C ALA A 135 -4.68 -12.42 1.69
N ILE A 136 -4.27 -13.56 1.14
CA ILE A 136 -4.77 -14.85 1.61
C ILE A 136 -3.63 -15.70 2.16
N CYS A 137 -3.59 -15.83 3.48
CA CYS A 137 -2.51 -16.55 4.15
C CYS A 137 -2.53 -18.03 3.79
N GLY A 138 -3.70 -18.52 3.39
CA GLY A 138 -3.85 -19.92 3.04
C GLY A 138 -2.95 -20.32 1.88
N MET A 139 -2.65 -19.35 1.02
CA MET A 139 -1.86 -19.60 -0.18
C MET A 139 -0.39 -19.80 0.16
N ASN A 140 0.09 -19.05 1.15
CA ASN A 140 1.49 -19.14 1.56
C ASN A 140 1.66 -18.68 3.01
N PRO A 141 1.60 -19.64 3.93
CA PRO A 141 1.55 -19.32 5.36
C PRO A 141 2.84 -18.65 5.81
N ILE A 142 3.80 -18.52 4.90
CA ILE A 142 5.06 -17.85 5.19
C ILE A 142 5.11 -16.46 4.59
N ALA A 143 4.97 -16.39 3.27
CA ALA A 143 5.21 -15.15 2.55
C ALA A 143 4.21 -14.07 2.94
N ILE A 144 2.96 -14.48 3.14
CA ILE A 144 1.86 -13.54 3.28
C ILE A 144 1.95 -12.78 4.60
N PRO A 145 2.01 -13.51 5.70
CA PRO A 145 2.09 -12.91 7.03
C PRO A 145 3.40 -12.16 7.20
N PHE A 146 4.41 -12.53 6.43
CA PHE A 146 5.66 -11.78 6.37
C PHE A 146 5.47 -10.43 5.71
N ALA A 147 4.81 -10.43 4.56
CA ALA A 147 4.44 -9.18 3.89
C ALA A 147 3.50 -8.35 4.75
N ALA A 148 2.60 -9.03 5.46
CA ALA A 148 1.65 -8.34 6.34
C ALA A 148 2.38 -7.52 7.39
N GLY A 149 3.43 -8.08 7.97
CA GLY A 149 4.29 -7.35 8.88
C GLY A 149 4.78 -6.05 8.27
N ALA A 150 5.40 -6.16 7.10
CA ALA A 150 5.92 -4.99 6.40
C ALA A 150 4.79 -4.01 6.06
N TRP A 151 3.63 -4.55 5.72
CA TRP A 151 2.47 -3.73 5.38
C TRP A 151 1.96 -2.97 6.60
N TYR A 152 1.99 -3.63 7.75
CA TYR A 152 1.58 -3.00 9.01
C TYR A 152 2.54 -1.87 9.39
N VAL A 153 3.79 -1.98 8.95
CA VAL A 153 4.74 -0.89 9.08
C VAL A 153 4.46 0.21 8.07
N TYR A 154 4.20 -0.19 6.84
CA TYR A 154 3.95 0.77 5.76
C TYR A 154 2.89 1.78 6.16
N VAL A 155 1.77 1.28 6.68
CA VAL A 155 0.61 2.12 6.96
C VAL A 155 0.89 3.07 8.12
N LYS A 156 1.90 2.74 8.92
CA LYS A 156 2.22 3.52 10.11
C LYS A 156 3.03 4.75 9.75
N THR A 157 3.26 4.96 8.46
CA THR A 157 3.83 6.21 7.97
C THR A 157 2.78 7.32 7.97
N GLY A 158 1.51 6.94 8.11
CA GLY A 158 0.42 7.90 8.11
C GLY A 158 -0.25 7.96 6.75
N LYS A 159 0.41 7.40 5.74
CA LYS A 159 -0.10 7.42 4.38
C LYS A 159 -1.43 6.69 4.28
N ARG A 160 -2.39 7.30 3.59
CA ARG A 160 -3.69 6.67 3.38
C ARG A 160 -3.71 5.85 2.10
N SER A 31 7.48 16.05 -5.55
CA SER A 31 6.39 15.98 -4.58
C SER A 31 6.54 14.76 -3.68
N TRP A 32 7.79 14.36 -3.43
CA TRP A 32 8.06 13.15 -2.68
C TRP A 32 9.07 13.40 -1.58
N PRO A 33 8.58 13.86 -0.43
CA PRO A 33 9.45 14.20 0.70
C PRO A 33 10.29 13.01 1.12
N PRO A 34 11.32 13.27 1.93
CA PRO A 34 12.21 12.23 2.39
C PRO A 34 11.45 11.12 3.09
N SER A 35 10.24 11.42 3.53
CA SER A 35 9.40 10.43 4.20
C SER A 35 9.11 9.25 3.30
N GLU A 36 9.37 9.42 2.00
CA GLU A 36 9.22 8.33 1.04
C GLU A 36 9.98 7.09 1.49
N VAL A 37 11.10 7.30 2.18
CA VAL A 37 11.91 6.21 2.68
C VAL A 37 11.10 5.28 3.57
N LEU A 38 10.26 5.86 4.42
CA LEU A 38 9.41 5.07 5.31
C LEU A 38 8.42 4.23 4.54
N THR A 39 7.87 4.81 3.48
CA THR A 39 6.94 4.10 2.61
C THR A 39 7.65 3.05 1.78
N ALA A 40 8.90 3.35 1.40
CA ALA A 40 9.71 2.41 0.63
C ALA A 40 10.03 1.17 1.43
N VAL A 41 10.55 1.36 2.64
CA VAL A 41 10.94 0.26 3.50
C VAL A 41 9.77 -0.66 3.79
N GLY A 42 8.61 -0.07 4.08
CA GLY A 42 7.39 -0.82 4.30
C GLY A 42 7.12 -1.76 3.14
N LEU A 43 7.04 -1.22 1.94
CA LEU A 43 6.71 -2.00 0.75
C LEU A 43 7.80 -3.03 0.45
N ILE A 44 9.05 -2.62 0.64
CA ILE A 44 10.18 -3.52 0.42
C ILE A 44 10.13 -4.72 1.35
N CYS A 45 9.83 -4.46 2.62
CA CYS A 45 9.69 -5.53 3.60
C CYS A 45 8.60 -6.51 3.20
N ALA A 46 7.50 -5.98 2.67
CA ALA A 46 6.40 -6.81 2.19
C ALA A 46 6.86 -7.72 1.06
N LEU A 47 7.60 -7.15 0.11
CA LEU A 47 8.12 -7.91 -1.02
C LEU A 47 9.06 -9.02 -0.54
N ALA A 48 9.90 -8.70 0.43
CA ALA A 48 10.80 -9.67 1.02
C ALA A 48 10.03 -10.83 1.63
N GLY A 49 8.98 -10.52 2.36
CA GLY A 49 8.09 -11.54 2.91
C GLY A 49 7.46 -12.38 1.81
N GLY A 50 7.21 -11.75 0.67
CA GLY A 50 6.56 -12.42 -0.45
C GLY A 50 7.38 -13.62 -0.92
N PHE A 51 8.68 -13.59 -0.65
CA PHE A 51 9.59 -14.61 -1.15
C PHE A 51 9.76 -15.73 -0.13
N ALA A 52 9.02 -15.65 0.97
CA ALA A 52 9.09 -16.66 2.03
C ALA A 52 8.55 -17.99 1.54
N LYS A 53 9.44 -18.96 1.39
CA LYS A 53 9.08 -20.26 0.84
C LYS A 53 8.48 -20.12 -0.56
N ALA A 54 8.96 -19.14 -1.31
CA ALA A 54 8.49 -18.91 -2.67
C ALA A 54 9.65 -18.51 -3.59
N ASP A 55 9.59 -18.97 -4.82
CA ASP A 55 10.63 -18.69 -5.80
C ASP A 55 12.00 -19.15 -5.29
N ILE A 56 12.04 -20.35 -4.73
CA ILE A 56 13.27 -20.90 -4.20
C ILE A 56 13.64 -22.21 -4.91
N GLU A 57 13.08 -22.40 -6.09
CA GLU A 57 13.38 -23.59 -6.89
C GLU A 57 12.84 -24.85 -6.22
N MET A 58 12.22 -24.68 -5.07
CA MET A 58 11.51 -25.77 -4.41
C MET A 58 10.06 -25.40 -4.11
N ALA A 59 9.63 -24.26 -4.63
CA ALA A 59 8.30 -23.73 -4.33
C ALA A 59 7.24 -24.43 -5.16
N GLY A 60 6.04 -24.56 -4.60
CA GLY A 60 4.89 -25.05 -5.34
C GLY A 60 4.19 -23.92 -6.09
N PRO A 61 3.31 -24.28 -7.01
CA PRO A 61 2.55 -23.31 -7.77
C PRO A 61 1.85 -22.31 -6.86
N MET A 62 1.31 -22.82 -5.74
CA MET A 62 0.58 -21.98 -4.80
C MET A 62 1.49 -20.93 -4.18
N ALA A 63 2.68 -21.34 -3.78
CA ALA A 63 3.66 -20.43 -3.20
C ALA A 63 4.06 -19.34 -4.19
N ALA A 64 4.20 -19.73 -5.46
CA ALA A 64 4.50 -18.78 -6.52
C ALA A 64 3.41 -17.73 -6.65
N VAL A 65 2.16 -18.17 -6.56
CA VAL A 65 1.02 -17.26 -6.57
C VAL A 65 1.06 -16.33 -5.36
N GLY A 66 1.41 -16.89 -4.21
CA GLY A 66 1.57 -16.09 -3.00
C GLY A 66 2.48 -14.88 -3.25
N LEU A 67 3.63 -15.13 -3.85
CA LEU A 67 4.57 -14.07 -4.20
C LEU A 67 3.90 -13.04 -5.11
N LEU A 68 3.22 -13.52 -6.13
CA LEU A 68 2.58 -12.64 -7.11
C LEU A 68 1.50 -11.79 -6.45
N ILE A 69 0.77 -12.39 -5.51
CA ILE A 69 -0.25 -11.66 -4.77
C ILE A 69 0.34 -10.48 -4.00
N VAL A 70 1.45 -10.74 -3.31
CA VAL A 70 2.15 -9.69 -2.57
C VAL A 70 2.64 -8.59 -3.51
N SER A 71 3.22 -9.00 -4.63
CA SER A 71 3.73 -8.05 -5.62
C SER A 71 2.60 -7.15 -6.14
N TYR A 72 1.45 -7.76 -6.39
CA TYR A 72 0.28 -7.02 -6.86
C TYR A 72 -0.11 -5.92 -5.88
N VAL A 73 -0.32 -6.30 -4.63
CA VAL A 73 -0.76 -5.36 -3.60
C VAL A 73 0.27 -4.26 -3.36
N VAL A 74 1.53 -4.66 -3.31
CA VAL A 74 2.63 -3.71 -3.16
C VAL A 74 2.68 -2.73 -4.34
N SER A 75 2.55 -3.27 -5.55
CA SER A 75 2.63 -2.45 -6.75
C SER A 75 1.57 -1.35 -6.73
N GLY A 76 0.39 -1.67 -6.22
CA GLY A 76 -0.72 -0.73 -6.20
C GLY A 76 -0.38 0.49 -5.35
N LYS A 77 0.62 0.35 -4.49
CA LYS A 77 1.03 1.42 -3.59
C LYS A 77 2.32 2.07 -4.04
N SER A 78 2.75 1.76 -5.26
CA SER A 78 3.98 2.30 -5.81
C SER A 78 3.79 3.73 -6.28
N VAL A 79 4.90 4.44 -6.48
CA VAL A 79 4.86 5.79 -7.05
C VAL A 79 4.20 5.79 -8.42
N ASP A 80 4.58 4.82 -9.25
CA ASP A 80 4.06 4.72 -10.60
C ASP A 80 2.53 4.63 -10.59
N MET A 81 2.00 3.77 -9.73
CA MET A 81 0.56 3.53 -9.66
C MET A 81 -0.16 4.71 -9.03
N TYR A 82 0.51 5.39 -8.11
CA TYR A 82 -0.02 6.61 -7.51
C TYR A 82 -0.23 7.70 -8.56
N ILE A 83 0.71 7.82 -9.49
CA ILE A 83 0.60 8.78 -10.56
C ILE A 83 -0.55 8.42 -11.51
N GLU A 84 -0.61 7.16 -11.91
CA GLU A 84 -1.69 6.69 -12.77
C GLU A 84 -3.04 6.82 -12.09
N ARG A 85 -3.08 6.52 -10.79
CA ARG A 85 -4.30 6.68 -10.00
C ARG A 85 -4.79 8.12 -10.04
N ALA A 86 -3.86 9.06 -9.89
CA ALA A 86 -4.20 10.48 -9.90
C ALA A 86 -4.94 10.86 -11.18
N GLY A 87 -4.56 10.24 -12.28
CA GLY A 87 -5.16 10.53 -13.58
C GLY A 87 -6.67 10.29 -13.55
N ASP A 88 -7.08 9.31 -12.75
CA ASP A 88 -8.49 8.90 -12.72
C ASP A 88 -9.15 9.27 -11.40
N ILE A 89 -8.51 10.17 -10.66
CA ILE A 89 -9.01 10.56 -9.34
C ILE A 89 -10.34 11.28 -9.45
N THR A 90 -11.28 10.89 -8.58
CA THR A 90 -12.60 11.51 -8.57
C THR A 90 -12.91 12.14 -7.22
N TRP A 91 -12.06 11.85 -6.23
CA TRP A 91 -12.32 12.26 -4.86
C TRP A 91 -12.01 13.74 -4.65
N GLU A 92 -13.03 14.49 -4.25
CA GLU A 92 -12.90 15.94 -4.12
C GLU A 92 -11.96 16.31 -2.98
N LYS A 93 -11.80 15.39 -2.03
CA LYS A 93 -10.98 15.64 -0.85
C LYS A 93 -9.52 15.30 -1.12
N ASP A 94 -9.25 14.73 -2.29
CA ASP A 94 -7.90 14.34 -2.66
C ASP A 94 -7.25 15.37 -3.57
N ALA A 95 -6.18 16.00 -3.09
CA ALA A 95 -5.63 17.17 -3.73
C ALA A 95 -5.27 16.88 -5.19
N GLU A 96 -5.09 15.61 -5.51
CA GLU A 96 -4.74 15.20 -6.86
C GLU A 96 -5.78 15.66 -7.87
N VAL A 97 -7.03 15.78 -7.41
CA VAL A 97 -8.13 16.17 -8.27
C VAL A 97 -7.94 17.58 -8.81
N THR A 98 -7.12 18.36 -8.11
CA THR A 98 -6.86 19.75 -8.51
C THR A 98 -5.65 19.84 -9.42
N GLY A 99 -5.04 18.70 -9.71
CA GLY A 99 -3.84 18.67 -10.53
C GLY A 99 -2.58 18.70 -9.67
N ASN A 100 -2.75 18.52 -8.36
CA ASN A 100 -1.63 18.52 -7.43
C ASN A 100 -0.95 17.16 -7.38
N SER A 101 0.30 17.11 -7.83
CA SER A 101 1.04 15.86 -7.92
C SER A 101 0.93 15.08 -6.62
N PRO A 102 0.90 13.75 -6.72
CA PRO A 102 0.80 12.88 -5.56
C PRO A 102 1.82 13.25 -4.50
N ARG A 103 1.37 13.34 -3.25
CA ARG A 103 2.23 13.77 -2.16
C ARG A 103 2.13 12.81 -0.97
N LEU A 104 3.10 12.90 -0.07
CA LEU A 104 3.07 12.12 1.17
C LEU A 104 2.73 13.00 2.36
N ASP A 105 2.32 14.23 2.09
CA ASP A 105 2.15 15.24 3.13
C ASP A 105 0.84 15.04 3.89
N VAL A 106 0.72 13.90 4.54
CA VAL A 106 -0.50 13.57 5.30
C VAL A 106 -0.41 14.08 6.73
N ALA A 107 -1.40 14.87 7.13
CA ALA A 107 -1.39 15.50 8.44
C ALA A 107 -2.76 16.06 8.80
N LEU A 108 -2.98 16.30 10.08
CA LEU A 108 -4.15 17.06 10.54
C LEU A 108 -3.79 18.52 10.80
N ASP A 109 -4.42 19.42 10.05
CA ASP A 109 -4.14 20.84 10.17
C ASP A 109 -4.93 21.47 11.31
N GLU A 110 -4.59 22.70 11.65
CA GLU A 110 -5.27 23.42 12.72
C GLU A 110 -6.73 23.66 12.39
N SER A 111 -7.05 23.66 11.10
CA SER A 111 -8.41 23.91 10.64
C SER A 111 -9.32 22.73 10.95
N GLY A 112 -8.71 21.59 11.26
CA GLY A 112 -9.46 20.35 11.44
C GLY A 112 -9.47 19.51 10.17
N ASP A 113 -8.97 20.10 9.08
CA ASP A 113 -8.90 19.41 7.80
C ASP A 113 -7.74 18.42 7.77
N PHE A 114 -8.01 17.21 7.27
CA PHE A 114 -6.97 16.20 7.12
C PHE A 114 -6.33 16.27 5.75
N SER A 115 -5.04 16.62 5.72
CA SER A 115 -4.33 16.84 4.47
C SER A 115 -4.15 15.54 3.70
N LEU A 116 -4.60 15.52 2.46
CA LEU A 116 -4.41 14.37 1.59
C LEU A 116 -5.10 13.13 2.16
N VAL A 117 -6.19 13.35 2.89
CA VAL A 117 -7.02 12.25 3.36
C VAL A 117 -8.42 12.32 2.78
N GLU A 118 -8.89 11.19 2.25
CA GLU A 118 -10.24 11.13 1.70
C GLU A 118 -11.30 11.05 2.79
N GLU A 119 -11.65 12.20 3.34
CA GLU A 119 -12.57 12.25 4.47
C GLU A 119 -13.93 11.68 4.10
N ASP A 120 -14.24 11.69 2.80
CA ASP A 120 -15.51 11.17 2.32
C ASP A 120 -15.41 9.69 1.95
N GLY A 121 -14.21 9.13 2.10
CA GLY A 121 -13.95 7.76 1.69
C GLY A 121 -14.14 6.80 2.86
N PRO A 122 -13.80 5.54 2.63
CA PRO A 122 -13.94 4.51 3.67
C PRO A 122 -13.07 4.84 4.88
N PRO A 123 -13.50 4.36 6.04
CA PRO A 123 -12.72 4.50 7.27
C PRO A 123 -11.31 3.94 7.09
N MET A 124 -10.37 4.50 7.82
CA MET A 124 -8.98 4.04 7.75
C MET A 124 -8.86 2.57 8.09
N ARG A 125 -9.73 2.10 8.99
CA ARG A 125 -9.78 0.68 9.33
C ARG A 125 -10.01 -0.17 8.09
N GLU A 126 -10.94 0.25 7.24
CA GLU A 126 -11.26 -0.49 6.03
C GLU A 126 -10.14 -0.39 5.01
N ILE A 127 -9.51 0.78 4.95
CA ILE A 127 -8.39 1.00 4.04
C ILE A 127 -7.21 0.09 4.38
N ILE A 128 -6.89 0.01 5.67
CA ILE A 128 -5.82 -0.87 6.14
C ILE A 128 -6.14 -2.33 5.86
N LEU A 129 -7.35 -2.74 6.21
CA LEU A 129 -7.78 -4.12 6.02
C LEU A 129 -7.79 -4.49 4.54
N LYS A 130 -8.26 -3.57 3.71
CA LYS A 130 -8.33 -3.80 2.26
C LYS A 130 -6.99 -4.29 1.72
N VAL A 131 -5.92 -3.59 2.10
CA VAL A 131 -4.58 -3.93 1.62
C VAL A 131 -4.25 -5.39 1.92
N VAL A 132 -4.60 -5.84 3.12
CA VAL A 132 -4.32 -7.20 3.53
C VAL A 132 -5.32 -8.18 2.92
N LEU A 133 -6.58 -7.79 2.92
CA LEU A 133 -7.67 -8.69 2.55
C LEU A 133 -7.59 -9.05 1.06
N MET A 134 -6.95 -8.20 0.28
CA MET A 134 -6.75 -8.45 -1.14
C MET A 134 -5.88 -9.69 -1.35
N ALA A 135 -5.14 -10.07 -0.32
CA ALA A 135 -4.22 -11.20 -0.41
C ALA A 135 -4.88 -12.49 0.07
N ILE A 136 -4.41 -13.62 -0.45
CA ILE A 136 -4.98 -14.92 -0.10
C ILE A 136 -3.96 -15.78 0.64
N CYS A 137 -4.16 -15.91 1.95
CA CYS A 137 -3.21 -16.64 2.79
C CYS A 137 -3.19 -18.13 2.43
N GLY A 138 -4.27 -18.60 1.82
CA GLY A 138 -4.37 -20.00 1.42
C GLY A 138 -3.27 -20.39 0.45
N MET A 139 -2.80 -19.42 -0.32
CA MET A 139 -1.79 -19.66 -1.33
C MET A 139 -0.41 -19.85 -0.72
N ASN A 140 -0.15 -19.12 0.36
CA ASN A 140 1.13 -19.20 1.06
C ASN A 140 1.00 -18.74 2.50
N PRO A 141 0.75 -19.69 3.40
CA PRO A 141 0.42 -19.36 4.78
C PRO A 141 1.58 -18.68 5.49
N ILE A 142 2.71 -18.57 4.79
CA ILE A 142 3.88 -17.92 5.34
C ILE A 142 4.08 -16.52 4.76
N ALA A 143 4.21 -16.46 3.43
CA ALA A 143 4.61 -15.23 2.77
C ALA A 143 3.57 -14.14 2.94
N ILE A 144 2.30 -14.54 2.90
CA ILE A 144 1.20 -13.58 2.83
C ILE A 144 1.05 -12.80 4.12
N PRO A 145 0.90 -13.52 5.23
CA PRO A 145 0.75 -12.90 6.54
C PRO A 145 2.02 -12.17 6.95
N PHE A 146 3.15 -12.56 6.37
CA PHE A 146 4.40 -11.83 6.53
C PHE A 146 4.33 -10.48 5.84
N ALA A 147 3.85 -10.46 4.60
CA ALA A 147 3.62 -9.22 3.88
C ALA A 147 2.58 -8.36 4.60
N ALA A 148 1.57 -9.01 5.15
CA ALA A 148 0.52 -8.31 5.89
C ALA A 148 1.11 -7.53 7.06
N GLY A 149 2.06 -8.14 7.77
CA GLY A 149 2.81 -7.45 8.81
C GLY A 149 3.42 -6.16 8.29
N ALA A 150 4.18 -6.27 7.20
CA ALA A 150 4.82 -5.11 6.59
C ALA A 150 3.79 -4.07 6.15
N TRP A 151 2.65 -4.56 5.66
CA TRP A 151 1.59 -3.67 5.20
C TRP A 151 0.94 -2.94 6.37
N TYR A 152 0.84 -3.62 7.51
CA TYR A 152 0.34 -2.99 8.73
C TYR A 152 1.28 -1.90 9.22
N VAL A 153 2.57 -2.04 8.89
CA VAL A 153 3.55 -1.00 9.16
C VAL A 153 3.45 0.13 8.16
N TYR A 154 3.32 -0.23 6.89
CA TYR A 154 3.24 0.76 5.82
C TYR A 154 2.21 1.83 6.12
N VAL A 155 1.02 1.40 6.54
CA VAL A 155 -0.11 2.30 6.70
C VAL A 155 0.10 3.27 7.84
N LYS A 156 1.11 3.00 8.66
CA LYS A 156 1.42 3.84 9.81
C LYS A 156 1.97 5.20 9.38
N THR A 157 2.32 5.29 8.10
CA THR A 157 2.80 6.55 7.53
C THR A 157 1.65 7.53 7.33
N GLY A 158 0.42 7.02 7.37
CA GLY A 158 -0.76 7.83 7.16
C GLY A 158 -1.21 7.81 5.71
N LYS A 159 -0.34 7.32 4.84
CA LYS A 159 -0.65 7.24 3.41
C LYS A 159 -1.78 6.26 3.15
N ARG A 160 -2.74 6.68 2.33
CA ARG A 160 -3.94 5.88 2.09
C ARG A 160 -3.84 5.13 0.77
N SER A 31 8.65 15.88 -6.81
CA SER A 31 7.51 16.11 -5.93
C SER A 31 7.28 14.91 -5.02
N TRP A 32 8.37 14.28 -4.59
CA TRP A 32 8.28 13.11 -3.72
C TRP A 32 9.17 13.26 -2.49
N PRO A 33 8.61 13.84 -1.44
CA PRO A 33 9.38 14.18 -0.25
C PRO A 33 10.10 12.97 0.30
N PRO A 34 11.23 13.20 0.97
CA PRO A 34 12.00 12.12 1.57
C PRO A 34 11.12 11.23 2.45
N SER A 35 10.07 11.80 2.99
CA SER A 35 9.17 11.08 3.88
C SER A 35 8.65 9.81 3.22
N GLU A 36 8.56 9.82 1.90
CA GLU A 36 8.00 8.71 1.16
C GLU A 36 8.79 7.43 1.37
N VAL A 37 10.02 7.59 1.85
CA VAL A 37 10.89 6.44 2.12
C VAL A 37 10.21 5.45 3.04
N LEU A 38 9.30 5.94 3.88
CA LEU A 38 8.54 5.09 4.79
C LEU A 38 7.63 4.13 4.03
N THR A 39 7.09 4.60 2.91
CA THR A 39 6.19 3.79 2.09
C THR A 39 6.96 2.83 1.21
N ALA A 40 8.15 3.25 0.77
CA ALA A 40 9.04 2.38 0.02
C ALA A 40 9.46 1.17 0.84
N VAL A 41 9.97 1.42 2.05
CA VAL A 41 10.44 0.36 2.91
C VAL A 41 9.32 -0.62 3.25
N GLY A 42 8.14 -0.08 3.55
CA GLY A 42 6.97 -0.90 3.82
C GLY A 42 6.73 -1.93 2.71
N LEU A 43 6.61 -1.43 1.48
CA LEU A 43 6.32 -2.28 0.34
C LEU A 43 7.46 -3.25 0.05
N ILE A 44 8.69 -2.77 0.21
CA ILE A 44 9.87 -3.60 0.01
C ILE A 44 9.89 -4.76 0.99
N CYS A 45 9.58 -4.47 2.25
CA CYS A 45 9.50 -5.51 3.27
C CYS A 45 8.45 -6.55 2.91
N ALA A 46 7.32 -6.09 2.39
CA ALA A 46 6.26 -6.99 1.96
C ALA A 46 6.73 -7.91 0.84
N LEU A 47 7.42 -7.32 -0.14
CA LEU A 47 7.95 -8.09 -1.26
C LEU A 47 8.97 -9.13 -0.79
N ALA A 48 9.80 -8.74 0.17
CA ALA A 48 10.77 -9.66 0.77
C ALA A 48 10.07 -10.85 1.41
N GLY A 49 9.01 -10.56 2.17
CA GLY A 49 8.19 -11.60 2.76
C GLY A 49 7.57 -12.50 1.68
N GLY A 50 7.27 -11.92 0.53
CA GLY A 50 6.65 -12.66 -0.56
C GLY A 50 7.53 -13.81 -1.01
N PHE A 51 8.83 -13.70 -0.76
CA PHE A 51 9.79 -14.68 -1.24
C PHE A 51 10.03 -15.77 -0.21
N ALA A 52 9.30 -15.70 0.90
CA ALA A 52 9.44 -16.67 1.98
C ALA A 52 8.98 -18.05 1.54
N LYS A 53 9.93 -18.97 1.40
CA LYS A 53 9.64 -20.31 0.89
C LYS A 53 9.00 -20.24 -0.50
N ALA A 54 9.40 -19.24 -1.27
CA ALA A 54 8.88 -19.06 -2.63
C ALA A 54 9.97 -18.62 -3.58
N ASP A 55 9.92 -19.14 -4.81
CA ASP A 55 10.93 -18.81 -5.82
C ASP A 55 12.33 -19.11 -5.33
N ILE A 56 12.50 -20.28 -4.71
CA ILE A 56 13.79 -20.70 -4.20
C ILE A 56 14.25 -21.99 -4.85
N GLU A 57 13.67 -22.30 -6.00
CA GLU A 57 14.05 -23.50 -6.76
C GLU A 57 13.65 -24.77 -6.01
N MET A 58 13.08 -24.59 -4.83
CA MET A 58 12.49 -25.70 -4.08
C MET A 58 11.03 -25.43 -3.76
N ALA A 59 10.49 -24.35 -4.32
CA ALA A 59 9.13 -23.92 -4.01
C ALA A 59 8.10 -24.73 -4.79
N GLY A 60 6.93 -24.90 -4.21
CA GLY A 60 5.81 -25.51 -4.91
C GLY A 60 5.05 -24.46 -5.73
N PRO A 61 4.22 -24.94 -6.66
CA PRO A 61 3.41 -24.06 -7.48
C PRO A 61 2.62 -23.07 -6.63
N MET A 62 2.13 -23.55 -5.49
CA MET A 62 1.31 -22.73 -4.60
C MET A 62 2.12 -21.58 -4.02
N ALA A 63 3.33 -21.89 -3.57
CA ALA A 63 4.23 -20.87 -3.01
C ALA A 63 4.55 -19.80 -4.05
N ALA A 64 4.71 -20.23 -5.29
CA ALA A 64 4.97 -19.30 -6.39
C ALA A 64 3.82 -18.31 -6.56
N VAL A 65 2.61 -18.80 -6.44
CA VAL A 65 1.42 -17.95 -6.46
C VAL A 65 1.41 -17.00 -5.27
N GLY A 66 1.79 -17.51 -4.11
CA GLY A 66 1.92 -16.67 -2.92
C GLY A 66 2.73 -15.42 -3.21
N LEU A 67 3.89 -15.59 -3.84
CA LEU A 67 4.73 -14.47 -4.24
C LEU A 67 3.97 -13.52 -5.15
N LEU A 68 3.31 -14.08 -6.15
CA LEU A 68 2.58 -13.27 -7.13
C LEU A 68 1.45 -12.48 -6.47
N ILE A 69 0.80 -13.09 -5.49
CA ILE A 69 -0.25 -12.43 -4.74
C ILE A 69 0.27 -11.20 -4.02
N VAL A 70 1.41 -11.34 -3.36
CA VAL A 70 2.05 -10.21 -2.69
C VAL A 70 2.44 -9.12 -3.67
N SER A 71 3.03 -9.52 -4.79
CA SER A 71 3.43 -8.58 -5.82
C SER A 71 2.25 -7.78 -6.35
N TYR A 72 1.13 -8.47 -6.54
CA TYR A 72 -0.10 -7.81 -7.00
C TYR A 72 -0.52 -6.71 -6.03
N VAL A 73 -0.65 -7.05 -4.76
CA VAL A 73 -1.11 -6.10 -3.75
C VAL A 73 -0.14 -4.94 -3.60
N VAL A 74 1.15 -5.26 -3.59
CA VAL A 74 2.19 -4.24 -3.50
C VAL A 74 2.14 -3.31 -4.70
N SER A 75 1.98 -3.88 -5.89
CA SER A 75 1.94 -3.10 -7.12
C SER A 75 0.84 -2.06 -7.07
N GLY A 76 -0.30 -2.42 -6.47
CA GLY A 76 -1.43 -1.52 -6.38
C GLY A 76 -1.08 -0.26 -5.59
N LYS A 77 -0.03 -0.35 -4.78
CA LYS A 77 0.39 0.76 -3.94
C LYS A 77 1.69 1.38 -4.45
N SER A 78 2.05 1.06 -5.68
CA SER A 78 3.28 1.55 -6.27
C SER A 78 3.17 3.04 -6.59
N VAL A 79 4.32 3.69 -6.79
CA VAL A 79 4.34 5.08 -7.18
C VAL A 79 3.60 5.32 -8.49
N ASP A 80 3.81 4.42 -9.45
CA ASP A 80 3.17 4.53 -10.76
C ASP A 80 1.65 4.54 -10.62
N MET A 81 1.13 3.67 -9.77
CA MET A 81 -0.30 3.57 -9.56
C MET A 81 -0.85 4.82 -8.89
N TYR A 82 -0.06 5.40 -7.99
CA TYR A 82 -0.44 6.65 -7.32
C TYR A 82 -0.50 7.80 -8.31
N ILE A 83 0.42 7.82 -9.26
CA ILE A 83 0.43 8.83 -10.30
C ILE A 83 -0.81 8.73 -11.18
N GLU A 84 -1.12 7.52 -11.62
CA GLU A 84 -2.31 7.29 -12.42
C GLU A 84 -3.58 7.59 -11.62
N ARG A 85 -3.59 7.18 -10.35
CA ARG A 85 -4.71 7.46 -9.46
C ARG A 85 -4.98 8.96 -9.36
N ALA A 86 -3.91 9.73 -9.20
CA ALA A 86 -4.02 11.18 -9.13
C ALA A 86 -4.64 11.75 -10.41
N GLY A 87 -4.23 11.21 -11.56
CA GLY A 87 -4.73 11.66 -12.84
C GLY A 87 -6.25 11.48 -12.94
N ASP A 88 -6.73 10.38 -12.39
CA ASP A 88 -8.15 10.04 -12.48
C ASP A 88 -8.85 10.22 -11.14
N ILE A 89 -8.25 11.02 -10.27
CA ILE A 89 -8.80 11.26 -8.94
C ILE A 89 -10.14 11.97 -9.01
N THR A 90 -11.11 11.50 -8.23
CA THR A 90 -12.45 12.06 -8.24
C THR A 90 -12.80 12.66 -6.89
N TRP A 91 -12.01 12.35 -5.88
CA TRP A 91 -12.31 12.74 -4.51
C TRP A 91 -11.96 14.21 -4.27
N GLU A 92 -12.97 15.01 -3.93
CA GLU A 92 -12.80 16.44 -3.78
C GLU A 92 -11.94 16.77 -2.56
N LYS A 93 -11.88 15.84 -1.62
CA LYS A 93 -11.12 16.04 -0.39
C LYS A 93 -9.64 15.70 -0.60
N ASP A 94 -9.35 15.06 -1.72
CA ASP A 94 -7.99 14.62 -2.02
C ASP A 94 -7.22 15.68 -2.79
N ALA A 95 -6.16 16.20 -2.19
CA ALA A 95 -5.47 17.38 -2.71
C ALA A 95 -5.03 17.15 -4.14
N GLU A 96 -4.90 15.89 -4.53
CA GLU A 96 -4.47 15.53 -5.88
C GLU A 96 -5.41 16.11 -6.93
N VAL A 97 -6.66 16.30 -6.55
CA VAL A 97 -7.67 16.83 -7.47
C VAL A 97 -7.34 18.25 -7.90
N THR A 98 -6.52 18.93 -7.10
CA THR A 98 -6.13 20.30 -7.39
C THR A 98 -4.82 20.35 -8.15
N GLY A 99 -4.26 19.18 -8.44
CA GLY A 99 -2.98 19.08 -9.14
C GLY A 99 -1.82 18.97 -8.15
N ASN A 100 -2.16 18.72 -6.89
CA ASN A 100 -1.14 18.58 -5.85
C ASN A 100 -0.57 17.16 -5.82
N SER A 101 0.66 17.02 -6.28
CA SER A 101 1.29 15.71 -6.40
C SER A 101 1.11 14.90 -5.14
N PRO A 102 0.99 13.58 -5.29
CA PRO A 102 0.82 12.68 -4.16
C PRO A 102 1.88 12.93 -3.09
N ARG A 103 1.45 12.95 -1.83
CA ARG A 103 2.36 13.20 -0.73
C ARG A 103 2.10 12.24 0.42
N LEU A 104 2.98 12.24 1.41
CA LEU A 104 2.81 11.43 2.62
C LEU A 104 2.56 12.30 3.84
N ASP A 105 3.00 13.56 3.76
CA ASP A 105 3.13 14.39 4.95
C ASP A 105 1.77 14.89 5.42
N VAL A 106 0.95 13.98 5.93
CA VAL A 106 -0.38 14.32 6.42
C VAL A 106 -0.30 15.30 7.58
N ALA A 107 -1.15 16.33 7.55
CA ALA A 107 -1.15 17.36 8.57
C ALA A 107 -2.52 17.99 8.72
N LEU A 108 -2.79 18.54 9.91
CA LEU A 108 -4.01 19.30 10.14
C LEU A 108 -3.76 20.79 10.06
N ASP A 109 -4.47 21.46 9.15
CA ASP A 109 -4.29 22.88 8.93
C ASP A 109 -5.08 23.71 9.94
N GLU A 110 -4.80 25.01 10.00
CA GLU A 110 -5.47 25.90 10.94
C GLU A 110 -6.96 25.99 10.65
N SER A 111 -7.33 25.70 9.40
CA SER A 111 -8.73 25.81 8.99
C SER A 111 -9.56 24.69 9.59
N GLY A 112 -8.89 23.66 10.10
CA GLY A 112 -9.57 22.46 10.59
C GLY A 112 -9.59 21.37 9.52
N ASP A 113 -9.16 21.73 8.31
CA ASP A 113 -9.09 20.77 7.22
C ASP A 113 -7.88 19.85 7.36
N PHE A 114 -8.10 18.56 7.20
CA PHE A 114 -7.03 17.57 7.29
C PHE A 114 -6.35 17.37 5.94
N SER A 115 -5.14 17.89 5.81
CA SER A 115 -4.44 17.90 4.52
C SER A 115 -4.03 16.49 4.12
N LEU A 116 -4.27 16.16 2.86
CA LEU A 116 -3.92 14.83 2.34
C LEU A 116 -4.72 13.73 3.01
N VAL A 117 -5.88 14.11 3.56
CA VAL A 117 -6.80 13.13 4.13
C VAL A 117 -8.16 13.20 3.45
N GLU A 118 -8.65 12.05 2.98
CA GLU A 118 -9.97 11.97 2.37
C GLU A 118 -11.06 11.94 3.43
N GLU A 119 -11.43 13.13 3.92
CA GLU A 119 -12.35 13.24 5.05
C GLU A 119 -13.66 12.53 4.75
N ASP A 120 -14.09 12.57 3.50
CA ASP A 120 -15.34 11.95 3.09
C ASP A 120 -15.10 10.65 2.34
N GLY A 121 -13.88 10.13 2.44
CA GLY A 121 -13.50 8.92 1.72
C GLY A 121 -13.80 7.67 2.54
N PRO A 122 -13.40 6.52 2.00
CA PRO A 122 -13.63 5.25 2.68
C PRO A 122 -12.93 5.21 4.03
N PRO A 123 -13.55 4.54 5.00
CA PRO A 123 -12.95 4.33 6.31
C PRO A 123 -11.56 3.71 6.18
N MET A 124 -10.63 4.18 6.99
CA MET A 124 -9.26 3.67 6.96
C MET A 124 -9.22 2.19 7.31
N ARG A 125 -10.14 1.76 8.17
CA ARG A 125 -10.24 0.36 8.54
C ARG A 125 -10.43 -0.52 7.31
N GLU A 126 -11.34 -0.12 6.44
CA GLU A 126 -11.62 -0.88 5.22
C GLU A 126 -10.42 -0.87 4.28
N ILE A 127 -9.73 0.27 4.22
CA ILE A 127 -8.54 0.39 3.38
C ILE A 127 -7.43 -0.55 3.86
N ILE A 128 -7.22 -0.57 5.17
CA ILE A 128 -6.18 -1.43 5.76
C ILE A 128 -6.50 -2.90 5.53
N LEU A 129 -7.74 -3.28 5.82
CA LEU A 129 -8.16 -4.67 5.66
C LEU A 129 -8.09 -5.11 4.22
N LYS A 130 -8.54 -4.25 3.31
CA LYS A 130 -8.55 -4.56 1.89
C LYS A 130 -7.18 -5.03 1.41
N VAL A 131 -6.15 -4.26 1.77
CA VAL A 131 -4.79 -4.58 1.35
C VAL A 131 -4.42 -6.01 1.71
N VAL A 132 -4.76 -6.42 2.92
CA VAL A 132 -4.42 -7.75 3.41
C VAL A 132 -5.37 -8.80 2.85
N LEU A 133 -6.66 -8.47 2.83
CA LEU A 133 -7.69 -9.44 2.50
C LEU A 133 -7.59 -9.88 1.04
N MET A 134 -7.00 -9.02 0.21
CA MET A 134 -6.79 -9.33 -1.20
C MET A 134 -5.88 -10.53 -1.36
N ALA A 135 -5.11 -10.83 -0.31
CA ALA A 135 -4.15 -11.93 -0.37
C ALA A 135 -4.74 -13.20 0.22
N ILE A 136 -4.27 -14.35 -0.27
CA ILE A 136 -4.78 -15.63 0.18
C ILE A 136 -3.71 -16.44 0.90
N CYS A 137 -3.84 -16.54 2.22
CA CYS A 137 -2.82 -17.19 3.05
C CYS A 137 -2.73 -18.68 2.72
N GLY A 138 -3.81 -19.24 2.18
CA GLY A 138 -3.85 -20.66 1.87
C GLY A 138 -2.77 -21.03 0.87
N MET A 139 -2.42 -20.09 0.00
CA MET A 139 -1.45 -20.35 -1.06
C MET A 139 -0.03 -20.41 -0.51
N ASN A 140 0.22 -19.67 0.55
CA ASN A 140 1.52 -19.67 1.20
C ASN A 140 1.43 -19.18 2.64
N PRO A 141 1.24 -20.10 3.57
CA PRO A 141 0.92 -19.76 4.94
C PRO A 141 2.07 -19.02 5.61
N ILE A 142 3.17 -18.87 4.88
CA ILE A 142 4.34 -18.15 5.39
C ILE A 142 4.45 -16.77 4.77
N ALA A 143 4.56 -16.72 3.44
CA ALA A 143 4.89 -15.49 2.75
C ALA A 143 3.81 -14.44 2.91
N ILE A 144 2.55 -14.89 2.91
CA ILE A 144 1.41 -13.99 2.82
C ILE A 144 1.24 -13.19 4.11
N PRO A 145 1.14 -13.90 5.22
CA PRO A 145 0.98 -13.26 6.53
C PRO A 145 2.21 -12.46 6.91
N PHE A 146 3.35 -12.81 6.32
CA PHE A 146 4.56 -12.01 6.45
C PHE A 146 4.43 -10.68 5.74
N ALA A 147 3.93 -10.72 4.50
CA ALA A 147 3.62 -9.50 3.76
C ALA A 147 2.55 -8.68 4.46
N ALA A 148 1.57 -9.37 5.04
CA ALA A 148 0.50 -8.72 5.78
C ALA A 148 1.06 -7.87 6.92
N GLY A 149 2.04 -8.42 7.63
CA GLY A 149 2.75 -7.66 8.65
C GLY A 149 3.30 -6.36 8.09
N ALA A 150 4.05 -6.46 7.00
CA ALA A 150 4.64 -5.29 6.36
C ALA A 150 3.54 -4.32 5.90
N TRP A 151 2.43 -4.87 5.44
CA TRP A 151 1.31 -4.06 4.96
C TRP A 151 0.64 -3.32 6.11
N TYR A 152 0.57 -3.97 7.27
CA TYR A 152 0.04 -3.35 8.47
C TYR A 152 0.92 -2.20 8.94
N VAL A 153 2.21 -2.29 8.64
CA VAL A 153 3.13 -1.20 8.87
C VAL A 153 2.99 -0.12 7.81
N TYR A 154 2.86 -0.54 6.55
CA TYR A 154 2.75 0.38 5.43
C TYR A 154 1.66 1.42 5.69
N VAL A 155 0.49 0.96 6.10
CA VAL A 155 -0.68 1.82 6.24
C VAL A 155 -0.47 2.83 7.36
N LYS A 156 0.45 2.52 8.28
CA LYS A 156 0.67 3.34 9.46
C LYS A 156 1.54 4.54 9.13
N THR A 157 1.94 4.66 7.88
CA THR A 157 2.68 5.82 7.40
C THR A 157 1.75 7.01 7.20
N GLY A 158 0.45 6.73 7.11
CA GLY A 158 -0.54 7.77 6.83
C GLY A 158 -1.04 7.66 5.39
N LYS A 159 -0.29 6.94 4.55
CA LYS A 159 -0.68 6.71 3.17
C LYS A 159 -1.98 5.92 3.08
N ARG A 160 -2.88 6.36 2.21
CA ARG A 160 -4.15 5.69 2.03
C ARG A 160 -4.18 4.89 0.73
N SER A 31 7.37 16.83 -5.05
CA SER A 31 6.36 16.56 -4.04
C SER A 31 6.63 15.25 -3.32
N TRP A 32 7.91 14.96 -3.08
CA TRP A 32 8.31 13.69 -2.50
C TRP A 32 9.27 13.90 -1.33
N PRO A 33 8.72 14.24 -0.17
CA PRO A 33 9.53 14.51 1.01
C PRO A 33 10.38 13.30 1.38
N PRO A 34 11.38 13.51 2.22
CA PRO A 34 12.28 12.44 2.63
C PRO A 34 11.51 11.28 3.24
N SER A 35 10.28 11.56 3.68
CA SER A 35 9.43 10.53 4.27
C SER A 35 9.17 9.39 3.29
N GLU A 36 9.45 9.65 2.01
CA GLU A 36 9.31 8.62 0.99
C GLU A 36 10.07 7.35 1.37
N VAL A 37 11.20 7.53 2.05
CA VAL A 37 12.04 6.41 2.45
C VAL A 37 11.27 5.44 3.34
N LEU A 38 10.49 5.98 4.26
CA LEU A 38 9.69 5.17 5.16
C LEU A 38 8.65 4.35 4.39
N THR A 39 8.05 4.97 3.38
CA THR A 39 7.07 4.30 2.54
C THR A 39 7.74 3.28 1.62
N ALA A 40 8.95 3.59 1.18
CA ALA A 40 9.72 2.68 0.34
C ALA A 40 10.06 1.40 1.08
N VAL A 41 10.62 1.55 2.28
CA VAL A 41 11.04 0.40 3.08
C VAL A 41 9.85 -0.51 3.39
N GLY A 42 8.73 0.09 3.76
CA GLY A 42 7.50 -0.66 4.00
C GLY A 42 7.16 -1.55 2.82
N LEU A 43 7.06 -0.96 1.64
CA LEU A 43 6.68 -1.69 0.43
C LEU A 43 7.73 -2.74 0.07
N ILE A 44 8.99 -2.38 0.23
CA ILE A 44 10.09 -3.30 -0.05
C ILE A 44 10.04 -4.52 0.87
N CYS A 45 9.80 -4.28 2.15
CA CYS A 45 9.70 -5.36 3.12
C CYS A 45 8.55 -6.29 2.79
N ALA A 46 7.42 -5.70 2.40
CA ALA A 46 6.25 -6.48 2.01
C ALA A 46 6.54 -7.35 0.79
N LEU A 47 7.21 -6.77 -0.20
CA LEU A 47 7.57 -7.50 -1.40
C LEU A 47 8.55 -8.63 -1.09
N ALA A 48 9.57 -8.32 -0.30
CA ALA A 48 10.54 -9.32 0.12
C ALA A 48 9.87 -10.48 0.85
N GLY A 49 8.92 -10.15 1.72
CA GLY A 49 8.13 -11.17 2.40
C GLY A 49 7.39 -12.05 1.40
N GLY A 50 6.99 -11.46 0.29
CA GLY A 50 6.25 -12.19 -0.75
C GLY A 50 7.06 -13.38 -1.26
N PHE A 51 8.38 -13.27 -1.16
CA PHE A 51 9.27 -14.28 -1.73
C PHE A 51 9.59 -15.38 -0.72
N ALA A 52 8.98 -15.27 0.46
CA ALA A 52 9.20 -16.25 1.52
C ALA A 52 8.63 -17.61 1.15
N LYS A 53 9.52 -18.59 0.94
CA LYS A 53 9.12 -19.90 0.47
C LYS A 53 8.40 -19.81 -0.87
N ALA A 54 8.82 -18.88 -1.71
CA ALA A 54 8.26 -18.72 -3.04
C ALA A 54 9.34 -18.35 -4.05
N ASP A 55 9.17 -18.81 -5.28
CA ASP A 55 10.16 -18.58 -6.34
C ASP A 55 11.52 -19.14 -5.94
N ILE A 56 11.51 -20.29 -5.29
CA ILE A 56 12.75 -20.95 -4.88
C ILE A 56 12.86 -22.35 -5.48
N GLU A 57 11.95 -22.67 -6.39
CA GLU A 57 11.97 -23.97 -7.06
C GLU A 57 11.85 -25.10 -6.05
N MET A 58 11.34 -24.78 -4.87
CA MET A 58 11.15 -25.78 -3.82
C MET A 58 9.80 -25.61 -3.13
N ALA A 59 8.82 -25.09 -3.88
CA ALA A 59 7.51 -24.81 -3.33
C ALA A 59 6.41 -25.00 -4.38
N GLY A 60 5.18 -25.17 -3.92
CA GLY A 60 4.07 -25.46 -4.81
C GLY A 60 3.64 -24.21 -5.58
N PRO A 61 2.88 -24.42 -6.65
CA PRO A 61 2.37 -23.31 -7.45
C PRO A 61 1.67 -22.27 -6.57
N MET A 62 1.05 -22.74 -5.50
CA MET A 62 0.29 -21.86 -4.62
C MET A 62 1.20 -20.81 -3.99
N ALA A 63 2.43 -21.20 -3.70
CA ALA A 63 3.43 -20.28 -3.15
C ALA A 63 3.76 -19.17 -4.15
N ALA A 64 3.88 -19.55 -5.42
CA ALA A 64 4.10 -18.58 -6.48
C ALA A 64 2.93 -17.61 -6.61
N VAL A 65 1.71 -18.15 -6.46
CA VAL A 65 0.52 -17.32 -6.49
C VAL A 65 0.50 -16.33 -5.33
N GLY A 66 0.87 -16.80 -4.14
CA GLY A 66 1.03 -15.93 -2.99
C GLY A 66 1.96 -14.77 -3.29
N LEU A 67 3.13 -15.09 -3.83
CA LEU A 67 4.08 -14.06 -4.23
C LEU A 67 3.44 -13.04 -5.16
N LEU A 68 2.77 -13.52 -6.19
CA LEU A 68 2.16 -12.64 -7.19
C LEU A 68 1.11 -11.74 -6.57
N ILE A 69 0.28 -12.30 -5.70
CA ILE A 69 -0.78 -11.55 -5.04
C ILE A 69 -0.19 -10.43 -4.18
N VAL A 70 0.80 -10.76 -3.38
CA VAL A 70 1.50 -9.76 -2.57
C VAL A 70 2.16 -8.71 -3.44
N SER A 71 2.83 -9.14 -4.50
CA SER A 71 3.51 -8.23 -5.40
C SER A 71 2.54 -7.22 -6.01
N TYR A 72 1.34 -7.69 -6.35
CA TYR A 72 0.32 -6.84 -6.96
C TYR A 72 -0.17 -5.79 -5.95
N VAL A 73 -0.39 -6.23 -4.72
CA VAL A 73 -0.85 -5.33 -3.67
C VAL A 73 0.21 -4.28 -3.34
N VAL A 74 1.45 -4.72 -3.25
CA VAL A 74 2.57 -3.81 -3.02
C VAL A 74 2.68 -2.79 -4.15
N SER A 75 2.62 -3.28 -5.39
CA SER A 75 2.77 -2.41 -6.56
C SER A 75 1.69 -1.34 -6.57
N GLY A 76 0.48 -1.70 -6.16
CA GLY A 76 -0.65 -0.78 -6.19
C GLY A 76 -0.38 0.46 -5.34
N LYS A 77 0.51 0.31 -4.36
CA LYS A 77 0.81 1.38 -3.42
C LYS A 77 2.12 2.07 -3.76
N SER A 78 2.66 1.75 -4.94
CA SER A 78 3.92 2.33 -5.39
C SER A 78 3.73 3.77 -5.86
N VAL A 79 4.84 4.51 -5.93
CA VAL A 79 4.81 5.86 -6.48
C VAL A 79 4.33 5.86 -7.93
N ASP A 80 4.82 4.89 -8.70
CA ASP A 80 4.43 4.76 -10.10
C ASP A 80 2.92 4.69 -10.26
N MET A 81 2.28 3.88 -9.43
CA MET A 81 0.84 3.66 -9.51
C MET A 81 0.07 4.85 -8.93
N TYR A 82 0.68 5.51 -7.95
CA TYR A 82 0.12 6.72 -7.38
C TYR A 82 -0.03 7.81 -8.43
N ILE A 83 0.99 7.94 -9.28
CA ILE A 83 0.98 8.94 -10.35
C ILE A 83 -0.09 8.62 -11.39
N GLU A 84 -0.11 7.38 -11.84
CA GLU A 84 -1.11 6.93 -12.81
C GLU A 84 -2.52 7.04 -12.24
N ARG A 85 -2.66 6.68 -10.97
CA ARG A 85 -3.94 6.80 -10.28
C ARG A 85 -4.43 8.24 -10.28
N ALA A 86 -3.50 9.17 -10.02
CA ALA A 86 -3.84 10.58 -9.96
C ALA A 86 -4.49 11.05 -11.26
N GLY A 87 -4.05 10.48 -12.37
CA GLY A 87 -4.58 10.85 -13.68
C GLY A 87 -6.09 10.65 -13.74
N ASP A 88 -6.58 9.66 -13.01
CA ASP A 88 -7.99 9.29 -13.07
C ASP A 88 -8.71 9.63 -11.77
N ILE A 89 -8.10 10.51 -10.98
CA ILE A 89 -8.65 10.87 -9.68
C ILE A 89 -9.98 11.59 -9.82
N THR A 90 -10.97 11.19 -9.02
CA THR A 90 -12.28 11.82 -9.04
C THR A 90 -12.65 12.36 -7.66
N TRP A 91 -11.89 11.97 -6.66
CA TRP A 91 -12.23 12.27 -5.27
C TRP A 91 -11.96 13.73 -4.93
N GLU A 92 -12.99 14.44 -4.50
CA GLU A 92 -12.89 15.87 -4.25
C GLU A 92 -11.99 16.16 -3.06
N LYS A 93 -11.85 15.16 -2.17
CA LYS A 93 -11.08 15.32 -0.95
C LYS A 93 -9.61 14.99 -1.18
N ASP A 94 -9.30 14.54 -2.39
CA ASP A 94 -7.93 14.18 -2.74
C ASP A 94 -7.26 15.29 -3.56
N ALA A 95 -6.24 15.92 -2.98
CA ALA A 95 -5.70 17.17 -3.51
C ALA A 95 -5.31 17.02 -4.98
N GLU A 96 -5.05 15.78 -5.39
CA GLU A 96 -4.61 15.49 -6.75
C GLU A 96 -5.64 15.97 -7.77
N VAL A 97 -6.90 15.99 -7.35
CA VAL A 97 -7.99 16.38 -8.24
C VAL A 97 -7.88 17.84 -8.64
N THR A 98 -7.15 18.61 -7.86
CA THR A 98 -6.98 20.04 -8.11
C THR A 98 -5.75 20.31 -8.95
N GLY A 99 -5.03 19.25 -9.31
CA GLY A 99 -3.80 19.36 -10.07
C GLY A 99 -2.58 19.39 -9.15
N ASN A 100 -2.80 19.08 -7.88
CA ASN A 100 -1.72 19.05 -6.90
C ASN A 100 -0.94 17.74 -6.98
N SER A 101 0.33 17.83 -7.33
CA SER A 101 1.17 16.65 -7.53
C SER A 101 1.02 15.68 -6.37
N PRO A 102 1.05 14.39 -6.67
CA PRO A 102 0.87 13.35 -5.65
C PRO A 102 1.79 13.59 -4.46
N ARG A 103 1.25 13.39 -3.26
CA ARG A 103 2.01 13.60 -2.03
C ARG A 103 1.92 12.39 -1.12
N LEU A 104 2.88 12.27 -0.21
CA LEU A 104 2.89 11.17 0.76
C LEU A 104 2.60 11.68 2.17
N ASP A 105 2.88 12.96 2.39
CA ASP A 105 2.92 13.50 3.75
C ASP A 105 1.52 13.79 4.27
N VAL A 106 0.75 12.73 4.49
CA VAL A 106 -0.58 12.85 5.07
C VAL A 106 -0.53 13.46 6.47
N ALA A 107 -1.39 14.42 6.73
CA ALA A 107 -1.36 15.17 7.99
C ALA A 107 -2.73 15.72 8.34
N LEU A 108 -2.96 15.96 9.63
CA LEU A 108 -4.16 16.65 10.08
C LEU A 108 -3.89 18.14 10.30
N ASP A 109 -4.65 18.98 9.60
CA ASP A 109 -4.47 20.42 9.68
C ASP A 109 -5.16 21.01 10.90
N GLU A 110 -4.84 22.26 11.22
CA GLU A 110 -5.42 22.92 12.38
C GLU A 110 -6.92 23.10 12.23
N SER A 111 -7.39 23.09 10.99
CA SER A 111 -8.81 23.30 10.70
C SER A 111 -9.64 22.09 11.14
N GLY A 112 -8.97 20.97 11.36
CA GLY A 112 -9.64 19.70 11.62
C GLY A 112 -9.76 18.87 10.35
N ASP A 113 -9.41 19.47 9.21
CA ASP A 113 -9.44 18.76 7.94
C ASP A 113 -8.23 17.84 7.80
N PHE A 114 -8.49 16.59 7.42
CA PHE A 114 -7.43 15.61 7.23
C PHE A 114 -6.84 15.70 5.83
N SER A 115 -5.64 16.27 5.72
CA SER A 115 -5.05 16.57 4.42
C SER A 115 -4.60 15.30 3.71
N LEU A 116 -4.94 15.19 2.42
CA LEU A 116 -4.57 14.04 1.63
C LEU A 116 -5.25 12.77 2.14
N VAL A 117 -6.38 12.95 2.80
CA VAL A 117 -7.21 11.82 3.23
C VAL A 117 -8.60 11.89 2.60
N GLU A 118 -9.02 10.77 2.00
CA GLU A 118 -10.33 10.71 1.36
C GLU A 118 -11.44 10.51 2.39
N GLU A 119 -11.82 11.60 3.05
CA GLU A 119 -12.81 11.54 4.11
C GLU A 119 -14.15 11.02 3.59
N ASP A 120 -14.39 11.22 2.29
CA ASP A 120 -15.64 10.82 1.68
C ASP A 120 -15.58 9.37 1.19
N GLY A 121 -14.41 8.76 1.33
CA GLY A 121 -14.19 7.41 0.84
C GLY A 121 -14.49 6.38 1.93
N PRO A 122 -14.13 5.13 1.67
CA PRO A 122 -14.31 4.05 2.65
C PRO A 122 -13.58 4.37 3.94
N PRO A 123 -14.04 3.78 5.04
CA PRO A 123 -13.40 3.96 6.34
C PRO A 123 -11.91 3.64 6.27
N MET A 124 -11.11 4.46 6.95
CA MET A 124 -9.66 4.29 6.94
C MET A 124 -9.26 2.91 7.43
N ARG A 125 -9.96 2.42 8.45
CA ARG A 125 -9.71 1.10 8.99
C ARG A 125 -9.88 0.02 7.92
N GLU A 126 -10.96 0.13 7.15
CA GLU A 126 -11.27 -0.85 6.13
C GLU A 126 -10.24 -0.84 5.00
N ILE A 127 -9.75 0.35 4.68
CA ILE A 127 -8.72 0.51 3.66
C ILE A 127 -7.44 -0.20 4.06
N ILE A 128 -7.03 -0.01 5.32
CA ILE A 128 -5.85 -0.69 5.84
C ILE A 128 -6.04 -2.20 5.82
N LEU A 129 -7.20 -2.66 6.26
CA LEU A 129 -7.51 -4.09 6.27
C LEU A 129 -7.55 -4.65 4.86
N LYS A 130 -8.13 -3.88 3.94
CA LYS A 130 -8.24 -4.30 2.55
C LYS A 130 -6.90 -4.71 1.97
N VAL A 131 -5.89 -3.88 2.21
CA VAL A 131 -4.53 -4.17 1.74
C VAL A 131 -4.08 -5.55 2.17
N VAL A 132 -4.34 -5.89 3.43
CA VAL A 132 -3.95 -7.18 3.97
C VAL A 132 -4.88 -8.29 3.49
N LEU A 133 -6.18 -8.01 3.48
CA LEU A 133 -7.18 -9.02 3.21
C LEU A 133 -7.06 -9.54 1.78
N MET A 134 -6.57 -8.69 0.89
CA MET A 134 -6.39 -9.06 -0.51
C MET A 134 -5.38 -10.20 -0.65
N ALA A 135 -4.54 -10.36 0.37
CA ALA A 135 -3.50 -11.38 0.34
C ALA A 135 -4.01 -12.70 0.93
N ILE A 136 -4.16 -13.70 0.09
CA ILE A 136 -4.83 -14.93 0.46
C ILE A 136 -3.92 -15.85 1.26
N CYS A 137 -4.29 -16.09 2.52
CA CYS A 137 -3.42 -16.81 3.45
C CYS A 137 -3.31 -18.28 3.06
N GLY A 138 -4.25 -18.75 2.26
CA GLY A 138 -4.30 -20.15 1.86
C GLY A 138 -3.31 -20.45 0.75
N MET A 139 -2.66 -19.40 0.24
CA MET A 139 -1.69 -19.54 -0.83
C MET A 139 -0.29 -19.79 -0.28
N ASN A 140 0.08 -19.04 0.74
CA ASN A 140 1.42 -19.12 1.31
C ASN A 140 1.42 -18.74 2.79
N PRO A 141 1.39 -19.74 3.66
CA PRO A 141 1.19 -19.51 5.08
C PRO A 141 2.29 -18.64 5.66
N ILE A 142 3.38 -18.50 4.92
CA ILE A 142 4.55 -17.76 5.40
C ILE A 142 4.59 -16.36 4.80
N ALA A 143 4.59 -16.29 3.47
CA ALA A 143 4.81 -15.03 2.77
C ALA A 143 3.68 -14.04 3.07
N ILE A 144 2.47 -14.55 3.23
CA ILE A 144 1.28 -13.70 3.30
C ILE A 144 1.28 -12.86 4.55
N PRO A 145 1.38 -13.51 5.71
CA PRO A 145 1.38 -12.82 6.99
C PRO A 145 2.64 -11.96 7.15
N PHE A 146 3.69 -12.32 6.43
CA PHE A 146 4.91 -11.52 6.39
C PHE A 146 4.66 -10.18 5.70
N ALA A 147 4.01 -10.24 4.55
CA ALA A 147 3.60 -9.03 3.84
C ALA A 147 2.63 -8.19 4.67
N ALA A 148 1.72 -8.88 5.35
CA ALA A 148 0.74 -8.21 6.22
C ALA A 148 1.42 -7.36 7.27
N GLY A 149 2.44 -7.93 7.92
CA GLY A 149 3.23 -7.20 8.90
C GLY A 149 3.79 -5.91 8.31
N ALA A 150 4.48 -6.03 7.18
CA ALA A 150 5.08 -4.88 6.53
C ALA A 150 4.03 -3.84 6.14
N TRP A 151 2.86 -4.32 5.72
CA TRP A 151 1.78 -3.44 5.31
C TRP A 151 1.21 -2.68 6.50
N TYR A 152 1.13 -3.36 7.64
CA TYR A 152 0.68 -2.73 8.88
C TYR A 152 1.65 -1.64 9.33
N VAL A 153 2.92 -1.82 8.98
CA VAL A 153 3.93 -0.79 9.21
C VAL A 153 3.80 0.34 8.19
N TYR A 154 3.60 -0.03 6.93
CA TYR A 154 3.50 0.95 5.85
C TYR A 154 2.50 2.04 6.19
N VAL A 155 1.31 1.63 6.62
CA VAL A 155 0.20 2.55 6.81
C VAL A 155 0.45 3.48 7.98
N LYS A 156 1.45 3.17 8.79
CA LYS A 156 1.80 3.97 9.95
C LYS A 156 2.64 5.18 9.56
N THR A 157 2.94 5.29 8.27
CA THR A 157 3.57 6.48 7.72
C THR A 157 2.56 7.62 7.55
N GLY A 158 1.28 7.27 7.62
CA GLY A 158 0.21 8.24 7.40
C GLY A 158 -0.47 8.02 6.06
N LYS A 159 0.27 7.45 5.12
CA LYS A 159 -0.25 7.23 3.78
C LYS A 159 -1.41 6.24 3.78
N ARG A 160 -2.49 6.59 3.07
CA ARG A 160 -3.71 5.80 3.09
C ARG A 160 -3.88 5.02 1.80
N SER A 31 7.59 16.95 -4.17
CA SER A 31 6.38 16.51 -3.51
C SER A 31 6.58 15.19 -2.79
N TRP A 32 7.84 14.85 -2.52
CA TRP A 32 8.19 13.57 -1.92
C TRP A 32 9.11 13.75 -0.73
N PRO A 33 8.52 14.05 0.42
CA PRO A 33 9.29 14.25 1.65
C PRO A 33 10.20 13.06 1.94
N PRO A 34 11.18 13.28 2.80
CA PRO A 34 12.15 12.24 3.13
C PRO A 34 11.44 10.99 3.65
N SER A 35 10.22 11.15 4.12
CA SER A 35 9.45 10.03 4.66
C SER A 35 9.21 8.97 3.60
N GLU A 36 9.46 9.33 2.34
CA GLU A 36 9.36 8.37 1.24
C GLU A 36 10.17 7.11 1.53
N VAL A 37 11.28 7.28 2.24
CA VAL A 37 12.13 6.16 2.60
C VAL A 37 11.36 5.09 3.37
N LEU A 38 10.51 5.54 4.29
CA LEU A 38 9.71 4.64 5.11
C LEU A 38 8.72 3.87 4.25
N THR A 39 8.14 4.53 3.27
CA THR A 39 7.21 3.90 2.35
C THR A 39 7.92 2.92 1.42
N ALA A 40 9.15 3.28 1.04
CA ALA A 40 9.96 2.40 0.21
C ALA A 40 10.34 1.13 0.94
N VAL A 41 10.90 1.27 2.14
CA VAL A 41 11.35 0.13 2.92
C VAL A 41 10.20 -0.81 3.23
N GLY A 42 9.06 -0.24 3.60
CA GLY A 42 7.86 -1.03 3.87
C GLY A 42 7.53 -1.95 2.69
N LEU A 43 7.39 -1.36 1.51
CA LEU A 43 7.02 -2.13 0.32
C LEU A 43 8.09 -3.13 -0.06
N ILE A 44 9.35 -2.71 0.07
CA ILE A 44 10.47 -3.58 -0.23
C ILE A 44 10.50 -4.80 0.68
N CYS A 45 10.28 -4.58 1.97
CA CYS A 45 10.23 -5.66 2.94
C CYS A 45 9.12 -6.65 2.62
N ALA A 46 7.98 -6.12 2.18
CA ALA A 46 6.85 -6.95 1.79
C ALA A 46 7.23 -7.86 0.61
N LEU A 47 7.90 -7.28 -0.38
CA LEU A 47 8.32 -8.04 -1.55
C LEU A 47 9.29 -9.16 -1.16
N ALA A 48 10.20 -8.85 -0.24
CA ALA A 48 11.13 -9.85 0.28
C ALA A 48 10.40 -10.99 0.96
N GLY A 49 9.41 -10.65 1.78
CA GLY A 49 8.58 -11.65 2.43
C GLY A 49 7.83 -12.50 1.40
N GLY A 50 7.48 -11.88 0.27
CA GLY A 50 6.72 -12.56 -0.76
C GLY A 50 7.46 -13.79 -1.29
N PHE A 51 8.78 -13.77 -1.15
CA PHE A 51 9.62 -14.83 -1.71
C PHE A 51 9.86 -15.94 -0.69
N ALA A 52 9.23 -15.82 0.48
CA ALA A 52 9.37 -16.81 1.53
C ALA A 52 8.76 -18.14 1.12
N LYS A 53 9.61 -19.14 0.90
CA LYS A 53 9.16 -20.43 0.41
C LYS A 53 8.44 -20.30 -0.92
N ALA A 54 8.88 -19.34 -1.73
CA ALA A 54 8.31 -19.12 -3.05
C ALA A 54 9.39 -18.77 -4.06
N ASP A 55 9.20 -19.25 -5.30
CA ASP A 55 10.18 -19.00 -6.36
C ASP A 55 11.57 -19.50 -5.96
N ILE A 56 11.62 -20.69 -5.37
CA ILE A 56 12.88 -21.28 -4.96
C ILE A 56 13.12 -22.61 -5.66
N GLU A 57 12.42 -22.82 -6.76
CA GLU A 57 12.58 -24.04 -7.55
C GLU A 57 12.17 -25.27 -6.75
N MET A 58 11.58 -25.05 -5.58
CA MET A 58 10.97 -26.12 -4.81
C MET A 58 9.57 -25.74 -4.34
N ALA A 59 9.08 -24.61 -4.84
CA ALA A 59 7.82 -24.06 -4.36
C ALA A 59 6.64 -24.73 -5.05
N GLY A 60 5.51 -24.80 -4.34
CA GLY A 60 4.27 -25.28 -4.94
C GLY A 60 3.54 -24.17 -5.69
N PRO A 61 2.59 -24.56 -6.52
CA PRO A 61 1.80 -23.60 -7.29
C PRO A 61 1.19 -22.54 -6.38
N MET A 62 0.75 -22.96 -5.19
CA MET A 62 0.08 -22.07 -4.26
C MET A 62 1.05 -21.03 -3.70
N ALA A 63 2.27 -21.46 -3.42
CA ALA A 63 3.31 -20.55 -2.95
C ALA A 63 3.64 -19.49 -4.00
N ALA A 64 3.65 -19.90 -5.27
CA ALA A 64 3.86 -18.99 -6.38
C ALA A 64 2.76 -17.92 -6.42
N VAL A 65 1.52 -18.34 -6.20
CA VAL A 65 0.41 -17.41 -6.11
C VAL A 65 0.57 -16.44 -4.95
N GLY A 66 1.05 -16.96 -3.82
CA GLY A 66 1.37 -16.12 -2.67
C GLY A 66 2.27 -14.96 -3.06
N LEU A 67 3.36 -15.27 -3.75
CA LEU A 67 4.28 -14.25 -4.24
C LEU A 67 3.56 -13.24 -5.13
N LEU A 68 2.75 -13.74 -6.05
CA LEU A 68 2.03 -12.89 -6.99
C LEU A 68 1.07 -11.96 -6.26
N ILE A 69 0.43 -12.47 -5.23
CA ILE A 69 -0.47 -11.67 -4.41
C ILE A 69 0.25 -10.51 -3.76
N VAL A 70 1.42 -10.79 -3.19
CA VAL A 70 2.24 -9.76 -2.57
C VAL A 70 2.66 -8.70 -3.58
N SER A 71 3.10 -9.16 -4.76
CA SER A 71 3.48 -8.25 -5.83
C SER A 71 2.31 -7.37 -6.25
N TYR A 72 1.12 -7.97 -6.32
CA TYR A 72 -0.09 -7.23 -6.67
C TYR A 72 -0.34 -6.09 -5.67
N VAL A 73 -0.37 -6.43 -4.40
CA VAL A 73 -0.68 -5.46 -3.35
C VAL A 73 0.37 -4.35 -3.31
N VAL A 74 1.64 -4.74 -3.36
CA VAL A 74 2.74 -3.78 -3.36
C VAL A 74 2.64 -2.85 -4.56
N SER A 75 2.34 -3.41 -5.73
CA SER A 75 2.15 -2.62 -6.93
C SER A 75 1.01 -1.62 -6.76
N GLY A 76 -0.06 -2.06 -6.11
CA GLY A 76 -1.21 -1.20 -5.85
C GLY A 76 -0.82 0.01 -4.99
N LYS A 77 0.19 -0.19 -4.15
CA LYS A 77 0.63 0.86 -3.24
C LYS A 77 1.90 1.54 -3.74
N SER A 78 2.24 1.28 -5.00
CA SER A 78 3.45 1.84 -5.60
C SER A 78 3.26 3.33 -5.92
N VAL A 79 4.37 4.04 -6.07
CA VAL A 79 4.33 5.42 -6.51
C VAL A 79 3.71 5.54 -7.91
N ASP A 80 4.08 4.62 -8.79
CA ASP A 80 3.56 4.61 -10.15
C ASP A 80 2.03 4.55 -10.15
N MET A 81 1.48 3.70 -9.28
CA MET A 81 0.03 3.56 -9.16
C MET A 81 -0.59 4.84 -8.60
N TYR A 82 0.10 5.47 -7.66
CA TYR A 82 -0.37 6.72 -7.07
C TYR A 82 -0.45 7.82 -8.12
N ILE A 83 0.52 7.84 -9.03
CA ILE A 83 0.52 8.80 -10.12
C ILE A 83 -0.67 8.59 -11.05
N GLU A 84 -0.91 7.33 -11.41
CA GLU A 84 -2.05 6.98 -12.23
C GLU A 84 -3.36 7.31 -11.53
N ARG A 85 -3.42 7.04 -10.23
CA ARG A 85 -4.57 7.42 -9.42
C ARG A 85 -4.85 8.90 -9.51
N ALA A 86 -3.81 9.71 -9.30
CA ALA A 86 -3.93 11.16 -9.38
C ALA A 86 -4.43 11.60 -10.75
N GLY A 87 -3.93 10.97 -11.79
CA GLY A 87 -4.28 11.33 -13.16
C GLY A 87 -5.79 11.36 -13.35
N ASP A 88 -6.44 10.25 -13.01
CA ASP A 88 -7.87 10.10 -13.26
C ASP A 88 -8.67 10.18 -11.97
N ILE A 89 -8.10 10.86 -10.98
CA ILE A 89 -8.75 10.99 -9.67
C ILE A 89 -10.04 11.80 -9.75
N THR A 90 -11.05 11.36 -9.02
CA THR A 90 -12.35 12.02 -9.04
C THR A 90 -12.73 12.55 -7.67
N TRP A 91 -11.82 12.38 -6.71
CA TRP A 91 -12.08 12.79 -5.33
C TRP A 91 -11.86 14.29 -5.15
N GLU A 92 -12.95 15.01 -4.90
CA GLU A 92 -12.90 16.47 -4.84
C GLU A 92 -12.12 16.94 -3.63
N LYS A 93 -12.03 16.09 -2.61
CA LYS A 93 -11.37 16.45 -1.36
C LYS A 93 -9.86 16.27 -1.46
N ASP A 94 -9.42 15.58 -2.51
CA ASP A 94 -8.01 15.23 -2.66
C ASP A 94 -7.30 16.19 -3.60
N ALA A 95 -6.31 16.90 -3.08
CA ALA A 95 -5.72 18.03 -3.79
C ALA A 95 -5.20 17.60 -5.16
N GLU A 96 -4.96 16.31 -5.32
CA GLU A 96 -4.44 15.77 -6.58
C GLU A 96 -5.40 16.09 -7.73
N VAL A 97 -6.68 16.24 -7.41
CA VAL A 97 -7.69 16.51 -8.42
C VAL A 97 -7.47 17.87 -9.08
N THR A 98 -6.73 18.73 -8.39
CA THR A 98 -6.47 20.08 -8.89
C THR A 98 -5.18 20.13 -9.70
N GLY A 99 -4.53 18.98 -9.83
CA GLY A 99 -3.26 18.89 -10.54
C GLY A 99 -2.08 18.93 -9.58
N ASN A 100 -2.36 18.80 -8.29
CA ASN A 100 -1.32 18.79 -7.27
C ASN A 100 -0.58 17.46 -7.24
N SER A 101 0.72 17.51 -7.51
CA SER A 101 1.52 16.30 -7.60
C SER A 101 1.31 15.40 -6.39
N PRO A 102 1.32 14.09 -6.60
CA PRO A 102 1.14 13.13 -5.53
C PRO A 102 2.08 13.43 -4.36
N ARG A 103 1.54 13.37 -3.15
CA ARG A 103 2.29 13.75 -1.96
C ARG A 103 2.19 12.67 -0.89
N LEU A 104 3.08 12.74 0.10
CA LEU A 104 2.97 11.89 1.28
C LEU A 104 2.35 12.65 2.44
N ASP A 105 1.92 13.88 2.18
CA ASP A 105 1.53 14.79 3.25
C ASP A 105 0.12 14.50 3.73
N VAL A 106 -0.06 13.33 4.32
CA VAL A 106 -1.38 12.92 4.83
C VAL A 106 -1.46 13.12 6.34
N ALA A 107 -2.41 13.95 6.76
CA ALA A 107 -2.49 14.36 8.16
C ALA A 107 -3.84 15.02 8.46
N LEU A 108 -4.20 15.07 9.74
CA LEU A 108 -5.33 15.87 10.18
C LEU A 108 -4.88 17.28 10.55
N ASP A 109 -5.42 18.27 9.86
CA ASP A 109 -5.05 19.67 10.07
C ASP A 109 -5.84 20.28 11.22
N GLU A 110 -5.43 21.46 11.64
CA GLU A 110 -6.10 22.17 12.73
C GLU A 110 -7.54 22.51 12.35
N SER A 111 -7.80 22.62 11.05
CA SER A 111 -9.12 22.97 10.57
C SER A 111 -10.12 21.85 10.80
N GLY A 112 -9.60 20.65 11.07
CA GLY A 112 -10.43 19.46 11.19
C GLY A 112 -10.46 18.68 9.88
N ASP A 113 -9.88 19.26 8.83
CA ASP A 113 -9.83 18.60 7.53
C ASP A 113 -8.72 17.56 7.49
N PHE A 114 -9.02 16.42 6.88
CA PHE A 114 -8.03 15.35 6.73
C PHE A 114 -7.32 15.47 5.39
N SER A 115 -6.10 15.98 5.41
CA SER A 115 -5.39 16.35 4.19
C SER A 115 -5.08 15.11 3.35
N LEU A 116 -5.49 15.15 2.09
CA LEU A 116 -5.21 14.05 1.16
C LEU A 116 -5.80 12.75 1.66
N VAL A 117 -6.94 12.84 2.35
CA VAL A 117 -7.70 11.67 2.75
C VAL A 117 -9.07 11.65 2.08
N GLU A 118 -9.48 10.48 1.61
CA GLU A 118 -10.77 10.32 0.96
C GLU A 118 -11.92 10.41 1.96
N GLU A 119 -12.20 11.63 2.41
CA GLU A 119 -13.23 11.85 3.41
C GLU A 119 -14.59 11.34 2.93
N ASP A 120 -14.81 11.41 1.62
CA ASP A 120 -16.06 10.96 1.03
C ASP A 120 -16.00 9.49 0.63
N GLY A 121 -14.84 8.86 0.88
CA GLY A 121 -14.64 7.48 0.51
C GLY A 121 -14.77 6.56 1.73
N PRO A 122 -14.28 5.33 1.59
CA PRO A 122 -14.32 4.37 2.68
C PRO A 122 -13.59 4.90 3.91
N PRO A 123 -14.00 4.43 5.08
CA PRO A 123 -13.33 4.79 6.33
C PRO A 123 -11.84 4.51 6.27
N MET A 124 -11.05 5.32 6.96
CA MET A 124 -9.60 5.17 6.96
C MET A 124 -9.20 3.79 7.47
N ARG A 125 -9.99 3.26 8.39
CA ARG A 125 -9.72 1.94 8.96
C ARG A 125 -9.75 0.86 7.88
N GLU A 126 -10.73 0.94 7.00
CA GLU A 126 -10.84 0.00 5.89
C GLU A 126 -9.70 0.19 4.89
N ILE A 127 -9.33 1.44 4.66
CA ILE A 127 -8.21 1.76 3.79
C ILE A 127 -6.92 1.17 4.32
N ILE A 128 -6.72 1.26 5.63
CA ILE A 128 -5.56 0.66 6.28
C ILE A 128 -5.56 -0.86 6.10
N LEU A 129 -6.65 -1.50 6.53
CA LEU A 129 -6.71 -2.95 6.58
C LEU A 129 -6.66 -3.55 5.18
N LYS A 130 -7.20 -2.82 4.21
CA LYS A 130 -7.31 -3.33 2.84
C LYS A 130 -5.99 -3.92 2.37
N VAL A 131 -4.89 -3.27 2.72
CA VAL A 131 -3.58 -3.64 2.21
C VAL A 131 -3.21 -5.06 2.59
N VAL A 132 -3.85 -5.57 3.65
CA VAL A 132 -3.66 -6.96 4.05
C VAL A 132 -4.82 -7.83 3.60
N LEU A 133 -6.03 -7.29 3.69
CA LEU A 133 -7.24 -8.08 3.46
C LEU A 133 -7.30 -8.58 2.03
N MET A 134 -6.65 -7.86 1.12
CA MET A 134 -6.60 -8.26 -0.28
C MET A 134 -5.89 -9.60 -0.45
N ALA A 135 -4.99 -9.90 0.49
CA ALA A 135 -4.11 -11.06 0.35
C ALA A 135 -4.78 -12.33 0.87
N ILE A 136 -4.35 -13.47 0.37
CA ILE A 136 -4.89 -14.76 0.79
C ILE A 136 -3.83 -15.61 1.46
N CYS A 137 -3.93 -15.75 2.78
CA CYS A 137 -2.92 -16.47 3.55
C CYS A 137 -2.95 -17.96 3.23
N GLY A 138 -4.07 -18.42 2.68
CA GLY A 138 -4.25 -19.82 2.37
C GLY A 138 -3.33 -20.25 1.22
N MET A 139 -2.81 -19.27 0.49
CA MET A 139 -1.92 -19.53 -0.63
C MET A 139 -0.49 -19.79 -0.15
N ASN A 140 -0.06 -19.02 0.84
CA ASN A 140 1.28 -19.16 1.40
C ASN A 140 1.32 -18.71 2.85
N PRO A 141 1.15 -19.65 3.76
CA PRO A 141 0.97 -19.33 5.18
C PRO A 141 2.21 -18.65 5.76
N ILE A 142 3.26 -18.56 4.94
CA ILE A 142 4.50 -17.92 5.36
C ILE A 142 4.64 -16.54 4.73
N ALA A 143 4.64 -16.48 3.41
CA ALA A 143 5.00 -15.28 2.68
C ALA A 143 3.99 -14.16 2.94
N ILE A 144 2.71 -14.54 3.01
CA ILE A 144 1.63 -13.56 3.02
C ILE A 144 1.61 -12.78 4.34
N PRO A 145 1.55 -13.49 5.45
CA PRO A 145 1.50 -12.87 6.77
C PRO A 145 2.82 -12.15 7.07
N PHE A 146 3.88 -12.57 6.39
CA PHE A 146 5.15 -11.86 6.45
C PHE A 146 5.06 -10.50 5.76
N ALA A 147 4.50 -10.50 4.56
CA ALA A 147 4.23 -9.26 3.84
C ALA A 147 3.25 -8.38 4.60
N ALA A 148 2.26 -9.03 5.24
CA ALA A 148 1.28 -8.32 6.03
C ALA A 148 1.94 -7.51 7.15
N GLY A 149 2.93 -8.11 7.79
CA GLY A 149 3.74 -7.40 8.78
C GLY A 149 4.33 -6.12 8.18
N ALA A 150 5.00 -6.25 7.05
CA ALA A 150 5.59 -5.10 6.37
C ALA A 150 4.53 -4.08 5.99
N TRP A 151 3.37 -4.57 5.58
CA TRP A 151 2.27 -3.70 5.18
C TRP A 151 1.67 -2.98 6.37
N TYR A 152 1.66 -3.64 7.52
CA TYR A 152 1.20 -3.02 8.75
C TYR A 152 2.13 -1.91 9.21
N VAL A 153 3.39 -2.02 8.82
CA VAL A 153 4.36 -0.93 9.01
C VAL A 153 4.13 0.18 7.99
N TYR A 154 3.90 -0.20 6.74
CA TYR A 154 3.70 0.76 5.66
C TYR A 154 2.64 1.79 6.03
N VAL A 155 1.51 1.30 6.53
CA VAL A 155 0.37 2.17 6.79
C VAL A 155 0.65 3.14 7.93
N LYS A 156 1.69 2.84 8.71
CA LYS A 156 2.03 3.64 9.88
C LYS A 156 2.83 4.88 9.48
N THR A 157 3.05 5.04 8.18
CA THR A 157 3.63 6.26 7.64
C THR A 157 2.61 7.40 7.65
N GLY A 158 1.34 7.04 7.84
CA GLY A 158 0.28 8.04 7.93
C GLY A 158 -0.47 8.15 6.62
N LYS A 159 0.12 7.62 5.54
CA LYS A 159 -0.48 7.72 4.23
C LYS A 159 -1.71 6.81 4.11
N ARG A 160 -2.77 7.35 3.51
CA ARG A 160 -4.03 6.62 3.40
C ARG A 160 -4.48 6.55 1.94
N SER A 31 8.50 17.33 -6.08
CA SER A 31 7.24 17.24 -5.34
C SER A 31 7.08 15.86 -4.71
N TRP A 32 8.19 15.26 -4.29
CA TRP A 32 8.17 13.95 -3.66
C TRP A 32 8.97 13.95 -2.36
N PRO A 33 8.32 14.33 -1.26
CA PRO A 33 9.00 14.50 0.01
C PRO A 33 9.73 13.23 0.41
N PRO A 34 10.89 13.40 1.06
CA PRO A 34 11.68 12.26 1.51
C PRO A 34 10.86 11.33 2.40
N SER A 35 9.80 11.86 2.99
CA SER A 35 8.97 11.11 3.91
C SER A 35 8.46 9.83 3.27
N GLU A 36 8.35 9.85 1.94
CA GLU A 36 7.81 8.71 1.20
C GLU A 36 8.64 7.46 1.42
N VAL A 37 9.87 7.64 1.87
CA VAL A 37 10.77 6.52 2.14
C VAL A 37 10.13 5.51 3.09
N LEU A 38 9.23 6.00 3.94
CA LEU A 38 8.52 5.15 4.87
C LEU A 38 7.62 4.17 4.15
N THR A 39 7.03 4.61 3.05
CA THR A 39 6.12 3.78 2.27
C THR A 39 6.90 2.80 1.38
N ALA A 40 8.07 3.23 0.92
CA ALA A 40 8.95 2.37 0.14
C ALA A 40 9.40 1.17 0.97
N VAL A 41 9.92 1.43 2.16
CA VAL A 41 10.41 0.38 3.03
C VAL A 41 9.33 -0.62 3.37
N GLY A 42 8.14 -0.11 3.70
CA GLY A 42 6.99 -0.96 3.98
C GLY A 42 6.75 -1.96 2.87
N LEU A 43 6.62 -1.45 1.64
CA LEU A 43 6.31 -2.29 0.50
C LEU A 43 7.44 -3.25 0.18
N ILE A 44 8.67 -2.76 0.33
CA ILE A 44 9.86 -3.59 0.10
C ILE A 44 9.90 -4.77 1.07
N CYS A 45 9.61 -4.49 2.34
CA CYS A 45 9.55 -5.54 3.35
C CYS A 45 8.50 -6.59 3.00
N ALA A 46 7.36 -6.14 2.48
CA ALA A 46 6.30 -7.05 2.06
C ALA A 46 6.77 -7.95 0.92
N LEU A 47 7.46 -7.36 -0.04
CA LEU A 47 7.99 -8.11 -1.18
C LEU A 47 9.00 -9.16 -0.73
N ALA A 48 9.84 -8.78 0.22
CA ALA A 48 10.82 -9.70 0.79
C ALA A 48 10.13 -10.90 1.44
N GLY A 49 9.08 -10.63 2.20
CA GLY A 49 8.26 -11.70 2.80
C GLY A 49 7.64 -12.58 1.72
N GLY A 50 7.32 -11.98 0.58
CA GLY A 50 6.68 -12.71 -0.51
C GLY A 50 7.56 -13.86 -1.01
N PHE A 51 8.86 -13.74 -0.77
CA PHE A 51 9.82 -14.72 -1.29
C PHE A 51 10.07 -15.82 -0.29
N ALA A 52 9.35 -15.79 0.84
CA ALA A 52 9.50 -16.79 1.88
C ALA A 52 9.07 -18.17 1.38
N LYS A 53 10.05 -19.06 1.22
CA LYS A 53 9.78 -20.37 0.65
C LYS A 53 9.09 -20.26 -0.71
N ALA A 54 9.49 -19.26 -1.49
CA ALA A 54 8.95 -19.07 -2.83
C ALA A 54 10.03 -18.60 -3.80
N ASP A 55 9.93 -19.06 -5.04
CA ASP A 55 10.91 -18.71 -6.06
C ASP A 55 12.32 -19.10 -5.63
N ILE A 56 12.46 -20.29 -5.07
CA ILE A 56 13.74 -20.79 -4.60
C ILE A 56 14.15 -22.07 -5.33
N GLU A 57 13.53 -22.30 -6.48
CA GLU A 57 13.84 -23.46 -7.29
C GLU A 57 13.42 -24.75 -6.61
N MET A 58 12.88 -24.62 -5.40
CA MET A 58 12.28 -25.75 -4.69
C MET A 58 10.84 -25.46 -4.31
N ALA A 59 10.32 -24.35 -4.81
CA ALA A 59 8.97 -23.91 -4.44
C ALA A 59 7.91 -24.68 -5.22
N GLY A 60 6.75 -24.87 -4.59
CA GLY A 60 5.59 -25.44 -5.28
C GLY A 60 4.81 -24.37 -6.02
N PRO A 61 3.93 -24.79 -6.91
CA PRO A 61 3.09 -23.87 -7.67
C PRO A 61 2.37 -22.90 -6.75
N MET A 62 1.89 -23.42 -5.62
CA MET A 62 1.13 -22.61 -4.66
C MET A 62 1.99 -21.50 -4.08
N ALA A 63 3.22 -21.86 -3.69
CA ALA A 63 4.17 -20.90 -3.15
C ALA A 63 4.49 -19.80 -4.15
N ALA A 64 4.61 -20.19 -5.42
CA ALA A 64 4.84 -19.23 -6.49
C ALA A 64 3.69 -18.23 -6.61
N VAL A 65 2.47 -18.75 -6.50
CA VAL A 65 1.28 -17.89 -6.48
C VAL A 65 1.29 -16.95 -5.28
N GLY A 66 1.71 -17.48 -4.13
CA GLY A 66 1.86 -16.67 -2.93
C GLY A 66 2.68 -15.41 -3.22
N LEU A 67 3.84 -15.60 -3.83
CA LEU A 67 4.69 -14.48 -4.22
C LEU A 67 3.95 -13.51 -5.13
N LEU A 68 3.27 -14.05 -6.14
CA LEU A 68 2.57 -13.24 -7.11
C LEU A 68 1.46 -12.43 -6.45
N ILE A 69 0.79 -13.03 -5.48
CA ILE A 69 -0.26 -12.35 -4.73
C ILE A 69 0.30 -11.13 -4.00
N VAL A 70 1.43 -11.31 -3.34
CA VAL A 70 2.10 -10.22 -2.64
C VAL A 70 2.51 -9.12 -3.60
N SER A 71 3.09 -9.51 -4.73
CA SER A 71 3.50 -8.55 -5.75
C SER A 71 2.32 -7.75 -6.27
N TYR A 72 1.20 -8.42 -6.48
CA TYR A 72 -0.02 -7.76 -6.94
C TYR A 72 -0.45 -6.67 -5.96
N VAL A 73 -0.60 -7.03 -4.69
CA VAL A 73 -1.08 -6.10 -3.68
C VAL A 73 -0.10 -4.94 -3.50
N VAL A 74 1.19 -5.26 -3.47
CA VAL A 74 2.23 -4.23 -3.37
C VAL A 74 2.19 -3.29 -4.56
N SER A 75 2.06 -3.86 -5.75
CA SER A 75 2.03 -3.07 -6.99
C SER A 75 0.91 -2.04 -6.95
N GLY A 76 -0.22 -2.42 -6.38
CA GLY A 76 -1.38 -1.54 -6.30
C GLY A 76 -1.06 -0.28 -5.50
N LYS A 77 -0.03 -0.36 -4.66
CA LYS A 77 0.34 0.76 -3.80
C LYS A 77 1.66 1.38 -4.26
N SER A 78 2.06 1.08 -5.50
CA SER A 78 3.28 1.63 -6.06
C SER A 78 3.12 3.12 -6.35
N VAL A 79 4.25 3.80 -6.51
CA VAL A 79 4.25 5.22 -6.86
C VAL A 79 3.51 5.46 -8.18
N ASP A 80 3.76 4.60 -9.15
CA ASP A 80 3.12 4.72 -10.45
C ASP A 80 1.59 4.68 -10.33
N MET A 81 1.10 3.76 -9.51
CA MET A 81 -0.34 3.60 -9.32
C MET A 81 -0.93 4.84 -8.64
N TYR A 82 -0.17 5.41 -7.71
CA TYR A 82 -0.59 6.64 -7.04
C TYR A 82 -0.68 7.81 -8.02
N ILE A 83 0.28 7.85 -8.95
CA ILE A 83 0.27 8.88 -9.98
C ILE A 83 -0.92 8.73 -10.92
N GLU A 84 -1.14 7.52 -11.40
CA GLU A 84 -2.27 7.23 -12.28
C GLU A 84 -3.60 7.48 -11.57
N ARG A 85 -3.66 7.09 -10.30
CA ARG A 85 -4.84 7.37 -9.48
C ARG A 85 -5.10 8.87 -9.40
N ALA A 86 -4.06 9.64 -9.14
CA ALA A 86 -4.17 11.10 -9.08
C ALA A 86 -4.70 11.65 -10.40
N GLY A 87 -4.23 11.10 -11.51
CA GLY A 87 -4.62 11.58 -12.83
C GLY A 87 -6.14 11.66 -12.96
N ASP A 88 -6.82 10.56 -12.66
CA ASP A 88 -8.25 10.46 -12.90
C ASP A 88 -9.03 10.47 -11.59
N ILE A 89 -8.42 11.06 -10.56
CA ILE A 89 -9.03 11.13 -9.23
C ILE A 89 -10.22 12.08 -9.22
N THR A 90 -11.27 11.70 -8.50
CA THR A 90 -12.48 12.49 -8.44
C THR A 90 -12.78 12.95 -7.02
N TRP A 91 -11.88 12.63 -6.11
CA TRP A 91 -12.06 12.96 -4.69
C TRP A 91 -11.70 14.41 -4.41
N GLU A 92 -12.70 15.22 -4.09
CA GLU A 92 -12.51 16.65 -3.91
C GLU A 92 -11.68 16.95 -2.67
N LYS A 93 -11.67 16.00 -1.73
CA LYS A 93 -10.94 16.18 -0.48
C LYS A 93 -9.45 15.87 -0.67
N ASP A 94 -9.12 15.23 -1.78
CA ASP A 94 -7.75 14.76 -2.02
C ASP A 94 -6.98 15.74 -2.88
N ALA A 95 -5.91 16.31 -2.32
CA ALA A 95 -5.20 17.41 -2.97
C ALA A 95 -4.76 17.02 -4.37
N GLU A 96 -4.65 15.72 -4.62
CA GLU A 96 -4.23 15.22 -5.92
C GLU A 96 -5.15 15.70 -7.03
N VAL A 97 -6.40 15.97 -6.68
CA VAL A 97 -7.40 16.41 -7.66
C VAL A 97 -7.02 17.77 -8.23
N THR A 98 -6.19 18.51 -7.51
CA THR A 98 -5.79 19.85 -7.94
C THR A 98 -4.49 19.79 -8.74
N GLY A 99 -3.96 18.59 -8.92
CA GLY A 99 -2.70 18.40 -9.62
C GLY A 99 -1.53 18.36 -8.65
N ASN A 100 -1.83 18.25 -7.37
CA ASN A 100 -0.80 18.18 -6.34
C ASN A 100 -0.27 16.75 -6.19
N SER A 101 1.00 16.57 -6.53
CA SER A 101 1.61 15.24 -6.53
C SER A 101 1.31 14.49 -5.24
N PRO A 102 1.18 13.18 -5.33
CA PRO A 102 0.95 12.34 -4.17
C PRO A 102 1.95 12.64 -3.05
N ARG A 103 1.45 12.79 -1.83
CA ARG A 103 2.30 13.12 -0.70
C ARG A 103 1.98 12.22 0.50
N LEU A 104 2.84 12.28 1.50
CA LEU A 104 2.64 11.49 2.73
C LEU A 104 2.41 12.40 3.93
N ASP A 105 2.87 13.64 3.82
CA ASP A 105 3.01 14.51 4.98
C ASP A 105 1.65 15.05 5.42
N VAL A 106 0.81 14.18 5.96
CA VAL A 106 -0.51 14.57 6.44
C VAL A 106 -0.42 15.62 7.53
N ALA A 107 -1.26 16.63 7.45
CA ALA A 107 -1.26 17.73 8.42
C ALA A 107 -2.63 18.36 8.56
N LEU A 108 -2.89 18.95 9.72
CA LEU A 108 -4.13 19.69 9.94
C LEU A 108 -3.90 21.20 9.79
N ASP A 109 -4.63 21.80 8.86
CA ASP A 109 -4.46 23.23 8.58
C ASP A 109 -5.27 24.07 9.56
N GLU A 110 -5.01 25.38 9.55
CA GLU A 110 -5.70 26.30 10.45
C GLU A 110 -7.20 26.34 10.15
N SER A 111 -7.56 26.00 8.91
CA SER A 111 -8.95 26.05 8.49
C SER A 111 -9.77 24.94 9.15
N GLY A 112 -9.07 23.95 9.70
CA GLY A 112 -9.72 22.76 10.23
C GLY A 112 -9.72 21.62 9.21
N ASP A 113 -9.29 21.94 8.00
CA ASP A 113 -9.21 20.93 6.93
C ASP A 113 -7.98 20.05 7.12
N PHE A 114 -8.18 18.73 7.00
CA PHE A 114 -7.09 17.78 7.13
C PHE A 114 -6.42 17.53 5.78
N SER A 115 -5.22 18.06 5.62
CA SER A 115 -4.52 18.02 4.34
C SER A 115 -4.09 16.60 4.00
N LEU A 116 -4.33 16.20 2.75
CA LEU A 116 -3.96 14.87 2.29
C LEU A 116 -4.76 13.79 3.01
N VAL A 117 -5.92 14.17 3.53
CA VAL A 117 -6.84 13.22 4.13
C VAL A 117 -8.20 13.26 3.44
N GLU A 118 -8.67 12.09 3.01
CA GLU A 118 -10.00 11.99 2.40
C GLU A 118 -11.10 11.98 3.46
N GLU A 119 -11.47 13.17 3.91
CA GLU A 119 -12.38 13.30 5.04
C GLU A 119 -13.70 12.57 4.78
N ASP A 120 -14.12 12.55 3.51
CA ASP A 120 -15.37 11.92 3.13
C ASP A 120 -15.11 10.58 2.44
N GLY A 121 -13.89 10.08 2.56
CA GLY A 121 -13.49 8.85 1.88
C GLY A 121 -13.76 7.63 2.74
N PRO A 122 -13.39 6.47 2.24
CA PRO A 122 -13.59 5.21 2.96
C PRO A 122 -12.85 5.22 4.29
N PRO A 123 -13.44 4.57 5.29
CA PRO A 123 -12.77 4.39 6.58
C PRO A 123 -11.40 3.76 6.41
N MET A 124 -10.44 4.22 7.20
CA MET A 124 -9.08 3.69 7.15
C MET A 124 -9.05 2.21 7.50
N ARG A 125 -9.96 1.79 8.36
CA ARG A 125 -10.08 0.39 8.73
C ARG A 125 -10.27 -0.50 7.51
N GLU A 126 -11.18 -0.09 6.62
CA GLU A 126 -11.47 -0.84 5.41
C GLU A 126 -10.26 -0.85 4.47
N ILE A 127 -9.56 0.28 4.40
CA ILE A 127 -8.36 0.39 3.58
C ILE A 127 -7.28 -0.56 4.06
N ILE A 128 -7.07 -0.59 5.38
CA ILE A 128 -6.06 -1.47 5.98
C ILE A 128 -6.40 -2.93 5.72
N LEU A 129 -7.63 -3.31 6.00
CA LEU A 129 -8.06 -4.70 5.85
C LEU A 129 -8.00 -5.14 4.40
N LYS A 130 -8.45 -4.26 3.50
CA LYS A 130 -8.48 -4.58 2.07
C LYS A 130 -7.12 -5.05 1.58
N VAL A 131 -6.07 -4.31 1.93
CA VAL A 131 -4.72 -4.64 1.49
C VAL A 131 -4.36 -6.07 1.84
N VAL A 132 -4.69 -6.48 3.06
CA VAL A 132 -4.35 -7.81 3.54
C VAL A 132 -5.33 -8.86 3.01
N LEU A 133 -6.61 -8.51 3.01
CA LEU A 133 -7.66 -9.48 2.68
C LEU A 133 -7.57 -9.92 1.23
N MET A 134 -6.98 -9.07 0.39
CA MET A 134 -6.80 -9.38 -1.03
C MET A 134 -5.90 -10.59 -1.20
N ALA A 135 -5.11 -10.90 -0.18
CA ALA A 135 -4.14 -11.98 -0.25
C ALA A 135 -4.74 -13.29 0.24
N ILE A 136 -4.22 -14.40 -0.27
CA ILE A 136 -4.72 -15.72 0.10
C ILE A 136 -3.64 -16.53 0.82
N CYS A 137 -3.81 -16.68 2.13
CA CYS A 137 -2.81 -17.36 2.95
C CYS A 137 -2.71 -18.84 2.59
N GLY A 138 -3.77 -19.36 2.00
CA GLY A 138 -3.83 -20.78 1.63
C GLY A 138 -2.72 -21.13 0.65
N MET A 139 -2.30 -20.15 -0.15
CA MET A 139 -1.30 -20.37 -1.18
C MET A 139 0.09 -20.48 -0.58
N ASN A 140 0.34 -19.72 0.47
CA ASN A 140 1.63 -19.75 1.15
C ASN A 140 1.53 -19.28 2.59
N PRO A 141 1.33 -20.22 3.50
CA PRO A 141 1.00 -19.89 4.88
C PRO A 141 2.14 -19.15 5.57
N ILE A 142 3.25 -18.98 4.84
CA ILE A 142 4.41 -18.26 5.37
C ILE A 142 4.52 -16.88 4.75
N ALA A 143 4.64 -16.84 3.43
CA ALA A 143 4.97 -15.61 2.72
C ALA A 143 3.87 -14.57 2.89
N ILE A 144 2.62 -15.03 2.89
CA ILE A 144 1.48 -14.13 2.81
C ILE A 144 1.32 -13.33 4.10
N PRO A 145 1.20 -14.05 5.22
CA PRO A 145 1.04 -13.42 6.52
C PRO A 145 2.28 -12.61 6.90
N PHE A 146 3.42 -12.96 6.31
CA PHE A 146 4.62 -12.16 6.45
C PHE A 146 4.49 -10.82 5.75
N ALA A 147 3.98 -10.85 4.52
CA ALA A 147 3.66 -9.63 3.80
C ALA A 147 2.59 -8.82 4.51
N ALA A 148 1.61 -9.53 5.08
CA ALA A 148 0.54 -8.89 5.83
C ALA A 148 1.10 -8.08 6.99
N GLY A 149 2.08 -8.63 7.69
CA GLY A 149 2.80 -7.91 8.73
C GLY A 149 3.36 -6.59 8.19
N ALA A 150 4.10 -6.67 7.09
CA ALA A 150 4.69 -5.49 6.47
C ALA A 150 3.61 -4.51 6.04
N TRP A 151 2.48 -5.04 5.57
CA TRP A 151 1.37 -4.22 5.13
C TRP A 151 0.71 -3.51 6.30
N TYR A 152 0.64 -4.20 7.44
CA TYR A 152 0.12 -3.60 8.66
C TYR A 152 1.03 -2.48 9.17
N VAL A 153 2.31 -2.59 8.84
CA VAL A 153 3.26 -1.51 9.11
C VAL A 153 3.12 -0.40 8.09
N TYR A 154 2.98 -0.77 6.82
CA TYR A 154 2.84 0.20 5.74
C TYR A 154 1.81 1.26 6.07
N VAL A 155 0.64 0.80 6.52
CA VAL A 155 -0.51 1.68 6.69
C VAL A 155 -0.30 2.64 7.86
N LYS A 156 0.68 2.33 8.70
CA LYS A 156 0.98 3.16 9.86
C LYS A 156 1.53 4.52 9.44
N THR A 157 1.96 4.61 8.19
CA THR A 157 2.47 5.87 7.65
C THR A 157 1.35 6.88 7.42
N GLY A 158 0.12 6.37 7.35
CA GLY A 158 -1.03 7.22 7.07
C GLY A 158 -1.39 7.17 5.59
N LYS A 159 -0.50 6.60 4.78
CA LYS A 159 -0.73 6.49 3.34
C LYS A 159 -1.98 5.68 3.04
N ARG A 160 -2.85 6.22 2.21
CA ARG A 160 -4.14 5.60 1.93
C ARG A 160 -4.12 4.88 0.59
N SER A 31 7.25 15.76 -3.44
CA SER A 31 6.12 15.68 -2.53
C SER A 31 6.19 14.41 -1.68
N TRP A 32 7.40 13.97 -1.39
CA TRP A 32 7.61 12.71 -0.69
C TRP A 32 8.53 12.89 0.51
N PRO A 33 7.95 13.29 1.65
CA PRO A 33 8.71 13.52 2.86
C PRO A 33 9.55 12.30 3.22
N PRO A 34 10.49 12.48 4.15
CA PRO A 34 11.41 11.42 4.53
C PRO A 34 10.66 10.17 4.95
N SER A 35 9.42 10.35 5.39
CA SER A 35 8.59 9.23 5.81
C SER A 35 8.46 8.20 4.69
N GLU A 36 8.63 8.66 3.45
CA GLU A 36 8.56 7.76 2.29
C GLU A 36 9.56 6.63 2.40
N VAL A 37 10.73 6.94 2.96
CA VAL A 37 11.81 5.96 3.07
C VAL A 37 11.38 4.77 3.92
N LEU A 38 10.69 5.04 5.02
CA LEU A 38 10.21 3.98 5.89
C LEU A 38 9.25 3.05 5.17
N THR A 39 8.39 3.63 4.34
CA THR A 39 7.42 2.84 3.58
C THR A 39 8.08 2.16 2.39
N ALA A 40 9.10 2.81 1.82
CA ALA A 40 9.84 2.24 0.71
C ALA A 40 10.54 0.95 1.13
N VAL A 41 11.18 0.97 2.28
CA VAL A 41 11.82 -0.23 2.82
C VAL A 41 10.80 -1.32 3.11
N GLY A 42 9.70 -0.94 3.73
CA GLY A 42 8.60 -1.86 4.00
C GLY A 42 8.13 -2.54 2.73
N LEU A 43 7.81 -1.75 1.71
CA LEU A 43 7.28 -2.27 0.46
C LEU A 43 8.28 -3.20 -0.20
N ILE A 44 9.55 -2.82 -0.18
CA ILE A 44 10.61 -3.65 -0.74
C ILE A 44 10.74 -4.96 0.03
N CYS A 45 10.75 -4.87 1.36
CA CYS A 45 10.87 -6.06 2.20
C CYS A 45 9.68 -7.00 2.00
N ALA A 46 8.50 -6.43 1.86
CA ALA A 46 7.29 -7.21 1.62
C ALA A 46 7.40 -8.01 0.33
N LEU A 47 7.83 -7.34 -0.74
CA LEU A 47 7.98 -7.99 -2.03
C LEU A 47 8.94 -9.17 -1.96
N ALA A 48 10.07 -8.96 -1.30
CA ALA A 48 11.05 -10.04 -1.10
C ALA A 48 10.44 -11.21 -0.35
N GLY A 49 9.65 -10.90 0.68
CA GLY A 49 8.94 -11.92 1.44
C GLY A 49 7.99 -12.70 0.54
N GLY A 50 7.45 -12.04 -0.47
CA GLY A 50 6.50 -12.65 -1.38
C GLY A 50 7.10 -13.88 -2.07
N PHE A 51 8.42 -13.88 -2.20
CA PHE A 51 9.12 -14.93 -2.94
C PHE A 51 9.50 -16.08 -2.04
N ALA A 52 9.10 -16.02 -0.78
CA ALA A 52 9.40 -17.07 0.18
C ALA A 52 8.68 -18.36 -0.17
N LYS A 53 9.45 -19.38 -0.55
CA LYS A 53 8.88 -20.64 -1.01
C LYS A 53 7.97 -20.43 -2.21
N ALA A 54 8.32 -19.45 -3.04
CA ALA A 54 7.57 -19.18 -4.26
C ALA A 54 8.49 -18.80 -5.41
N ASP A 55 8.10 -19.18 -6.62
CA ASP A 55 8.92 -18.93 -7.81
C ASP A 55 10.31 -19.55 -7.65
N ILE A 56 10.35 -20.77 -7.14
CA ILE A 56 11.61 -21.48 -6.94
C ILE A 56 11.65 -22.77 -7.75
N GLU A 57 10.77 -22.87 -8.74
CA GLU A 57 10.73 -24.04 -9.61
C GLU A 57 10.38 -25.30 -8.83
N MET A 58 9.97 -25.11 -7.58
CA MET A 58 9.43 -26.21 -6.78
C MET A 58 8.13 -25.79 -6.08
N ALA A 59 7.65 -24.60 -6.42
CA ALA A 59 6.49 -24.03 -5.74
C ALA A 59 5.19 -24.62 -6.27
N GLY A 60 4.19 -24.72 -5.41
CA GLY A 60 2.85 -25.13 -5.82
C GLY A 60 2.05 -23.94 -6.34
N PRO A 61 0.93 -24.22 -7.00
CA PRO A 61 0.07 -23.17 -7.52
C PRO A 61 -0.30 -22.17 -6.43
N MET A 62 -0.56 -22.69 -5.23
CA MET A 62 -0.98 -21.84 -4.11
C MET A 62 0.13 -20.86 -3.72
N ALA A 63 1.35 -21.37 -3.65
CA ALA A 63 2.51 -20.53 -3.33
C ALA A 63 2.71 -19.44 -4.37
N ALA A 64 2.48 -19.79 -5.62
CA ALA A 64 2.57 -18.82 -6.71
C ALA A 64 1.55 -17.70 -6.53
N VAL A 65 0.34 -18.06 -6.12
CA VAL A 65 -0.69 -17.08 -5.81
C VAL A 65 -0.27 -16.18 -4.65
N GLY A 66 0.33 -16.78 -3.63
CA GLY A 66 0.88 -16.03 -2.51
C GLY A 66 1.78 -14.90 -3.00
N LEU A 67 2.71 -15.24 -3.88
CA LEU A 67 3.60 -14.25 -4.47
C LEU A 67 2.81 -13.16 -5.20
N LEU A 68 1.86 -13.58 -6.03
CA LEU A 68 1.06 -12.65 -6.82
C LEU A 68 0.27 -11.70 -5.92
N ILE A 69 -0.22 -12.22 -4.81
CA ILE A 69 -0.94 -11.41 -3.82
C ILE A 69 -0.04 -10.31 -3.27
N VAL A 70 1.15 -10.70 -2.82
CA VAL A 70 2.09 -9.74 -2.24
C VAL A 70 2.55 -8.72 -3.27
N SER A 71 2.88 -9.20 -4.47
CA SER A 71 3.35 -8.33 -5.54
C SER A 71 2.31 -7.29 -5.90
N TYR A 72 1.05 -7.72 -5.97
CA TYR A 72 -0.06 -6.81 -6.25
C TYR A 72 -0.13 -5.70 -5.20
N VAL A 73 -0.18 -6.10 -3.93
CA VAL A 73 -0.35 -5.15 -2.84
C VAL A 73 0.80 -4.16 -2.79
N VAL A 74 2.02 -4.65 -2.96
CA VAL A 74 3.20 -3.81 -2.94
C VAL A 74 3.23 -2.86 -4.12
N SER A 75 2.99 -3.40 -5.32
CA SER A 75 3.11 -2.63 -6.55
C SER A 75 2.16 -1.45 -6.55
N GLY A 76 0.96 -1.67 -6.04
CA GLY A 76 -0.10 -0.66 -6.10
C GLY A 76 0.23 0.53 -5.22
N LYS A 77 1.23 0.36 -4.35
CA LYS A 77 1.60 1.40 -3.40
C LYS A 77 2.90 2.08 -3.79
N SER A 78 3.36 1.79 -5.00
CA SER A 78 4.57 2.43 -5.53
C SER A 78 4.31 3.89 -5.87
N VAL A 79 5.38 4.68 -5.89
CA VAL A 79 5.29 6.09 -6.27
C VAL A 79 4.70 6.24 -7.67
N ASP A 80 5.15 5.39 -8.59
CA ASP A 80 4.68 5.43 -9.97
C ASP A 80 3.16 5.29 -10.04
N MET A 81 2.62 4.35 -9.27
CA MET A 81 1.19 4.09 -9.26
C MET A 81 0.43 5.26 -8.67
N TYR A 82 1.01 5.89 -7.66
CA TYR A 82 0.42 7.08 -7.05
C TYR A 82 0.36 8.23 -8.05
N ILE A 83 1.40 8.37 -8.86
CA ILE A 83 1.41 9.38 -9.90
C ILE A 83 0.33 9.14 -10.95
N GLU A 84 0.24 7.88 -11.41
CA GLU A 84 -0.79 7.49 -12.36
C GLU A 84 -2.18 7.67 -11.78
N ARG A 85 -2.34 7.30 -10.51
CA ARG A 85 -3.60 7.47 -9.81
C ARG A 85 -4.04 8.93 -9.81
N ALA A 86 -3.10 9.82 -9.53
CA ALA A 86 -3.38 11.26 -9.54
C ALA A 86 -3.87 11.71 -10.90
N GLY A 87 -3.23 11.22 -11.96
CA GLY A 87 -3.61 11.57 -13.31
C GLY A 87 -5.04 11.16 -13.62
N ASP A 88 -5.43 9.99 -13.11
CA ASP A 88 -6.75 9.44 -13.39
C ASP A 88 -7.64 9.50 -12.15
N ILE A 89 -7.31 10.40 -11.24
CA ILE A 89 -8.06 10.53 -9.99
C ILE A 89 -9.50 10.93 -10.25
N THR A 90 -10.43 10.27 -9.57
CA THR A 90 -11.85 10.53 -9.77
C THR A 90 -12.48 11.16 -8.53
N TRP A 91 -11.74 11.12 -7.43
CA TRP A 91 -12.25 11.61 -6.15
C TRP A 91 -12.16 13.13 -6.06
N GLU A 92 -13.31 13.79 -6.01
CA GLU A 92 -13.35 15.24 -6.00
C GLU A 92 -12.78 15.82 -4.71
N LYS A 93 -12.78 15.00 -3.66
CA LYS A 93 -12.31 15.43 -2.35
C LYS A 93 -10.80 15.24 -2.23
N ASP A 94 -10.22 14.53 -3.19
CA ASP A 94 -8.79 14.22 -3.15
C ASP A 94 -7.98 15.31 -3.84
N ALA A 95 -7.09 15.94 -3.07
CA ALA A 95 -6.43 17.16 -3.52
C ALA A 95 -5.71 16.94 -4.84
N GLU A 96 -5.42 15.68 -5.16
CA GLU A 96 -4.72 15.34 -6.39
C GLU A 96 -5.51 15.80 -7.61
N VAL A 97 -6.82 15.92 -7.46
CA VAL A 97 -7.69 16.35 -8.54
C VAL A 97 -7.39 17.79 -8.96
N THR A 98 -6.76 18.53 -8.06
CA THR A 98 -6.42 19.93 -8.33
C THR A 98 -5.00 20.04 -8.89
N GLY A 99 -4.34 18.91 -9.05
CA GLY A 99 -2.96 18.88 -9.53
C GLY A 99 -1.97 18.86 -8.38
N ASN A 100 -2.48 18.61 -7.18
CA ASN A 100 -1.63 18.53 -5.99
C ASN A 100 -0.97 17.18 -5.87
N SER A 101 0.32 17.13 -6.19
CA SER A 101 1.05 15.86 -6.24
C SER A 101 0.81 15.04 -4.98
N PRO A 102 0.80 13.71 -5.13
CA PRO A 102 0.57 12.82 -4.01
C PRO A 102 1.47 13.16 -2.83
N ARG A 103 0.88 13.18 -1.64
CA ARG A 103 1.62 13.53 -0.43
C ARG A 103 1.37 12.53 0.69
N LEU A 104 2.22 12.56 1.71
CA LEU A 104 2.07 11.67 2.85
C LEU A 104 1.42 12.40 4.03
N ASP A 105 1.46 13.73 3.99
CA ASP A 105 1.15 14.54 5.16
C ASP A 105 -0.36 14.73 5.30
N VAL A 106 -1.06 13.64 5.61
CA VAL A 106 -2.50 13.69 5.84
C VAL A 106 -2.82 14.43 7.14
N ALA A 107 -3.74 15.39 7.06
CA ALA A 107 -4.03 16.25 8.19
C ALA A 107 -5.38 16.93 8.02
N LEU A 108 -5.96 17.38 9.14
CA LEU A 108 -7.13 18.25 9.10
C LEU A 108 -6.73 19.72 9.09
N ASP A 109 -7.18 20.45 8.08
CA ASP A 109 -6.83 21.86 7.94
C ASP A 109 -7.73 22.74 8.81
N GLU A 110 -7.35 24.00 8.95
CA GLU A 110 -8.09 24.94 9.78
C GLU A 110 -9.48 25.20 9.22
N SER A 111 -9.64 24.97 7.92
CA SER A 111 -10.89 25.24 7.23
C SER A 111 -11.95 24.22 7.63
N GLY A 112 -11.52 23.12 8.23
CA GLY A 112 -12.41 22.01 8.53
C GLY A 112 -12.32 20.93 7.45
N ASP A 113 -11.63 21.24 6.37
CA ASP A 113 -11.42 20.28 5.29
C ASP A 113 -10.32 19.29 5.64
N PHE A 114 -10.61 18.00 5.44
CA PHE A 114 -9.66 16.95 5.74
C PHE A 114 -8.73 16.69 4.56
N SER A 115 -7.50 17.18 4.67
CA SER A 115 -6.59 17.22 3.54
C SER A 115 -6.05 15.84 3.19
N LEU A 116 -6.11 15.48 1.93
CA LEU A 116 -5.64 14.17 1.47
C LEU A 116 -6.47 13.05 2.08
N VAL A 117 -7.70 13.37 2.45
CA VAL A 117 -8.63 12.37 2.98
C VAL A 117 -9.83 12.19 2.04
N GLU A 118 -10.15 10.93 1.75
CA GLU A 118 -11.31 10.62 0.93
C GLU A 118 -12.60 10.74 1.73
N GLU A 119 -13.07 11.97 1.92
CA GLU A 119 -14.22 12.22 2.78
C GLU A 119 -15.45 11.47 2.27
N ASP A 120 -15.52 11.27 0.96
CA ASP A 120 -16.64 10.57 0.35
C ASP A 120 -16.34 9.10 0.16
N GLY A 121 -15.15 8.68 0.61
CA GLY A 121 -14.70 7.31 0.39
C GLY A 121 -14.62 6.54 1.69
N PRO A 122 -14.02 5.35 1.64
CA PRO A 122 -13.88 4.50 2.81
C PRO A 122 -13.08 5.21 3.91
N PRO A 123 -13.31 4.80 5.15
CA PRO A 123 -12.56 5.34 6.29
C PRO A 123 -11.06 5.17 6.07
N MET A 124 -10.29 6.15 6.51
CA MET A 124 -8.84 6.11 6.37
C MET A 124 -8.26 4.88 7.06
N ARG A 125 -8.80 4.54 8.22
CA ARG A 125 -8.33 3.39 8.98
C ARG A 125 -8.45 2.10 8.17
N GLU A 126 -9.59 1.94 7.51
CA GLU A 126 -9.86 0.72 6.75
C GLU A 126 -8.94 0.60 5.55
N ILE A 127 -8.68 1.73 4.90
CA ILE A 127 -7.80 1.76 3.73
C ILE A 127 -6.38 1.39 4.12
N ILE A 128 -5.91 1.91 5.25
CA ILE A 128 -4.57 1.58 5.74
C ILE A 128 -4.46 0.10 6.06
N LEU A 129 -5.44 -0.43 6.80
CA LEU A 129 -5.45 -1.83 7.19
C LEU A 129 -5.61 -2.73 5.97
N LYS A 130 -6.28 -2.21 4.94
CA LYS A 130 -6.52 -2.97 3.71
C LYS A 130 -5.24 -3.61 3.20
N VAL A 131 -4.11 -2.93 3.43
CA VAL A 131 -2.82 -3.39 2.91
C VAL A 131 -2.59 -4.85 3.26
N VAL A 132 -2.96 -5.24 4.47
CA VAL A 132 -2.73 -6.60 4.94
C VAL A 132 -3.96 -7.47 4.76
N LEU A 133 -5.14 -6.86 4.94
CA LEU A 133 -6.39 -7.60 4.93
C LEU A 133 -6.65 -8.24 3.58
N MET A 134 -6.07 -7.66 2.53
CA MET A 134 -6.22 -8.18 1.18
C MET A 134 -5.62 -9.57 1.05
N ALA A 135 -4.61 -9.85 1.88
CA ALA A 135 -3.76 -11.01 1.69
C ALA A 135 -4.44 -12.27 2.22
N ILE A 136 -4.11 -13.41 1.62
CA ILE A 136 -4.65 -14.69 2.06
C ILE A 136 -3.54 -15.63 2.51
N CYS A 137 -3.43 -15.83 3.81
CA CYS A 137 -2.36 -16.63 4.39
C CYS A 137 -2.48 -18.10 3.97
N GLY A 138 -3.69 -18.50 3.61
CA GLY A 138 -3.94 -19.87 3.20
C GLY A 138 -3.13 -20.25 1.96
N MET A 139 -2.82 -19.25 1.14
CA MET A 139 -2.14 -19.48 -0.12
C MET A 139 -0.66 -19.79 0.10
N ASN A 140 -0.06 -19.11 1.08
CA ASN A 140 1.36 -19.30 1.37
C ASN A 140 1.66 -18.92 2.82
N PRO A 141 1.63 -19.92 3.71
CA PRO A 141 1.70 -19.68 5.14
C PRO A 141 3.05 -19.09 5.53
N ILE A 142 3.94 -18.96 4.55
CA ILE A 142 5.25 -18.38 4.78
C ILE A 142 5.34 -16.97 4.23
N ALA A 143 5.12 -16.82 2.92
CA ALA A 143 5.37 -15.56 2.23
C ALA A 143 4.45 -14.46 2.74
N ILE A 144 3.20 -14.83 3.03
CA ILE A 144 2.16 -13.84 3.30
C ILE A 144 2.41 -13.14 4.63
N PRO A 145 2.52 -13.93 5.69
CA PRO A 145 2.73 -13.39 7.03
C PRO A 145 4.10 -12.71 7.13
N PHE A 146 5.01 -13.10 6.25
CA PHE A 146 6.29 -12.41 6.12
C PHE A 146 6.11 -11.02 5.53
N ALA A 147 5.33 -10.94 4.45
CA ALA A 147 4.96 -9.65 3.87
C ALA A 147 4.15 -8.81 4.86
N ALA A 148 3.29 -9.48 5.63
CA ALA A 148 2.47 -8.80 6.62
C ALA A 148 3.34 -8.07 7.63
N GLY A 149 4.42 -8.71 8.07
CA GLY A 149 5.39 -8.07 8.94
C GLY A 149 5.92 -6.78 8.33
N ALA A 150 6.38 -6.86 7.09
CA ALA A 150 6.86 -5.69 6.38
C ALA A 150 5.75 -4.65 6.21
N TRP A 151 4.53 -5.12 6.01
CA TRP A 151 3.39 -4.23 5.81
C TRP A 151 2.98 -3.57 7.12
N TYR A 152 3.23 -4.26 8.23
CA TYR A 152 2.99 -3.68 9.56
C TYR A 152 3.83 -2.43 9.78
N VAL A 153 5.06 -2.46 9.27
CA VAL A 153 5.90 -1.27 9.25
C VAL A 153 5.32 -0.19 8.35
N TYR A 154 4.85 -0.60 7.18
CA TYR A 154 4.27 0.34 6.22
C TYR A 154 3.14 1.14 6.85
N VAL A 155 2.17 0.45 7.42
CA VAL A 155 0.93 1.07 7.85
C VAL A 155 1.16 2.00 9.03
N LYS A 156 2.22 1.74 9.78
CA LYS A 156 2.49 2.47 11.01
C LYS A 156 3.15 3.82 10.71
N THR A 157 3.36 4.09 9.43
CA THR A 157 3.87 5.38 9.01
C THR A 157 2.74 6.38 8.80
N GLY A 158 1.51 5.87 8.73
CA GLY A 158 0.35 6.70 8.47
C GLY A 158 -0.03 6.68 7.00
N LYS A 159 0.89 6.21 6.16
CA LYS A 159 0.65 6.12 4.72
C LYS A 159 -0.43 5.09 4.41
N ARG A 160 -1.36 5.46 3.53
CA ARG A 160 -2.50 4.61 3.22
C ARG A 160 -2.48 4.17 1.77
N SER A 31 8.63 15.66 -6.29
CA SER A 31 7.55 15.83 -5.32
C SER A 31 7.47 14.64 -4.38
N TRP A 32 8.63 14.11 -3.99
CA TRP A 32 8.69 12.92 -3.17
C TRP A 32 9.64 13.10 -2.00
N PRO A 33 9.18 13.78 -0.97
CA PRO A 33 10.01 14.09 0.19
C PRO A 33 10.56 12.83 0.84
N PRO A 34 11.61 12.98 1.63
CA PRO A 34 12.20 11.85 2.35
C PRO A 34 11.15 11.08 3.13
N SER A 35 10.07 11.77 3.50
CA SER A 35 8.99 11.14 4.25
C SER A 35 8.49 9.88 3.55
N GLU A 36 8.52 9.89 2.23
CA GLU A 36 7.93 8.81 1.44
C GLU A 36 8.68 7.50 1.67
N VAL A 37 9.92 7.61 2.13
CA VAL A 37 10.74 6.43 2.38
C VAL A 37 10.05 5.45 3.31
N LEU A 38 9.25 5.98 4.23
CA LEU A 38 8.53 5.16 5.20
C LEU A 38 7.61 4.18 4.50
N THR A 39 7.02 4.60 3.38
CA THR A 39 6.09 3.77 2.63
C THR A 39 6.83 2.82 1.71
N ALA A 40 7.99 3.25 1.22
CA ALA A 40 8.84 2.39 0.39
C ALA A 40 9.32 1.17 1.18
N VAL A 41 9.82 1.41 2.39
CA VAL A 41 10.33 0.33 3.22
C VAL A 41 9.25 -0.70 3.53
N GLY A 42 8.06 -0.21 3.88
CA GLY A 42 6.92 -1.08 4.12
C GLY A 42 6.68 -2.02 2.95
N LEU A 43 6.55 -1.45 1.75
CA LEU A 43 6.26 -2.23 0.56
C LEU A 43 7.40 -3.18 0.22
N ILE A 44 8.63 -2.70 0.38
CA ILE A 44 9.81 -3.52 0.13
C ILE A 44 9.84 -4.73 1.07
N CYS A 45 9.56 -4.49 2.34
CA CYS A 45 9.52 -5.56 3.34
C CYS A 45 8.45 -6.59 2.98
N ALA A 46 7.29 -6.11 2.55
CA ALA A 46 6.19 -6.98 2.15
C ALA A 46 6.58 -7.83 0.94
N LEU A 47 7.15 -7.18 -0.06
CA LEU A 47 7.54 -7.87 -1.29
C LEU A 47 8.60 -8.92 -1.02
N ALA A 48 9.57 -8.57 -0.18
CA ALA A 48 10.60 -9.52 0.23
C ALA A 48 9.99 -10.73 0.92
N GLY A 49 9.00 -10.49 1.77
CA GLY A 49 8.25 -11.56 2.42
C GLY A 49 7.58 -12.46 1.40
N GLY A 50 7.20 -11.86 0.27
CA GLY A 50 6.52 -12.60 -0.80
C GLY A 50 7.38 -13.74 -1.31
N PHE A 51 8.70 -13.61 -1.14
CA PHE A 51 9.64 -14.57 -1.69
C PHE A 51 9.95 -15.68 -0.69
N ALA A 52 9.27 -15.63 0.45
CA ALA A 52 9.48 -16.62 1.51
C ALA A 52 9.02 -18.01 1.06
N LYS A 53 9.98 -18.91 0.88
CA LYS A 53 9.69 -20.24 0.36
C LYS A 53 9.02 -20.17 -1.00
N ALA A 54 9.39 -19.16 -1.78
CA ALA A 54 8.84 -18.98 -3.12
C ALA A 54 9.91 -18.49 -4.09
N ASP A 55 9.84 -18.98 -5.33
CA ASP A 55 10.82 -18.63 -6.35
C ASP A 55 12.24 -18.94 -5.89
N ILE A 56 12.41 -20.12 -5.29
CA ILE A 56 13.73 -20.54 -4.83
C ILE A 56 14.16 -21.83 -5.52
N GLU A 57 13.53 -22.12 -6.66
CA GLU A 57 13.88 -23.31 -7.43
C GLU A 57 13.59 -24.59 -6.65
N MET A 58 12.93 -24.44 -5.51
CA MET A 58 12.43 -25.58 -4.76
C MET A 58 10.97 -25.39 -4.36
N ALA A 59 10.37 -24.31 -4.85
CA ALA A 59 9.03 -23.92 -4.44
C ALA A 59 7.97 -24.70 -5.21
N GLY A 60 6.81 -24.91 -4.59
CA GLY A 60 5.67 -25.49 -5.26
C GLY A 60 4.89 -24.44 -6.05
N PRO A 61 4.05 -24.89 -6.97
CA PRO A 61 3.23 -24.00 -7.77
C PRO A 61 2.44 -23.03 -6.88
N MET A 62 1.98 -23.53 -5.74
CA MET A 62 1.17 -22.73 -4.83
C MET A 62 1.99 -21.58 -4.24
N ALA A 63 3.20 -21.88 -3.81
CA ALA A 63 4.09 -20.87 -3.24
C ALA A 63 4.41 -19.80 -4.27
N ALA A 64 4.56 -20.20 -5.53
CA ALA A 64 4.80 -19.26 -6.61
C ALA A 64 3.66 -18.28 -6.75
N VAL A 65 2.43 -18.77 -6.61
CA VAL A 65 1.25 -17.92 -6.60
C VAL A 65 1.26 -16.99 -5.41
N GLY A 66 1.65 -17.51 -4.25
CA GLY A 66 1.80 -16.70 -3.05
C GLY A 66 2.62 -15.44 -3.33
N LEU A 67 3.75 -15.61 -3.99
CA LEU A 67 4.59 -14.49 -4.38
C LEU A 67 3.82 -13.52 -5.26
N LEU A 68 3.13 -14.05 -6.27
CA LEU A 68 2.39 -13.23 -7.21
C LEU A 68 1.28 -12.44 -6.51
N ILE A 69 0.65 -13.08 -5.53
CA ILE A 69 -0.38 -12.43 -4.74
C ILE A 69 0.16 -11.20 -4.01
N VAL A 70 1.30 -11.38 -3.34
CA VAL A 70 1.96 -10.28 -2.65
C VAL A 70 2.40 -9.20 -3.62
N SER A 71 3.01 -9.61 -4.73
CA SER A 71 3.50 -8.68 -5.73
C SER A 71 2.37 -7.80 -6.26
N TYR A 72 1.22 -8.42 -6.49
CA TYR A 72 0.04 -7.68 -6.95
C TYR A 72 -0.34 -6.58 -5.96
N VAL A 73 -0.52 -6.97 -4.70
CA VAL A 73 -0.97 -6.03 -3.67
C VAL A 73 0.06 -4.92 -3.45
N VAL A 74 1.34 -5.30 -3.42
CA VAL A 74 2.42 -4.33 -3.28
C VAL A 74 2.45 -3.37 -4.46
N SER A 75 2.33 -3.90 -5.67
CA SER A 75 2.37 -3.10 -6.88
C SER A 75 1.25 -2.06 -6.88
N GLY A 76 0.09 -2.43 -6.35
CA GLY A 76 -1.07 -1.56 -6.33
C GLY A 76 -0.79 -0.29 -5.53
N LYS A 77 0.21 -0.37 -4.64
CA LYS A 77 0.55 0.75 -3.78
C LYS A 77 1.86 1.41 -4.20
N SER A 78 2.30 1.09 -5.41
CA SER A 78 3.52 1.68 -5.95
C SER A 78 3.34 3.16 -6.25
N VAL A 79 4.46 3.87 -6.37
CA VAL A 79 4.43 5.29 -6.71
C VAL A 79 3.72 5.52 -8.05
N ASP A 80 4.03 4.67 -9.02
CA ASP A 80 3.44 4.78 -10.34
C ASP A 80 1.91 4.71 -10.28
N MET A 81 1.41 3.78 -9.46
CA MET A 81 -0.03 3.60 -9.30
C MET A 81 -0.66 4.81 -8.62
N TYR A 82 0.06 5.38 -7.66
CA TYR A 82 -0.40 6.57 -6.96
C TYR A 82 -0.48 7.76 -7.91
N ILE A 83 0.48 7.85 -8.82
CA ILE A 83 0.48 8.90 -9.84
C ILE A 83 -0.73 8.78 -10.75
N GLU A 84 -0.99 7.57 -11.24
CA GLU A 84 -2.15 7.30 -12.07
C GLU A 84 -3.44 7.55 -11.30
N ARG A 85 -3.46 7.12 -10.04
CA ARG A 85 -4.61 7.34 -9.18
C ARG A 85 -4.94 8.83 -9.07
N ALA A 86 -3.91 9.65 -8.89
CA ALA A 86 -4.08 11.09 -8.81
C ALA A 86 -4.70 11.63 -10.10
N GLY A 87 -4.25 11.12 -11.23
CA GLY A 87 -4.74 11.57 -12.52
C GLY A 87 -6.24 11.34 -12.65
N ASP A 88 -6.72 10.22 -12.11
CA ASP A 88 -8.11 9.84 -12.23
C ASP A 88 -8.84 10.01 -10.91
N ILE A 89 -8.27 10.82 -10.02
CA ILE A 89 -8.86 11.05 -8.70
C ILE A 89 -10.22 11.72 -8.81
N THR A 90 -11.18 11.23 -8.03
CA THR A 90 -12.54 11.75 -8.08
C THR A 90 -12.92 12.43 -6.77
N TRP A 91 -12.12 12.22 -5.74
CA TRP A 91 -12.44 12.69 -4.40
C TRP A 91 -12.12 14.18 -4.26
N GLU A 92 -13.16 14.98 -3.99
CA GLU A 92 -13.01 16.42 -3.93
C GLU A 92 -12.09 16.84 -2.79
N LYS A 93 -12.10 16.06 -1.72
CA LYS A 93 -11.35 16.40 -0.52
C LYS A 93 -9.87 16.05 -0.69
N ASP A 94 -9.57 15.25 -1.71
CA ASP A 94 -8.22 14.76 -1.93
C ASP A 94 -7.40 15.77 -2.73
N ALA A 95 -6.34 16.28 -2.11
CA ALA A 95 -5.60 17.41 -2.66
C ALA A 95 -5.11 17.10 -4.07
N GLU A 96 -5.02 15.81 -4.39
CA GLU A 96 -4.56 15.37 -5.71
C GLU A 96 -5.45 15.92 -6.81
N VAL A 97 -6.70 16.19 -6.48
CA VAL A 97 -7.67 16.71 -7.44
C VAL A 97 -7.28 18.09 -7.92
N THR A 98 -6.45 18.78 -7.14
CA THR A 98 -6.00 20.12 -7.49
C THR A 98 -4.68 20.07 -8.25
N GLY A 99 -4.17 18.87 -8.48
CA GLY A 99 -2.91 18.68 -9.17
C GLY A 99 -1.74 18.56 -8.19
N ASN A 100 -2.08 18.39 -6.90
CA ASN A 100 -1.08 18.24 -5.87
C ASN A 100 -0.59 16.80 -5.77
N SER A 101 0.65 16.57 -6.23
CA SER A 101 1.21 15.23 -6.27
C SER A 101 1.01 14.51 -4.93
N PRO A 102 0.82 13.20 -4.99
CA PRO A 102 0.62 12.40 -3.80
C PRO A 102 1.72 12.66 -2.76
N ARG A 103 1.32 12.84 -1.51
CA ARG A 103 2.27 13.11 -0.44
C ARG A 103 1.91 12.32 0.82
N LEU A 104 2.92 11.95 1.59
CA LEU A 104 2.71 11.36 2.90
C LEU A 104 2.47 12.42 3.96
N ASP A 105 2.90 13.64 3.68
CA ASP A 105 3.04 14.67 4.70
C ASP A 105 1.68 15.26 5.07
N VAL A 106 0.83 14.46 5.70
CA VAL A 106 -0.49 14.92 6.12
C VAL A 106 -0.37 16.05 7.12
N ALA A 107 -1.22 17.06 6.96
CA ALA A 107 -1.20 18.23 7.83
C ALA A 107 -2.58 18.86 7.96
N LEU A 108 -2.82 19.54 9.07
CA LEU A 108 -4.05 20.28 9.26
C LEU A 108 -3.85 21.77 9.00
N ASP A 109 -4.60 22.31 8.05
CA ASP A 109 -4.47 23.70 7.66
C ASP A 109 -5.25 24.61 8.60
N GLU A 110 -5.01 25.92 8.49
CA GLU A 110 -5.68 26.89 9.34
C GLU A 110 -7.17 26.91 9.10
N SER A 111 -7.58 26.48 7.90
CA SER A 111 -8.98 26.49 7.53
C SER A 111 -9.77 25.43 8.28
N GLY A 112 -9.05 24.48 8.88
CA GLY A 112 -9.67 23.33 9.51
C GLY A 112 -9.70 22.13 8.58
N ASP A 113 -9.31 22.36 7.32
CA ASP A 113 -9.25 21.28 6.34
C ASP A 113 -8.01 20.41 6.54
N PHE A 114 -8.21 19.10 6.55
CA PHE A 114 -7.11 18.16 6.72
C PHE A 114 -6.46 17.82 5.37
N SER A 115 -5.27 18.35 5.15
CA SER A 115 -4.61 18.22 3.86
C SER A 115 -4.17 16.79 3.62
N LEU A 116 -4.41 16.30 2.40
CA LEU A 116 -4.01 14.95 2.03
C LEU A 116 -4.78 13.90 2.83
N VAL A 117 -5.94 14.31 3.34
CA VAL A 117 -6.85 13.37 4.00
C VAL A 117 -8.20 13.33 3.30
N GLU A 118 -8.64 12.12 2.95
CA GLU A 118 -9.94 11.93 2.32
C GLU A 118 -11.06 11.98 3.35
N GLU A 119 -11.46 13.18 3.74
CA GLU A 119 -12.43 13.35 4.81
C GLU A 119 -13.75 12.65 4.49
N ASP A 120 -14.06 12.55 3.20
CA ASP A 120 -15.30 11.92 2.76
C ASP A 120 -15.06 10.49 2.30
N GLY A 121 -13.83 10.02 2.45
CA GLY A 121 -13.42 8.75 1.88
C GLY A 121 -13.72 7.59 2.82
N PRO A 122 -13.42 6.38 2.38
CA PRO A 122 -13.66 5.19 3.18
C PRO A 122 -12.85 5.23 4.48
N PRO A 123 -13.40 4.62 5.52
CA PRO A 123 -12.67 4.46 6.78
C PRO A 123 -11.32 3.79 6.56
N MET A 124 -10.32 4.23 7.31
CA MET A 124 -8.97 3.69 7.19
C MET A 124 -8.94 2.20 7.50
N ARG A 125 -9.87 1.76 8.35
CA ARG A 125 -9.96 0.36 8.73
C ARG A 125 -10.24 -0.52 7.52
N GLU A 126 -11.14 -0.07 6.66
CA GLU A 126 -11.47 -0.79 5.44
C GLU A 126 -10.28 -0.85 4.50
N ILE A 127 -9.53 0.25 4.43
CA ILE A 127 -8.31 0.29 3.63
C ILE A 127 -7.27 -0.69 4.14
N ILE A 128 -7.07 -0.71 5.46
CA ILE A 128 -6.11 -1.60 6.07
C ILE A 128 -6.47 -3.06 5.81
N LEU A 129 -7.72 -3.42 6.05
CA LEU A 129 -8.19 -4.78 5.86
C LEU A 129 -8.09 -5.20 4.40
N LYS A 130 -8.48 -4.30 3.51
CA LYS A 130 -8.47 -4.58 2.07
C LYS A 130 -7.11 -5.07 1.62
N VAL A 131 -6.07 -4.34 1.99
CA VAL A 131 -4.71 -4.66 1.57
C VAL A 131 -4.35 -6.10 1.91
N VAL A 132 -4.70 -6.52 3.12
CA VAL A 132 -4.36 -7.85 3.61
C VAL A 132 -5.31 -8.89 3.06
N LEU A 133 -6.60 -8.58 3.05
CA LEU A 133 -7.63 -9.55 2.72
C LEU A 133 -7.55 -9.97 1.26
N MET A 134 -6.96 -9.10 0.43
CA MET A 134 -6.76 -9.40 -0.97
C MET A 134 -5.86 -10.62 -1.16
N ALA A 135 -5.09 -10.94 -0.12
CA ALA A 135 -4.14 -12.03 -0.20
C ALA A 135 -4.72 -13.31 0.39
N ILE A 136 -4.26 -14.45 -0.11
CA ILE A 136 -4.77 -15.75 0.32
C ILE A 136 -3.67 -16.58 1.00
N CYS A 137 -3.78 -16.72 2.31
CA CYS A 137 -2.74 -17.39 3.08
C CYS A 137 -2.65 -18.86 2.72
N GLY A 138 -3.73 -19.41 2.20
CA GLY A 138 -3.78 -20.82 1.85
C GLY A 138 -2.73 -21.17 0.80
N MET A 139 -2.40 -20.19 -0.04
CA MET A 139 -1.46 -20.41 -1.14
C MET A 139 -0.03 -20.48 -0.65
N ASN A 140 0.26 -19.77 0.43
CA ASN A 140 1.59 -19.77 1.02
C ASN A 140 1.55 -19.31 2.47
N PRO A 141 1.41 -20.28 3.39
CA PRO A 141 1.14 -19.97 4.79
C PRO A 141 2.32 -19.24 5.42
N ILE A 142 3.38 -19.04 4.64
CA ILE A 142 4.57 -18.33 5.12
C ILE A 142 4.63 -16.93 4.54
N ALA A 143 4.67 -16.84 3.22
CA ALA A 143 4.96 -15.57 2.54
C ALA A 143 3.86 -14.55 2.80
N ILE A 144 2.62 -15.03 2.84
CA ILE A 144 1.45 -14.15 2.83
C ILE A 144 1.32 -13.39 4.14
N PRO A 145 1.28 -14.14 5.25
CA PRO A 145 1.15 -13.54 6.57
C PRO A 145 2.40 -12.72 6.93
N PHE A 146 3.51 -13.04 6.28
CA PHE A 146 4.71 -12.22 6.39
C PHE A 146 4.54 -10.87 5.72
N ALA A 147 4.00 -10.88 4.50
CA ALA A 147 3.65 -9.65 3.81
C ALA A 147 2.58 -8.87 4.57
N ALA A 148 1.62 -9.59 5.15
CA ALA A 148 0.56 -8.98 5.92
C ALA A 148 1.12 -8.16 7.09
N GLY A 149 2.11 -8.72 7.76
CA GLY A 149 2.83 -8.00 8.82
C GLY A 149 3.37 -6.68 8.30
N ALA A 150 4.12 -6.74 7.21
CA ALA A 150 4.70 -5.54 6.60
C ALA A 150 3.61 -4.57 6.16
N TRP A 151 2.50 -5.12 5.68
CA TRP A 151 1.38 -4.30 5.23
C TRP A 151 0.72 -3.59 6.41
N TYR A 152 0.64 -4.27 7.54
CA TYR A 152 0.11 -3.67 8.76
C TYR A 152 1.01 -2.54 9.25
N VAL A 153 2.29 -2.63 8.94
CA VAL A 153 3.22 -1.54 9.20
C VAL A 153 3.07 -0.42 8.17
N TYR A 154 2.94 -0.82 6.90
CA TYR A 154 2.80 0.16 5.82
C TYR A 154 1.70 1.17 6.13
N VAL A 155 0.55 0.68 6.54
CA VAL A 155 -0.64 1.53 6.69
C VAL A 155 -0.45 2.52 7.84
N LYS A 156 0.48 2.22 8.73
CA LYS A 156 0.71 3.04 9.91
C LYS A 156 1.47 4.31 9.57
N THR A 157 1.84 4.44 8.30
CA THR A 157 2.42 5.69 7.79
C THR A 157 1.34 6.74 7.55
N GLY A 158 0.10 6.28 7.42
CA GLY A 158 -1.01 7.17 7.09
C GLY A 158 -1.32 7.14 5.60
N LYS A 159 -0.43 6.54 4.82
CA LYS A 159 -0.61 6.44 3.38
C LYS A 159 -1.83 5.59 3.04
N ARG A 160 -2.72 6.15 2.23
CA ARG A 160 -4.00 5.51 1.95
C ARG A 160 -3.98 4.80 0.61
N SER A 31 8.82 16.66 -6.49
CA SER A 31 7.68 16.66 -5.57
C SER A 31 7.63 15.36 -4.78
N TRP A 32 8.78 14.86 -4.37
CA TRP A 32 8.86 13.60 -3.63
C TRP A 32 9.69 13.75 -2.37
N PRO A 33 9.07 14.25 -1.31
CA PRO A 33 9.78 14.54 -0.06
C PRO A 33 10.49 13.30 0.47
N PRO A 34 11.53 13.52 1.27
CA PRO A 34 12.26 12.42 1.88
C PRO A 34 11.32 11.45 2.59
N SER A 35 10.19 11.96 3.05
CA SER A 35 9.24 11.15 3.79
C SER A 35 8.80 9.93 2.98
N GLU A 36 8.90 10.05 1.65
CA GLU A 36 8.40 9.01 0.76
C GLU A 36 9.11 7.68 1.01
N VAL A 37 10.32 7.76 1.56
CA VAL A 37 11.12 6.57 1.82
C VAL A 37 10.38 5.60 2.72
N LEU A 38 9.47 6.13 3.54
CA LEU A 38 8.70 5.31 4.48
C LEU A 38 7.84 4.30 3.74
N THR A 39 7.30 4.72 2.59
CA THR A 39 6.42 3.86 1.80
C THR A 39 7.23 2.90 0.94
N ALA A 40 8.42 3.33 0.54
CA ALA A 40 9.34 2.47 -0.19
C ALA A 40 9.74 1.26 0.65
N VAL A 41 10.19 1.52 1.87
CA VAL A 41 10.64 0.46 2.76
C VAL A 41 9.51 -0.51 3.08
N GLY A 42 8.33 0.04 3.39
CA GLY A 42 7.17 -0.78 3.70
C GLY A 42 6.90 -1.79 2.60
N LEU A 43 6.77 -1.31 1.36
CA LEU A 43 6.44 -2.16 0.23
C LEU A 43 7.55 -3.18 -0.03
N ILE A 44 8.79 -2.72 0.09
CA ILE A 44 9.95 -3.60 -0.10
C ILE A 44 9.94 -4.74 0.91
N CYS A 45 9.65 -4.41 2.16
CA CYS A 45 9.56 -5.41 3.22
C CYS A 45 8.50 -6.46 2.90
N ALA A 46 7.37 -6.00 2.37
CA ALA A 46 6.29 -6.90 1.97
C ALA A 46 6.76 -7.84 0.85
N LEU A 47 7.45 -7.29 -0.13
CA LEU A 47 7.96 -8.07 -1.25
C LEU A 47 8.96 -9.12 -0.76
N ALA A 48 9.81 -8.72 0.18
CA ALA A 48 10.78 -9.65 0.77
C ALA A 48 10.09 -10.82 1.44
N GLY A 49 9.03 -10.53 2.19
CA GLY A 49 8.21 -11.57 2.80
C GLY A 49 7.58 -12.47 1.73
N GLY A 50 7.27 -11.88 0.58
CA GLY A 50 6.63 -12.62 -0.50
C GLY A 50 7.49 -13.78 -0.96
N PHE A 51 8.79 -13.68 -0.73
CA PHE A 51 9.74 -14.67 -1.22
C PHE A 51 9.99 -15.76 -0.19
N ALA A 52 9.27 -15.68 0.93
CA ALA A 52 9.43 -16.65 2.00
C ALA A 52 8.94 -18.03 1.57
N LYS A 53 9.87 -18.97 1.42
CA LYS A 53 9.55 -20.29 0.92
C LYS A 53 8.91 -20.22 -0.47
N ALA A 54 9.32 -19.23 -1.25
CA ALA A 54 8.81 -19.06 -2.61
C ALA A 54 9.91 -18.64 -3.56
N ASP A 55 9.85 -19.14 -4.80
CA ASP A 55 10.85 -18.82 -5.81
C ASP A 55 12.25 -19.21 -5.33
N ILE A 56 12.36 -20.40 -4.73
CA ILE A 56 13.64 -20.88 -4.22
C ILE A 56 14.03 -22.18 -4.90
N GLU A 57 13.45 -22.44 -6.07
CA GLU A 57 13.77 -23.64 -6.84
C GLU A 57 13.32 -24.90 -6.13
N MET A 58 12.72 -24.72 -4.95
CA MET A 58 12.09 -25.82 -4.24
C MET A 58 10.63 -25.52 -3.92
N ALA A 59 10.14 -24.40 -4.45
CA ALA A 59 8.79 -23.93 -4.13
C ALA A 59 7.74 -24.71 -4.91
N GLY A 60 6.57 -24.88 -4.30
CA GLY A 60 5.43 -25.45 -4.99
C GLY A 60 4.65 -24.38 -5.75
N PRO A 61 3.76 -24.82 -6.64
CA PRO A 61 2.92 -23.91 -7.41
C PRO A 61 2.20 -22.91 -6.50
N MET A 62 1.72 -23.40 -5.37
CA MET A 62 0.98 -22.57 -4.42
C MET A 62 1.85 -21.47 -3.86
N ALA A 63 3.09 -21.82 -3.48
CA ALA A 63 4.03 -20.84 -2.95
C ALA A 63 4.36 -19.78 -3.98
N ALA A 64 4.47 -20.18 -5.25
CA ALA A 64 4.70 -19.25 -6.34
C ALA A 64 3.56 -18.26 -6.46
N VAL A 65 2.33 -18.75 -6.33
CA VAL A 65 1.16 -17.89 -6.32
C VAL A 65 1.18 -16.93 -5.15
N GLY A 66 1.60 -17.43 -3.99
CA GLY A 66 1.76 -16.60 -2.81
C GLY A 66 2.60 -15.36 -3.13
N LEU A 67 3.75 -15.57 -3.75
CA LEU A 67 4.61 -14.47 -4.16
C LEU A 67 3.87 -13.51 -5.09
N LEU A 68 3.18 -14.07 -6.08
CA LEU A 68 2.48 -13.25 -7.07
C LEU A 68 1.38 -12.43 -6.41
N ILE A 69 0.71 -13.01 -5.42
CA ILE A 69 -0.32 -12.30 -4.67
C ILE A 69 0.24 -11.07 -3.97
N VAL A 70 1.38 -11.25 -3.31
CA VAL A 70 2.06 -10.14 -2.64
C VAL A 70 2.48 -9.07 -3.63
N SER A 71 3.05 -9.49 -4.75
CA SER A 71 3.47 -8.56 -5.79
C SER A 71 2.30 -7.75 -6.32
N TYR A 72 1.16 -8.41 -6.50
CA TYR A 72 -0.05 -7.74 -6.97
C TYR A 72 -0.46 -6.62 -6.03
N VAL A 73 -0.61 -6.96 -4.75
CA VAL A 73 -1.07 -6.01 -3.75
C VAL A 73 -0.08 -4.86 -3.60
N VAL A 74 1.21 -5.19 -3.56
CA VAL A 74 2.26 -4.19 -3.49
C VAL A 74 2.22 -3.26 -4.69
N SER A 75 2.09 -3.84 -5.88
CA SER A 75 2.08 -3.07 -7.11
C SER A 75 0.97 -2.02 -7.10
N GLY A 76 -0.18 -2.39 -6.56
CA GLY A 76 -1.33 -1.50 -6.52
C GLY A 76 -1.05 -0.27 -5.66
N LYS A 77 -0.04 -0.38 -4.80
CA LYS A 77 0.31 0.70 -3.89
C LYS A 77 1.62 1.36 -4.30
N SER A 78 2.06 1.07 -5.52
CA SER A 78 3.30 1.65 -6.03
C SER A 78 3.14 3.13 -6.36
N VAL A 79 4.26 3.84 -6.45
CA VAL A 79 4.24 5.24 -6.84
C VAL A 79 3.66 5.42 -8.23
N ASP A 80 4.01 4.51 -9.14
CA ASP A 80 3.51 4.57 -10.51
C ASP A 80 1.98 4.58 -10.54
N MET A 81 1.38 3.71 -9.73
CA MET A 81 -0.07 3.61 -9.67
C MET A 81 -0.68 4.83 -9.00
N TYR A 82 0.03 5.38 -8.02
CA TYR A 82 -0.40 6.60 -7.35
C TYR A 82 -0.46 7.77 -8.32
N ILE A 83 0.52 7.85 -9.20
CA ILE A 83 0.56 8.91 -10.21
C ILE A 83 -0.63 8.80 -11.16
N GLU A 84 -0.88 7.58 -11.64
CA GLU A 84 -2.04 7.33 -12.49
C GLU A 84 -3.35 7.60 -11.75
N ARG A 85 -3.40 7.19 -10.49
CA ARG A 85 -4.56 7.46 -9.64
C ARG A 85 -4.84 8.95 -9.53
N ALA A 86 -3.77 9.72 -9.35
CA ALA A 86 -3.89 11.18 -9.27
C ALA A 86 -4.49 11.74 -10.55
N GLY A 87 -4.06 11.22 -11.69
CA GLY A 87 -4.55 11.68 -12.99
C GLY A 87 -6.05 11.49 -13.10
N ASP A 88 -6.56 10.38 -12.56
CA ASP A 88 -7.97 10.04 -12.67
C ASP A 88 -8.69 10.21 -11.33
N ILE A 89 -8.09 11.00 -10.45
CA ILE A 89 -8.66 11.22 -9.12
C ILE A 89 -10.00 11.94 -9.20
N THR A 90 -10.97 11.46 -8.44
CA THR A 90 -12.31 12.04 -8.45
C THR A 90 -12.68 12.60 -7.09
N TRP A 91 -11.89 12.25 -6.08
CA TRP A 91 -12.22 12.61 -4.70
C TRP A 91 -11.89 14.06 -4.42
N GLU A 92 -12.92 14.83 -4.05
CA GLU A 92 -12.77 16.28 -3.86
C GLU A 92 -11.92 16.58 -2.63
N LYS A 93 -11.84 15.63 -1.71
CA LYS A 93 -11.09 15.80 -0.48
C LYS A 93 -9.61 15.49 -0.70
N ASP A 94 -9.30 14.90 -1.84
CA ASP A 94 -7.93 14.49 -2.14
C ASP A 94 -7.19 15.57 -2.91
N ALA A 95 -6.16 16.13 -2.29
CA ALA A 95 -5.52 17.35 -2.80
C ALA A 95 -5.08 17.17 -4.23
N GLU A 96 -4.88 15.93 -4.64
CA GLU A 96 -4.42 15.62 -5.99
C GLU A 96 -5.38 16.15 -7.04
N VAL A 97 -6.65 16.28 -6.67
CA VAL A 97 -7.68 16.75 -7.58
C VAL A 97 -7.43 18.20 -7.99
N THR A 98 -6.65 18.91 -7.16
CA THR A 98 -6.35 20.32 -7.44
C THR A 98 -5.05 20.46 -8.21
N GLY A 99 -4.42 19.33 -8.53
CA GLY A 99 -3.15 19.32 -9.23
C GLY A 99 -1.98 19.27 -8.25
N ASN A 100 -2.29 18.98 -6.99
CA ASN A 100 -1.27 18.89 -5.96
C ASN A 100 -0.61 17.52 -5.96
N SER A 101 0.65 17.49 -6.39
CA SER A 101 1.37 16.22 -6.55
C SER A 101 1.20 15.32 -5.33
N PRO A 102 1.17 14.02 -5.56
CA PRO A 102 1.00 13.06 -4.48
C PRO A 102 1.99 13.32 -3.35
N ARG A 103 1.48 13.28 -2.11
CA ARG A 103 2.31 13.51 -0.94
C ARG A 103 2.04 12.48 0.14
N LEU A 104 2.94 12.40 1.12
CA LEU A 104 2.78 11.47 2.23
C LEU A 104 2.52 12.21 3.54
N ASP A 105 2.93 13.48 3.58
CA ASP A 105 3.02 14.21 4.84
C ASP A 105 1.64 14.64 5.34
N VAL A 106 0.85 13.66 5.76
CA VAL A 106 -0.49 13.93 6.28
C VAL A 106 -0.43 14.83 7.50
N ALA A 107 -1.31 15.84 7.55
CA ALA A 107 -1.31 16.80 8.63
C ALA A 107 -2.69 17.42 8.80
N LEU A 108 -2.96 17.91 10.01
CA LEU A 108 -4.19 18.67 10.27
C LEU A 108 -3.91 20.17 10.26
N ASP A 109 -4.62 20.88 9.38
CA ASP A 109 -4.41 22.32 9.23
C ASP A 109 -5.20 23.09 10.28
N GLU A 110 -4.90 24.38 10.39
CA GLU A 110 -5.55 25.24 11.37
C GLU A 110 -7.04 25.37 11.09
N SER A 111 -7.42 25.15 9.83
CA SER A 111 -8.80 25.30 9.41
C SER A 111 -9.66 24.17 9.96
N GLY A 112 -9.00 23.10 10.42
CA GLY A 112 -9.72 21.90 10.84
C GLY A 112 -9.75 20.86 9.72
N ASP A 113 -9.30 21.26 8.54
CA ASP A 113 -9.23 20.36 7.40
C ASP A 113 -8.04 19.41 7.50
N PHE A 114 -8.29 18.13 7.29
CA PHE A 114 -7.22 17.13 7.35
C PHE A 114 -6.54 16.98 6.00
N SER A 115 -5.32 17.49 5.90
CA SER A 115 -4.62 17.56 4.61
C SER A 115 -4.19 16.18 4.14
N LEU A 116 -4.46 15.89 2.87
CA LEU A 116 -4.10 14.60 2.29
C LEU A 116 -4.89 13.47 2.93
N VAL A 117 -6.03 13.81 3.50
CA VAL A 117 -6.95 12.80 4.05
C VAL A 117 -8.30 12.85 3.35
N GLU A 118 -8.77 11.70 2.88
CA GLU A 118 -10.07 11.60 2.24
C GLU A 118 -11.20 11.57 3.25
N GLU A 119 -11.56 12.75 3.76
CA GLU A 119 -12.51 12.84 4.87
C GLU A 119 -13.83 12.17 4.53
N ASP A 120 -14.23 12.25 3.26
CA ASP A 120 -15.48 11.67 2.81
C ASP A 120 -15.25 10.37 2.04
N GLY A 121 -14.05 9.82 2.18
CA GLY A 121 -13.69 8.59 1.48
C GLY A 121 -13.99 7.36 2.33
N PRO A 122 -13.58 6.20 1.83
CA PRO A 122 -13.78 4.95 2.57
C PRO A 122 -13.09 4.98 3.92
N PRO A 123 -13.69 4.34 4.91
CA PRO A 123 -13.10 4.23 6.23
C PRO A 123 -11.69 3.66 6.15
N MET A 124 -10.79 4.23 6.95
CA MET A 124 -9.39 3.81 6.95
C MET A 124 -9.26 2.36 7.39
N ARG A 125 -10.14 1.93 8.28
CA ARG A 125 -10.18 0.54 8.73
C ARG A 125 -10.34 -0.41 7.56
N GLU A 126 -11.27 -0.09 6.67
CA GLU A 126 -11.55 -0.92 5.50
C GLU A 126 -10.39 -0.88 4.51
N ILE A 127 -9.76 0.29 4.38
CA ILE A 127 -8.61 0.45 3.52
C ILE A 127 -7.44 -0.42 4.00
N ILE A 128 -7.18 -0.38 5.30
CA ILE A 128 -6.11 -1.17 5.89
C ILE A 128 -6.36 -2.66 5.73
N LEU A 129 -7.58 -3.09 6.03
CA LEU A 129 -7.95 -4.50 5.95
C LEU A 129 -7.91 -4.99 4.51
N LYS A 130 -8.40 -4.16 3.59
CA LYS A 130 -8.48 -4.54 2.19
C LYS A 130 -7.13 -5.00 1.67
N VAL A 131 -6.09 -4.24 1.98
CA VAL A 131 -4.74 -4.55 1.51
C VAL A 131 -4.37 -5.99 1.84
N VAL A 132 -4.71 -6.42 3.06
CA VAL A 132 -4.37 -7.76 3.51
C VAL A 132 -5.38 -8.79 3.01
N LEU A 133 -6.65 -8.42 3.04
CA LEU A 133 -7.73 -9.35 2.72
C LEU A 133 -7.66 -9.80 1.27
N MET A 134 -7.07 -8.96 0.43
CA MET A 134 -6.89 -9.29 -0.99
C MET A 134 -6.00 -10.52 -1.16
N ALA A 135 -5.20 -10.80 -0.14
CA ALA A 135 -4.23 -11.90 -0.21
C ALA A 135 -4.82 -13.19 0.30
N ILE A 136 -4.29 -14.31 -0.19
CA ILE A 136 -4.78 -15.62 0.22
C ILE A 136 -3.71 -16.41 0.95
N CYS A 137 -3.87 -16.52 2.27
CA CYS A 137 -2.87 -17.18 3.11
C CYS A 137 -2.78 -18.66 2.79
N GLY A 138 -3.85 -19.21 2.22
CA GLY A 138 -3.89 -20.62 1.88
C GLY A 138 -2.79 -20.99 0.89
N MET A 139 -2.40 -20.03 0.07
CA MET A 139 -1.40 -20.26 -0.97
C MET A 139 0.00 -20.37 -0.38
N ASN A 140 0.26 -19.59 0.67
CA ASN A 140 1.56 -19.59 1.32
C ASN A 140 1.45 -19.10 2.77
N PRO A 141 1.27 -20.04 3.70
CA PRO A 141 0.95 -19.68 5.08
C PRO A 141 2.11 -18.94 5.73
N ILE A 142 3.20 -18.79 4.99
CA ILE A 142 4.37 -18.07 5.49
C ILE A 142 4.48 -16.68 4.85
N ALA A 143 4.58 -16.66 3.53
CA ALA A 143 4.91 -15.43 2.82
C ALA A 143 3.82 -14.39 2.97
N ILE A 144 2.56 -14.84 2.98
CA ILE A 144 1.41 -13.94 2.91
C ILE A 144 1.27 -13.13 4.19
N PRO A 145 1.18 -13.82 5.32
CA PRO A 145 1.03 -13.17 6.61
C PRO A 145 2.27 -12.36 6.96
N PHE A 146 3.40 -12.72 6.37
CA PHE A 146 4.61 -11.93 6.49
C PHE A 146 4.48 -10.59 5.77
N ALA A 147 3.98 -10.64 4.53
CA ALA A 147 3.67 -9.42 3.80
C ALA A 147 2.59 -8.61 4.50
N ALA A 148 1.62 -9.31 5.08
CA ALA A 148 0.55 -8.65 5.83
C ALA A 148 1.11 -7.81 6.97
N GLY A 149 2.10 -8.35 7.67
CA GLY A 149 2.82 -7.60 8.69
C GLY A 149 3.36 -6.29 8.13
N ALA A 150 4.11 -6.38 7.05
CA ALA A 150 4.67 -5.21 6.40
C ALA A 150 3.58 -4.24 5.95
N TRP A 151 2.47 -4.80 5.48
CA TRP A 151 1.35 -3.99 5.02
C TRP A 151 0.67 -3.25 6.15
N TYR A 152 0.59 -3.92 7.31
CA TYR A 152 0.03 -3.30 8.51
C TYR A 152 0.91 -2.16 9.00
N VAL A 153 2.20 -2.26 8.73
CA VAL A 153 3.13 -1.16 8.99
C VAL A 153 3.03 -0.09 7.92
N TYR A 154 2.92 -0.51 6.67
CA TYR A 154 2.86 0.42 5.54
C TYR A 154 1.82 1.50 5.78
N VAL A 155 0.62 1.08 6.19
CA VAL A 155 -0.51 1.98 6.29
C VAL A 155 -0.29 3.03 7.38
N LYS A 156 0.67 2.76 8.26
CA LYS A 156 0.95 3.64 9.39
C LYS A 156 1.73 4.86 8.94
N THR A 157 2.11 4.89 7.67
CA THR A 157 2.77 6.05 7.09
C THR A 157 1.77 7.17 6.82
N GLY A 158 0.49 6.84 6.83
CA GLY A 158 -0.56 7.80 6.52
C GLY A 158 -1.11 7.59 5.11
N LYS A 159 -0.35 6.86 4.29
CA LYS A 159 -0.77 6.56 2.94
C LYS A 159 -2.04 5.72 2.93
N ARG A 160 -2.98 6.08 2.03
CA ARG A 160 -4.26 5.39 1.96
C ARG A 160 -4.32 4.46 0.76
N SER A 31 8.38 17.01 -6.03
CA SER A 31 7.18 16.85 -5.21
C SER A 31 7.16 15.49 -4.53
N TRP A 32 8.32 15.02 -4.12
CA TRP A 32 8.45 13.73 -3.46
C TRP A 32 9.28 13.84 -2.19
N PRO A 33 8.66 14.28 -1.11
CA PRO A 33 9.37 14.52 0.13
C PRO A 33 10.11 13.28 0.61
N PRO A 34 11.23 13.49 1.31
CA PRO A 34 12.01 12.37 1.84
C PRO A 34 11.15 11.44 2.66
N SER A 35 10.05 11.97 3.21
CA SER A 35 9.16 11.19 4.06
C SER A 35 8.70 9.92 3.36
N GLU A 36 8.63 9.98 2.03
CA GLU A 36 8.09 8.87 1.25
C GLU A 36 8.93 7.61 1.44
N VAL A 37 10.15 7.78 1.93
CA VAL A 37 11.04 6.66 2.19
C VAL A 37 10.38 5.62 3.08
N LEU A 38 9.45 6.08 3.92
CA LEU A 38 8.71 5.18 4.81
C LEU A 38 7.84 4.21 4.02
N THR A 39 7.30 4.69 2.91
CA THR A 39 6.42 3.88 2.07
C THR A 39 7.23 2.94 1.18
N ALA A 40 8.40 3.40 0.75
CA ALA A 40 9.31 2.57 -0.02
C ALA A 40 9.74 1.34 0.77
N VAL A 41 10.17 1.55 2.00
CA VAL A 41 10.63 0.46 2.86
C VAL A 41 9.50 -0.52 3.14
N GLY A 42 8.32 0.01 3.47
CA GLY A 42 7.16 -0.81 3.74
C GLY A 42 6.88 -1.77 2.60
N LEU A 43 6.78 -1.23 1.38
CA LEU A 43 6.47 -2.04 0.21
C LEU A 43 7.56 -3.06 -0.07
N ILE A 44 8.81 -2.65 0.10
CA ILE A 44 9.95 -3.54 -0.10
C ILE A 44 9.91 -4.70 0.89
N CYS A 45 9.64 -4.39 2.15
CA CYS A 45 9.55 -5.41 3.19
C CYS A 45 8.46 -6.42 2.88
N ALA A 46 7.31 -5.92 2.43
CA ALA A 46 6.19 -6.78 2.06
C ALA A 46 6.56 -7.68 0.88
N LEU A 47 7.14 -7.08 -0.16
CA LEU A 47 7.51 -7.81 -1.36
C LEU A 47 8.56 -8.88 -1.06
N ALA A 48 9.54 -8.52 -0.24
CA ALA A 48 10.56 -9.48 0.20
C ALA A 48 9.92 -10.66 0.92
N GLY A 49 8.94 -10.39 1.76
CA GLY A 49 8.17 -11.43 2.43
C GLY A 49 7.49 -12.34 1.40
N GLY A 50 7.11 -11.75 0.28
CA GLY A 50 6.43 -12.51 -0.77
C GLY A 50 7.28 -13.65 -1.27
N PHE A 51 8.60 -13.53 -1.12
CA PHE A 51 9.53 -14.51 -1.65
C PHE A 51 9.84 -15.59 -0.62
N ALA A 52 9.16 -15.53 0.52
CA ALA A 52 9.36 -16.51 1.58
C ALA A 52 8.89 -17.89 1.16
N LYS A 53 9.85 -18.80 0.99
CA LYS A 53 9.54 -20.14 0.50
C LYS A 53 8.87 -20.09 -0.87
N ALA A 54 9.24 -19.09 -1.66
CA ALA A 54 8.68 -18.92 -3.00
C ALA A 54 9.75 -18.46 -3.99
N ASP A 55 9.68 -18.98 -5.21
CA ASP A 55 10.65 -18.64 -6.24
C ASP A 55 12.06 -18.96 -5.78
N ILE A 56 12.24 -20.12 -5.17
CA ILE A 56 13.56 -20.54 -4.70
C ILE A 56 13.99 -21.85 -5.37
N GLU A 57 13.35 -22.15 -6.50
CA GLU A 57 13.69 -23.36 -7.25
C GLU A 57 13.40 -24.62 -6.45
N MET A 58 12.75 -24.45 -5.30
CA MET A 58 12.24 -25.57 -4.54
C MET A 58 10.79 -25.36 -4.14
N ALA A 59 10.19 -24.28 -4.65
CA ALA A 59 8.85 -23.88 -4.24
C ALA A 59 7.78 -24.67 -4.99
N GLY A 60 6.63 -24.85 -4.35
CA GLY A 60 5.47 -25.44 -5.02
C GLY A 60 4.71 -24.40 -5.82
N PRO A 61 3.86 -24.86 -6.73
CA PRO A 61 3.04 -23.97 -7.54
C PRO A 61 2.28 -22.99 -6.67
N MET A 62 1.80 -23.46 -5.52
CA MET A 62 1.00 -22.64 -4.62
C MET A 62 1.83 -21.49 -4.06
N ALA A 63 3.04 -21.79 -3.62
CA ALA A 63 3.94 -20.77 -3.09
C ALA A 63 4.26 -19.71 -4.13
N ALA A 64 4.41 -20.15 -5.38
CA ALA A 64 4.65 -19.23 -6.48
C ALA A 64 3.50 -18.23 -6.63
N VAL A 65 2.28 -18.72 -6.48
CA VAL A 65 1.11 -17.85 -6.48
C VAL A 65 1.12 -16.90 -5.29
N GLY A 66 1.52 -17.41 -4.14
CA GLY A 66 1.68 -16.59 -2.94
C GLY A 66 2.50 -15.33 -3.25
N LEU A 67 3.64 -15.53 -3.91
CA LEU A 67 4.48 -14.42 -4.33
C LEU A 67 3.71 -13.45 -5.22
N LEU A 68 3.01 -13.99 -6.21
CA LEU A 68 2.27 -13.17 -7.17
C LEU A 68 1.17 -12.38 -6.46
N ILE A 69 0.54 -12.99 -5.47
CA ILE A 69 -0.49 -12.32 -4.69
C ILE A 69 0.07 -11.10 -3.98
N VAL A 70 1.21 -11.28 -3.32
CA VAL A 70 1.88 -10.17 -2.63
C VAL A 70 2.33 -9.11 -3.62
N SER A 71 2.93 -9.54 -4.72
CA SER A 71 3.43 -8.62 -5.73
C SER A 71 2.31 -7.73 -6.27
N TYR A 72 1.15 -8.32 -6.49
CA TYR A 72 -0.02 -7.57 -6.94
C TYR A 72 -0.38 -6.46 -5.96
N VAL A 73 -0.58 -6.85 -4.70
CA VAL A 73 -1.01 -5.91 -3.67
C VAL A 73 0.03 -4.82 -3.44
N VAL A 74 1.30 -5.22 -3.40
CA VAL A 74 2.40 -4.28 -3.26
C VAL A 74 2.43 -3.29 -4.42
N SER A 75 2.32 -3.81 -5.63
CA SER A 75 2.38 -2.99 -6.83
C SER A 75 1.28 -1.93 -6.83
N GLY A 76 0.10 -2.33 -6.36
CA GLY A 76 -1.07 -1.45 -6.37
C GLY A 76 -0.82 -0.20 -5.54
N LYS A 77 0.11 -0.30 -4.60
CA LYS A 77 0.40 0.79 -3.68
C LYS A 77 1.71 1.48 -4.03
N SER A 78 2.23 1.18 -5.21
CA SER A 78 3.49 1.77 -5.67
C SER A 78 3.31 3.24 -6.03
N VAL A 79 4.42 3.97 -6.09
CA VAL A 79 4.40 5.36 -6.50
C VAL A 79 3.84 5.52 -7.90
N ASP A 80 4.24 4.62 -8.80
CA ASP A 80 3.78 4.65 -10.18
C ASP A 80 2.26 4.58 -10.25
N MET A 81 1.68 3.69 -9.47
CA MET A 81 0.23 3.51 -9.44
C MET A 81 -0.46 4.71 -8.80
N TYR A 82 0.21 5.31 -7.82
CA TYR A 82 -0.30 6.50 -7.17
C TYR A 82 -0.38 7.67 -8.15
N ILE A 83 0.62 7.78 -9.01
CA ILE A 83 0.63 8.81 -10.04
C ILE A 83 -0.54 8.63 -11.01
N GLU A 84 -0.75 7.40 -11.46
CA GLU A 84 -1.90 7.09 -12.30
C GLU A 84 -3.21 7.34 -11.58
N ARG A 85 -3.27 6.95 -10.32
CA ARG A 85 -4.45 7.19 -9.49
C ARG A 85 -4.76 8.68 -9.41
N ALA A 86 -3.73 9.49 -9.23
CA ALA A 86 -3.88 10.94 -9.19
C ALA A 86 -4.50 11.47 -10.48
N GLY A 87 -4.06 10.92 -11.60
CA GLY A 87 -4.56 11.34 -12.91
C GLY A 87 -6.06 11.12 -13.02
N ASP A 88 -6.54 10.02 -12.45
CA ASP A 88 -7.94 9.65 -12.55
C ASP A 88 -8.67 9.84 -11.23
N ILE A 89 -8.09 10.65 -10.35
CA ILE A 89 -8.66 10.89 -9.04
C ILE A 89 -10.00 11.62 -9.14
N THR A 90 -10.98 11.16 -8.37
CA THR A 90 -12.32 11.73 -8.40
C THR A 90 -12.69 12.37 -7.07
N TRP A 91 -11.89 12.07 -6.05
CA TRP A 91 -12.21 12.49 -4.69
C TRP A 91 -11.86 13.95 -4.46
N GLU A 92 -12.87 14.76 -4.14
CA GLU A 92 -12.69 16.20 -3.99
C GLU A 92 -11.85 16.52 -2.76
N LYS A 93 -11.82 15.59 -1.81
CA LYS A 93 -11.07 15.78 -0.57
C LYS A 93 -9.59 15.44 -0.76
N ASP A 94 -9.28 14.81 -1.89
CA ASP A 94 -7.92 14.35 -2.16
C ASP A 94 -7.13 15.39 -2.94
N ALA A 95 -6.07 15.91 -2.33
CA ALA A 95 -5.38 17.07 -2.87
C ALA A 95 -4.91 16.82 -4.30
N GLU A 96 -4.80 15.55 -4.66
CA GLU A 96 -4.35 15.17 -6.00
C GLU A 96 -5.28 15.73 -7.07
N VAL A 97 -6.54 15.97 -6.70
CA VAL A 97 -7.53 16.47 -7.64
C VAL A 97 -7.18 17.89 -8.08
N THR A 98 -6.36 18.57 -7.29
CA THR A 98 -5.96 19.94 -7.59
C THR A 98 -4.65 19.97 -8.36
N GLY A 99 -4.10 18.78 -8.64
CA GLY A 99 -2.82 18.67 -9.33
C GLY A 99 -1.67 18.56 -8.34
N ASN A 100 -2.00 18.34 -7.07
CA ASN A 100 -0.99 18.19 -6.03
C ASN A 100 -0.50 16.76 -5.93
N SER A 101 0.72 16.53 -6.41
CA SER A 101 1.26 15.17 -6.52
C SER A 101 1.09 14.41 -5.20
N PRO A 102 1.03 13.09 -5.29
CA PRO A 102 0.86 12.25 -4.11
C PRO A 102 1.89 12.59 -3.05
N ARG A 103 1.44 12.69 -1.79
CA ARG A 103 2.33 13.01 -0.68
C ARG A 103 2.07 12.09 0.50
N LEU A 104 2.96 12.15 1.49
CA LEU A 104 2.81 11.34 2.70
C LEU A 104 2.53 12.22 3.91
N ASP A 105 2.93 13.49 3.83
CA ASP A 105 3.03 14.34 5.01
C ASP A 105 1.66 14.82 5.45
N VAL A 106 0.84 13.89 5.95
CA VAL A 106 -0.50 14.22 6.43
C VAL A 106 -0.45 15.21 7.58
N ALA A 107 -1.32 16.21 7.51
CA ALA A 107 -1.34 17.27 8.51
C ALA A 107 -2.72 17.89 8.65
N LEU A 108 -3.01 18.47 9.81
CA LEU A 108 -4.24 19.21 10.01
C LEU A 108 -3.99 20.72 9.89
N ASP A 109 -4.70 21.36 8.96
CA ASP A 109 -4.52 22.78 8.71
C ASP A 109 -5.32 23.62 9.69
N GLU A 110 -5.06 24.92 9.72
CA GLU A 110 -5.73 25.82 10.63
C GLU A 110 -7.23 25.91 10.32
N SER A 111 -7.58 25.59 9.08
CA SER A 111 -8.97 25.67 8.64
C SER A 111 -9.81 24.56 9.26
N GLY A 112 -9.14 23.56 9.80
CA GLY A 112 -9.82 22.37 10.31
C GLY A 112 -9.82 21.25 9.27
N ASP A 113 -9.37 21.58 8.06
CA ASP A 113 -9.29 20.60 6.98
C ASP A 113 -8.07 19.70 7.15
N PHE A 114 -8.28 18.40 7.03
CA PHE A 114 -7.20 17.42 7.16
C PHE A 114 -6.51 17.19 5.83
N SER A 115 -5.30 17.71 5.70
CA SER A 115 -4.59 17.69 4.43
C SER A 115 -4.16 16.27 4.06
N LEU A 116 -4.39 15.91 2.81
CA LEU A 116 -4.01 14.58 2.32
C LEU A 116 -4.81 13.49 3.03
N VAL A 117 -5.97 13.86 3.54
CA VAL A 117 -6.90 12.90 4.12
C VAL A 117 -8.24 12.91 3.40
N GLU A 118 -8.70 11.74 2.97
CA GLU A 118 -9.98 11.61 2.30
C GLU A 118 -11.14 11.62 3.29
N GLU A 119 -11.51 12.81 3.75
CA GLU A 119 -12.49 12.94 4.82
C GLU A 119 -13.80 12.25 4.46
N ASP A 120 -14.15 12.31 3.18
CA ASP A 120 -15.41 11.73 2.72
C ASP A 120 -15.20 10.36 2.11
N GLY A 121 -13.97 9.85 2.22
CA GLY A 121 -13.61 8.58 1.59
C GLY A 121 -13.88 7.41 2.50
N PRO A 122 -13.52 6.21 2.05
CA PRO A 122 -13.71 5.01 2.84
C PRO A 122 -12.96 5.08 4.17
N PRO A 123 -13.55 4.50 5.21
CA PRO A 123 -12.89 4.42 6.51
C PRO A 123 -11.50 3.79 6.38
N MET A 124 -10.54 4.31 7.15
CA MET A 124 -9.18 3.81 7.11
C MET A 124 -9.11 2.34 7.51
N ARG A 125 -10.03 1.94 8.38
CA ARG A 125 -10.12 0.54 8.79
C ARG A 125 -10.32 -0.37 7.57
N GLU A 126 -11.24 0.01 6.70
CA GLU A 126 -11.52 -0.76 5.50
C GLU A 126 -10.33 -0.75 4.54
N ILE A 127 -9.67 0.40 4.45
CA ILE A 127 -8.49 0.53 3.60
C ILE A 127 -7.37 -0.39 4.06
N ILE A 128 -7.14 -0.42 5.36
CA ILE A 128 -6.09 -1.28 5.93
C ILE A 128 -6.42 -2.75 5.72
N LEU A 129 -7.65 -3.13 6.05
CA LEU A 129 -8.07 -4.53 5.92
C LEU A 129 -8.02 -4.99 4.48
N LYS A 130 -8.48 -4.13 3.57
CA LYS A 130 -8.52 -4.47 2.15
C LYS A 130 -7.16 -4.95 1.66
N VAL A 131 -6.12 -4.19 2.00
CA VAL A 131 -4.76 -4.51 1.55
C VAL A 131 -4.39 -5.95 1.91
N VAL A 132 -4.72 -6.35 3.14
CA VAL A 132 -4.39 -7.69 3.61
C VAL A 132 -5.38 -8.73 3.09
N LEU A 133 -6.66 -8.37 3.08
CA LEU A 133 -7.72 -9.32 2.75
C LEU A 133 -7.63 -9.75 1.29
N MET A 134 -7.03 -8.90 0.46
CA MET A 134 -6.83 -9.22 -0.95
C MET A 134 -5.94 -10.44 -1.12
N ALA A 135 -5.18 -10.75 -0.08
CA ALA A 135 -4.23 -11.86 -0.15
C ALA A 135 -4.80 -13.13 0.46
N ILE A 136 -4.35 -14.27 -0.03
CA ILE A 136 -4.86 -15.56 0.43
C ILE A 136 -3.78 -16.37 1.12
N CYS A 137 -3.88 -16.49 2.44
CA CYS A 137 -2.83 -17.15 3.22
C CYS A 137 -2.75 -18.63 2.89
N GLY A 138 -3.85 -19.19 2.38
CA GLY A 138 -3.91 -20.59 2.05
C GLY A 138 -2.86 -20.97 1.01
N MET A 139 -2.53 -20.01 0.15
CA MET A 139 -1.62 -20.26 -0.96
C MET A 139 -0.17 -20.32 -0.47
N ASN A 140 0.12 -19.59 0.60
CA ASN A 140 1.46 -19.58 1.18
C ASN A 140 1.43 -19.11 2.63
N PRO A 141 1.29 -20.05 3.55
CA PRO A 141 1.03 -19.72 4.95
C PRO A 141 2.22 -18.97 5.57
N ILE A 142 3.27 -18.81 4.79
CA ILE A 142 4.46 -18.10 5.25
C ILE A 142 4.53 -16.70 4.65
N ALA A 143 4.57 -16.64 3.32
CA ALA A 143 4.86 -15.38 2.62
C ALA A 143 3.77 -14.35 2.86
N ILE A 144 2.53 -14.82 2.91
CA ILE A 144 1.37 -13.93 2.89
C ILE A 144 1.26 -13.15 4.20
N PRO A 145 1.22 -13.87 5.31
CA PRO A 145 1.11 -13.24 6.62
C PRO A 145 2.36 -12.43 6.96
N PHE A 146 3.47 -12.77 6.30
CA PHE A 146 4.68 -11.97 6.39
C PHE A 146 4.51 -10.62 5.71
N ALA A 147 3.97 -10.65 4.50
CA ALA A 147 3.63 -9.42 3.79
C ALA A 147 2.57 -8.62 4.54
N ALA A 148 1.62 -9.33 5.14
CA ALA A 148 0.55 -8.69 5.91
C ALA A 148 1.13 -7.86 7.05
N GLY A 149 2.12 -8.41 7.73
CA GLY A 149 2.85 -7.68 8.76
C GLY A 149 3.40 -6.36 8.22
N ALA A 150 4.14 -6.44 7.12
CA ALA A 150 4.70 -5.26 6.49
C ALA A 150 3.61 -4.30 6.05
N TRP A 151 2.50 -4.85 5.58
CA TRP A 151 1.38 -4.03 5.11
C TRP A 151 0.72 -3.29 6.27
N TYR A 152 0.64 -3.94 7.42
CA TYR A 152 0.11 -3.32 8.63
C TYR A 152 1.00 -2.17 9.09
N VAL A 153 2.29 -2.29 8.81
CA VAL A 153 3.22 -1.19 9.05
C VAL A 153 3.09 -0.12 7.98
N TYR A 154 2.98 -0.55 6.73
CA TYR A 154 2.90 0.38 5.61
C TYR A 154 1.82 1.43 5.84
N VAL A 155 0.63 0.97 6.23
CA VAL A 155 -0.52 1.86 6.35
C VAL A 155 -0.33 2.88 7.47
N LYS A 156 0.58 2.58 8.39
CA LYS A 156 0.80 3.42 9.56
C LYS A 156 1.67 4.62 9.21
N THR A 157 2.09 4.70 7.94
CA THR A 157 2.80 5.87 7.45
C THR A 157 1.86 7.03 7.20
N GLY A 158 0.57 6.73 7.09
CA GLY A 158 -0.43 7.74 6.77
C GLY A 158 -0.94 7.58 5.34
N LYS A 159 -0.18 6.85 4.53
CA LYS A 159 -0.57 6.60 3.15
C LYS A 159 -1.85 5.76 3.08
N ARG A 160 -2.76 6.16 2.20
CA ARG A 160 -4.06 5.52 2.09
C ARG A 160 -4.12 4.60 0.87
N SER A 31 7.20 16.43 -4.82
CA SER A 31 6.13 16.13 -3.87
C SER A 31 6.40 14.85 -3.12
N TRP A 32 7.68 14.57 -2.86
CA TRP A 32 8.08 13.32 -2.25
C TRP A 32 9.02 13.56 -1.07
N PRO A 33 8.45 13.89 0.08
CA PRO A 33 9.23 14.18 1.28
C PRO A 33 10.14 13.01 1.62
N PRO A 34 11.12 13.26 2.50
CA PRO A 34 12.08 12.24 2.89
C PRO A 34 11.38 11.00 3.43
N SER A 35 10.13 11.17 3.85
CA SER A 35 9.34 10.07 4.37
C SER A 35 9.17 8.97 3.33
N GLU A 36 9.49 9.29 2.08
CA GLU A 36 9.44 8.32 1.00
C GLU A 36 10.27 7.08 1.34
N VAL A 37 11.35 7.28 2.08
CA VAL A 37 12.21 6.18 2.50
C VAL A 37 11.44 5.16 3.32
N LEU A 38 10.61 5.65 4.23
CA LEU A 38 9.79 4.77 5.07
C LEU A 38 8.80 3.98 4.23
N THR A 39 8.23 4.63 3.22
CA THR A 39 7.28 3.98 2.32
C THR A 39 7.99 2.96 1.43
N ALA A 40 9.22 3.27 1.04
CA ALA A 40 10.02 2.36 0.24
C ALA A 40 10.36 1.09 1.03
N VAL A 41 10.91 1.28 2.22
CA VAL A 41 11.33 0.15 3.05
C VAL A 41 10.15 -0.76 3.37
N GLY A 42 9.01 -0.15 3.72
CA GLY A 42 7.79 -0.90 3.99
C GLY A 42 7.45 -1.84 2.84
N LEU A 43 7.35 -1.29 1.64
CA LEU A 43 6.96 -2.06 0.46
C LEU A 43 8.02 -3.10 0.13
N ILE A 44 9.28 -2.71 0.26
CA ILE A 44 10.39 -3.62 0.00
C ILE A 44 10.35 -4.83 0.95
N CYS A 45 10.10 -4.55 2.22
CA CYS A 45 9.98 -5.61 3.22
C CYS A 45 8.85 -6.56 2.88
N ALA A 46 7.74 -6.01 2.39
CA ALA A 46 6.61 -6.83 1.95
C ALA A 46 6.99 -7.76 0.82
N LEU A 47 7.71 -7.22 -0.16
CA LEU A 47 8.17 -8.01 -1.29
C LEU A 47 9.10 -9.13 -0.85
N ALA A 48 9.99 -8.82 0.09
CA ALA A 48 10.89 -9.81 0.65
C ALA A 48 10.12 -10.95 1.30
N GLY A 49 9.10 -10.60 2.08
CA GLY A 49 8.21 -11.59 2.69
C GLY A 49 7.51 -12.43 1.62
N GLY A 50 7.23 -11.81 0.48
CA GLY A 50 6.53 -12.49 -0.61
C GLY A 50 7.30 -13.71 -1.09
N PHE A 51 8.61 -13.69 -0.87
CA PHE A 51 9.48 -14.74 -1.40
C PHE A 51 9.67 -15.85 -0.37
N ALA A 52 8.97 -15.74 0.76
CA ALA A 52 9.06 -16.74 1.81
C ALA A 52 8.52 -18.09 1.35
N LYS A 53 9.42 -19.05 1.18
CA LYS A 53 9.05 -20.35 0.62
C LYS A 53 8.34 -20.20 -0.72
N ALA A 54 8.81 -19.26 -1.53
CA ALA A 54 8.26 -19.04 -2.86
C ALA A 54 9.35 -18.68 -3.86
N ASP A 55 9.17 -19.13 -5.10
CA ASP A 55 10.16 -18.86 -6.15
C ASP A 55 11.53 -19.39 -5.75
N ILE A 56 11.56 -20.59 -5.18
CA ILE A 56 12.82 -21.21 -4.77
C ILE A 56 13.04 -22.53 -5.51
N GLU A 57 12.26 -22.74 -6.56
CA GLU A 57 12.41 -23.93 -7.39
C GLU A 57 12.13 -25.20 -6.60
N MET A 58 11.55 -25.03 -5.41
CA MET A 58 11.11 -26.16 -4.60
C MET A 58 9.70 -25.94 -4.07
N ALA A 59 9.15 -24.76 -4.36
CA ALA A 59 7.86 -24.37 -3.80
C ALA A 59 6.71 -24.77 -4.72
N GLY A 60 5.52 -24.89 -4.14
CA GLY A 60 4.34 -25.27 -4.92
C GLY A 60 3.77 -24.09 -5.68
N PRO A 61 2.93 -24.38 -6.67
CA PRO A 61 2.29 -23.34 -7.46
C PRO A 61 1.60 -22.32 -6.58
N MET A 62 1.01 -22.80 -5.47
CA MET A 62 0.29 -21.94 -4.55
C MET A 62 1.20 -20.87 -3.96
N ALA A 63 2.41 -21.28 -3.60
CA ALA A 63 3.40 -20.35 -3.07
C ALA A 63 3.76 -19.28 -4.08
N ALA A 64 3.88 -19.69 -5.35
CA ALA A 64 4.15 -18.74 -6.43
C ALA A 64 3.04 -17.70 -6.55
N VAL A 65 1.80 -18.15 -6.40
CA VAL A 65 0.65 -17.25 -6.38
C VAL A 65 0.72 -16.29 -5.21
N GLY A 66 1.12 -16.82 -4.04
CA GLY A 66 1.33 -15.98 -2.87
C GLY A 66 2.25 -14.81 -3.18
N LEU A 67 3.39 -15.10 -3.82
CA LEU A 67 4.33 -14.06 -4.23
C LEU A 67 3.65 -13.05 -5.13
N LEU A 68 2.92 -13.54 -6.12
CA LEU A 68 2.25 -12.67 -7.09
C LEU A 68 1.22 -11.78 -6.41
N ILE A 69 0.52 -12.33 -5.43
CA ILE A 69 -0.45 -11.57 -4.65
C ILE A 69 0.21 -10.41 -3.94
N VAL A 70 1.35 -10.68 -3.29
CA VAL A 70 2.10 -9.64 -2.61
C VAL A 70 2.58 -8.57 -3.59
N SER A 71 3.12 -9.02 -4.72
CA SER A 71 3.61 -8.11 -5.75
C SER A 71 2.49 -7.20 -6.25
N TYR A 72 1.31 -7.76 -6.44
CA TYR A 72 0.15 -7.00 -6.89
C TYR A 72 -0.16 -5.87 -5.92
N VAL A 73 -0.33 -6.22 -4.65
CA VAL A 73 -0.71 -5.25 -3.63
C VAL A 73 0.36 -4.18 -3.47
N VAL A 74 1.61 -4.60 -3.45
CA VAL A 74 2.74 -3.67 -3.37
C VAL A 74 2.77 -2.73 -4.57
N SER A 75 2.59 -3.30 -5.76
CA SER A 75 2.64 -2.53 -6.99
C SER A 75 1.62 -1.40 -6.97
N GLY A 76 0.45 -1.67 -6.42
CA GLY A 76 -0.63 -0.68 -6.37
C GLY A 76 -0.25 0.50 -5.50
N LYS A 77 0.78 0.31 -4.68
CA LYS A 77 1.23 1.36 -3.76
C LYS A 77 2.53 1.99 -4.23
N SER A 78 2.90 1.71 -5.47
CA SER A 78 4.12 2.26 -6.06
C SER A 78 3.93 3.71 -6.45
N VAL A 79 5.04 4.43 -6.63
CA VAL A 79 5.00 5.80 -7.11
C VAL A 79 4.36 5.88 -8.50
N ASP A 80 4.71 4.94 -9.37
CA ASP A 80 4.16 4.91 -10.71
C ASP A 80 2.64 4.83 -10.69
N MET A 81 2.11 3.95 -9.86
CA MET A 81 0.66 3.76 -9.77
C MET A 81 -0.01 4.95 -9.10
N TYR A 82 0.69 5.60 -8.18
CA TYR A 82 0.21 6.83 -7.55
C TYR A 82 0.03 7.93 -8.57
N ILE A 83 0.96 8.04 -9.51
CA ILE A 83 0.89 9.05 -10.56
C ILE A 83 -0.27 8.76 -11.51
N GLU A 84 -0.36 7.51 -11.97
CA GLU A 84 -1.44 7.10 -12.85
C GLU A 84 -2.80 7.25 -12.17
N ARG A 85 -2.86 6.86 -10.91
CA ARG A 85 -4.08 7.00 -10.12
C ARG A 85 -4.54 8.45 -10.08
N ALA A 86 -3.61 9.37 -9.90
CA ALA A 86 -3.92 10.79 -9.89
C ALA A 86 -4.59 11.21 -11.19
N GLY A 87 -4.10 10.68 -12.30
CA GLY A 87 -4.66 10.99 -13.60
C GLY A 87 -6.14 10.63 -13.69
N ASP A 88 -6.51 9.53 -13.05
CA ASP A 88 -7.88 9.02 -13.13
C ASP A 88 -8.62 9.22 -11.81
N ILE A 89 -8.09 10.12 -10.99
CA ILE A 89 -8.68 10.38 -9.67
C ILE A 89 -10.07 10.99 -9.80
N THR A 90 -11.01 10.50 -9.01
CA THR A 90 -12.39 10.98 -9.06
C THR A 90 -12.79 11.61 -7.73
N TRP A 91 -11.98 11.40 -6.70
CA TRP A 91 -12.33 11.81 -5.35
C TRP A 91 -12.09 13.31 -5.16
N GLU A 92 -13.15 14.04 -4.83
CA GLU A 92 -13.09 15.48 -4.73
C GLU A 92 -12.27 15.92 -3.53
N LYS A 93 -12.14 15.03 -2.55
CA LYS A 93 -11.42 15.34 -1.33
C LYS A 93 -9.92 15.04 -1.47
N ASP A 94 -9.55 14.47 -2.61
CA ASP A 94 -8.16 14.13 -2.88
C ASP A 94 -7.48 15.19 -3.72
N ALA A 95 -6.47 15.84 -3.15
CA ALA A 95 -5.88 17.03 -3.74
C ALA A 95 -5.43 16.78 -5.18
N GLU A 96 -5.21 15.51 -5.50
CA GLU A 96 -4.75 15.13 -6.83
C GLU A 96 -5.76 15.56 -7.90
N VAL A 97 -7.02 15.67 -7.51
CA VAL A 97 -8.08 16.04 -8.43
C VAL A 97 -7.89 17.46 -8.95
N THR A 98 -7.12 18.26 -8.21
CA THR A 98 -6.86 19.64 -8.59
C THR A 98 -5.59 19.76 -9.42
N GLY A 99 -4.95 18.62 -9.68
CA GLY A 99 -3.69 18.60 -10.41
C GLY A 99 -2.50 18.65 -9.47
N ASN A 100 -2.75 18.44 -8.17
CA ASN A 100 -1.71 18.45 -7.16
C ASN A 100 -0.98 17.11 -7.11
N SER A 101 0.30 17.12 -7.45
CA SER A 101 1.09 15.90 -7.53
C SER A 101 0.94 15.07 -6.26
N PRO A 102 0.95 13.74 -6.42
CA PRO A 102 0.79 12.84 -5.29
C PRO A 102 1.74 13.20 -4.15
N ARG A 103 1.23 13.15 -2.93
CA ARG A 103 2.01 13.51 -1.75
C ARG A 103 2.01 12.39 -0.72
N LEU A 104 2.94 12.47 0.23
CA LEU A 104 3.03 11.48 1.29
C LEU A 104 2.54 12.06 2.62
N ASP A 105 2.67 13.37 2.78
CA ASP A 105 2.60 13.99 4.09
C ASP A 105 1.15 14.22 4.52
N VAL A 106 0.42 13.13 4.72
CA VAL A 106 -0.93 13.21 5.27
C VAL A 106 -0.92 13.76 6.69
N ALA A 107 -1.83 14.68 6.97
CA ALA A 107 -1.87 15.35 8.27
C ALA A 107 -3.26 15.87 8.58
N LEU A 108 -3.56 16.03 9.87
CA LEU A 108 -4.79 16.69 10.29
C LEU A 108 -4.54 18.16 10.62
N ASP A 109 -5.25 19.05 9.93
CA ASP A 109 -5.07 20.48 10.11
C ASP A 109 -5.83 20.99 11.33
N GLU A 110 -5.53 22.23 11.73
CA GLU A 110 -6.17 22.83 12.89
C GLU A 110 -7.67 23.01 12.67
N SER A 111 -8.06 23.10 11.40
CA SER A 111 -9.46 23.32 11.04
C SER A 111 -10.31 22.08 11.34
N GLY A 112 -9.65 20.95 11.53
CA GLY A 112 -10.34 19.68 11.69
C GLY A 112 -10.40 18.92 10.37
N ASP A 113 -9.96 19.57 9.30
CA ASP A 113 -9.93 18.95 7.98
C ASP A 113 -8.73 18.02 7.84
N PHE A 114 -8.97 16.81 7.36
CA PHE A 114 -7.91 15.83 7.19
C PHE A 114 -7.24 15.97 5.82
N SER A 115 -6.04 16.54 5.82
CA SER A 115 -5.37 16.92 4.58
C SER A 115 -4.88 15.69 3.82
N LEU A 116 -5.19 15.64 2.52
CA LEU A 116 -4.78 14.52 1.68
C LEU A 116 -5.45 13.22 2.13
N VAL A 117 -6.62 13.36 2.77
CA VAL A 117 -7.41 12.20 3.14
C VAL A 117 -8.78 12.23 2.46
N GLU A 118 -9.18 11.09 1.90
CA GLU A 118 -10.49 10.97 1.28
C GLU A 118 -11.60 10.82 2.33
N GLU A 119 -12.02 11.95 2.88
CA GLU A 119 -13.00 11.94 3.96
C GLU A 119 -14.31 11.31 3.51
N ASP A 120 -14.56 11.34 2.21
CA ASP A 120 -15.77 10.75 1.64
C ASP A 120 -15.59 9.28 1.32
N GLY A 121 -14.36 8.80 1.50
CA GLY A 121 -14.03 7.42 1.16
C GLY A 121 -14.13 6.51 2.38
N PRO A 122 -13.64 5.28 2.24
CA PRO A 122 -13.66 4.32 3.33
C PRO A 122 -12.90 4.83 4.53
N PRO A 123 -13.32 4.41 5.72
CA PRO A 123 -12.61 4.76 6.95
C PRO A 123 -11.15 4.35 6.88
N MET A 124 -10.31 5.08 7.59
CA MET A 124 -8.88 4.80 7.62
C MET A 124 -8.62 3.34 8.00
N ARG A 125 -9.39 2.84 8.97
CA ARG A 125 -9.27 1.46 9.40
C ARG A 125 -9.47 0.50 8.23
N GLU A 126 -10.48 0.77 7.42
CA GLU A 126 -10.80 -0.10 6.29
C GLU A 126 -9.73 -0.02 5.20
N ILE A 127 -9.17 1.17 5.02
CA ILE A 127 -8.09 1.36 4.07
C ILE A 127 -6.86 0.55 4.45
N ILE A 128 -6.50 0.59 5.72
CA ILE A 128 -5.37 -0.19 6.24
C ILE A 128 -5.61 -1.68 6.06
N LEU A 129 -6.81 -2.12 6.44
CA LEU A 129 -7.16 -3.54 6.34
C LEU A 129 -7.22 -3.99 4.89
N LYS A 130 -7.77 -3.14 4.03
CA LYS A 130 -7.94 -3.48 2.61
C LYS A 130 -6.63 -3.99 2.02
N VAL A 131 -5.54 -3.30 2.33
CA VAL A 131 -4.22 -3.69 1.81
C VAL A 131 -3.94 -5.16 2.09
N VAL A 132 -4.34 -5.62 3.27
CA VAL A 132 -4.08 -7.00 3.68
C VAL A 132 -5.18 -7.94 3.19
N LEU A 133 -6.42 -7.46 3.24
CA LEU A 133 -7.57 -8.29 2.95
C LEU A 133 -7.58 -8.72 1.48
N MET A 134 -6.94 -7.92 0.64
CA MET A 134 -6.81 -8.25 -0.77
C MET A 134 -6.02 -9.54 -0.98
N ALA A 135 -5.18 -9.87 0.00
CA ALA A 135 -4.29 -11.01 -0.11
C ALA A 135 -4.96 -12.29 0.36
N ILE A 136 -4.51 -13.43 -0.15
CA ILE A 136 -5.07 -14.73 0.23
C ILE A 136 -4.04 -15.58 0.95
N CYS A 137 -4.19 -15.70 2.26
CA CYS A 137 -3.24 -16.43 3.09
C CYS A 137 -3.23 -17.91 2.75
N GLY A 138 -4.34 -18.38 2.17
CA GLY A 138 -4.48 -19.78 1.81
C GLY A 138 -3.41 -20.20 0.80
N MET A 139 -2.96 -19.24 0.00
CA MET A 139 -1.98 -19.52 -1.04
C MET A 139 -0.59 -19.72 -0.46
N ASN A 140 -0.29 -18.98 0.59
CA ASN A 140 1.02 -19.08 1.24
C ASN A 140 0.95 -18.60 2.68
N PRO A 141 0.71 -19.53 3.60
CA PRO A 141 0.43 -19.18 4.99
C PRO A 141 1.63 -18.51 5.65
N ILE A 142 2.73 -18.43 4.92
CA ILE A 142 3.94 -17.79 5.42
C ILE A 142 4.14 -16.42 4.79
N ALA A 143 4.24 -16.39 3.47
CA ALA A 143 4.64 -15.18 2.75
C ALA A 143 3.63 -14.06 2.94
N ILE A 144 2.34 -14.42 2.97
CA ILE A 144 1.27 -13.44 2.91
C ILE A 144 1.19 -12.64 4.20
N PRO A 145 1.07 -13.34 5.32
CA PRO A 145 0.99 -12.69 6.62
C PRO A 145 2.28 -11.98 6.97
N PHE A 146 3.37 -12.41 6.36
CA PHE A 146 4.64 -11.71 6.45
C PHE A 146 4.59 -10.36 5.75
N ALA A 147 4.06 -10.36 4.53
CA ALA A 147 3.83 -9.12 3.80
C ALA A 147 2.83 -8.24 4.53
N ALA A 148 1.83 -8.86 5.13
CA ALA A 148 0.82 -8.13 5.90
C ALA A 148 1.46 -7.34 7.03
N GLY A 149 2.42 -7.95 7.71
CA GLY A 149 3.20 -7.26 8.72
C GLY A 149 3.82 -5.99 8.16
N ALA A 150 4.55 -6.13 7.06
CA ALA A 150 5.21 -4.99 6.42
C ALA A 150 4.19 -3.94 5.99
N TRP A 151 3.03 -4.41 5.54
CA TRP A 151 1.97 -3.51 5.10
C TRP A 151 1.36 -2.74 6.26
N TYR A 152 1.28 -3.41 7.42
CA TYR A 152 0.83 -2.75 8.63
C TYR A 152 1.83 -1.71 9.10
N VAL A 153 3.09 -1.90 8.74
CA VAL A 153 4.12 -0.90 9.00
C VAL A 153 4.05 0.25 8.00
N TYR A 154 3.80 -0.09 6.74
CA TYR A 154 3.71 0.91 5.69
C TYR A 154 2.79 2.05 6.09
N VAL A 155 1.62 1.71 6.62
CA VAL A 155 0.56 2.68 6.86
C VAL A 155 0.90 3.57 8.06
N LYS A 156 1.96 3.21 8.76
CA LYS A 156 2.39 3.98 9.94
C LYS A 156 3.06 5.29 9.54
N THR A 157 3.24 5.47 8.23
CA THR A 157 3.73 6.74 7.71
C THR A 157 2.64 7.81 7.76
N GLY A 158 1.41 7.38 7.97
CA GLY A 158 0.28 8.30 8.04
C GLY A 158 -0.48 8.34 6.72
N LYS A 159 0.14 7.81 5.67
CA LYS A 159 -0.47 7.80 4.35
C LYS A 159 -1.67 6.85 4.30
N ARG A 160 -2.75 7.31 3.68
CA ARG A 160 -3.96 6.53 3.58
C ARG A 160 -4.47 6.45 2.14
N SER A 31 8.05 16.49 -5.68
CA SER A 31 7.02 15.48 -5.90
C SER A 31 7.38 14.16 -5.21
N TRP A 32 8.35 14.23 -4.29
CA TRP A 32 8.83 13.04 -3.61
C TRP A 32 9.22 13.36 -2.17
N PRO A 33 8.21 13.51 -1.32
CA PRO A 33 8.44 13.80 0.09
C PRO A 33 9.35 12.77 0.73
N PRO A 34 10.17 13.21 1.69
CA PRO A 34 11.06 12.31 2.41
C PRO A 34 10.30 11.10 2.95
N SER A 35 9.04 11.30 3.28
CA SER A 35 8.23 10.23 3.86
C SER A 35 8.06 9.07 2.90
N GLU A 36 8.24 9.34 1.61
CA GLU A 36 8.07 8.32 0.57
C GLU A 36 9.10 7.22 0.73
N VAL A 37 10.19 7.52 1.44
CA VAL A 37 11.18 6.51 1.78
C VAL A 37 10.57 5.37 2.59
N LEU A 38 9.69 5.72 3.52
CA LEU A 38 9.02 4.73 4.34
C LEU A 38 8.08 3.87 3.51
N THR A 39 7.42 4.48 2.54
CA THR A 39 6.51 3.78 1.65
C THR A 39 7.28 2.82 0.74
N ALA A 40 8.45 3.24 0.29
CA ALA A 40 9.32 2.39 -0.52
C ALA A 40 9.75 1.16 0.25
N VAL A 41 10.27 1.37 1.46
CA VAL A 41 10.75 0.28 2.29
C VAL A 41 9.62 -0.68 2.64
N GLY A 42 8.47 -0.14 2.99
CA GLY A 42 7.31 -0.95 3.33
C GLY A 42 6.99 -1.94 2.21
N LEU A 43 6.81 -1.42 1.01
CA LEU A 43 6.44 -2.25 -0.14
C LEU A 43 7.54 -3.25 -0.46
N ILE A 44 8.79 -2.81 -0.37
CA ILE A 44 9.94 -3.67 -0.62
C ILE A 44 9.98 -4.82 0.37
N CYS A 45 9.73 -4.51 1.64
CA CYS A 45 9.70 -5.53 2.68
C CYS A 45 8.62 -6.57 2.42
N ALA A 46 7.47 -6.10 1.94
CA ALA A 46 6.37 -7.00 1.57
C ALA A 46 6.78 -7.95 0.46
N LEU A 47 7.46 -7.41 -0.55
CA LEU A 47 7.96 -8.21 -1.65
C LEU A 47 8.98 -9.24 -1.18
N ALA A 48 9.87 -8.81 -0.28
CA ALA A 48 10.86 -9.71 0.30
C ALA A 48 10.19 -10.86 1.05
N GLY A 49 9.17 -10.54 1.83
CA GLY A 49 8.39 -11.55 2.53
C GLY A 49 7.73 -12.50 1.54
N GLY A 50 7.35 -11.98 0.38
CA GLY A 50 6.69 -12.77 -0.64
C GLY A 50 7.53 -13.97 -1.06
N PHE A 51 8.85 -13.83 -0.91
CA PHE A 51 9.79 -14.83 -1.40
C PHE A 51 10.07 -15.87 -0.32
N ALA A 52 9.43 -15.72 0.83
CA ALA A 52 9.64 -16.63 1.94
C ALA A 52 9.11 -18.03 1.62
N LYS A 53 10.03 -18.99 1.48
CA LYS A 53 9.68 -20.34 1.07
C LYS A 53 8.98 -20.33 -0.29
N ALA A 54 9.40 -19.41 -1.15
CA ALA A 54 8.85 -19.32 -2.50
C ALA A 54 9.92 -18.98 -3.52
N ASP A 55 9.76 -19.49 -4.74
CA ASP A 55 10.74 -19.27 -5.79
C ASP A 55 12.12 -19.80 -5.37
N ILE A 56 12.12 -20.92 -4.67
CA ILE A 56 13.37 -21.54 -4.22
C ILE A 56 13.52 -22.95 -4.77
N GLU A 57 12.60 -23.33 -5.66
CA GLU A 57 12.64 -24.65 -6.29
C GLU A 57 12.60 -25.76 -5.25
N MET A 58 12.12 -25.41 -4.06
CA MET A 58 11.96 -26.39 -2.99
C MET A 58 10.58 -26.28 -2.34
N ALA A 59 9.63 -25.71 -3.07
CA ALA A 59 8.30 -25.46 -2.55
C ALA A 59 7.23 -25.67 -3.62
N GLY A 60 6.01 -25.91 -3.17
CA GLY A 60 4.92 -26.25 -4.09
C GLY A 60 4.49 -25.04 -4.91
N PRO A 61 3.77 -25.30 -6.00
CA PRO A 61 3.25 -24.24 -6.85
C PRO A 61 2.50 -23.19 -6.03
N MET A 62 1.86 -23.64 -4.96
CA MET A 62 1.07 -22.75 -4.11
C MET A 62 1.94 -21.65 -3.51
N ALA A 63 3.19 -21.98 -3.20
CA ALA A 63 4.13 -21.01 -2.68
C ALA A 63 4.45 -19.93 -3.71
N ALA A 64 4.60 -20.37 -4.97
CA ALA A 64 4.81 -19.43 -6.07
C ALA A 64 3.61 -18.52 -6.25
N VAL A 65 2.41 -19.07 -6.09
CA VAL A 65 1.18 -18.29 -6.15
C VAL A 65 1.14 -17.25 -5.04
N GLY A 66 1.51 -17.66 -3.84
CA GLY A 66 1.63 -16.73 -2.72
C GLY A 66 2.50 -15.54 -3.08
N LEU A 67 3.69 -15.81 -3.61
CA LEU A 67 4.59 -14.76 -4.06
C LEU A 67 3.90 -13.82 -5.03
N LEU A 68 3.25 -14.39 -6.04
CA LEU A 68 2.60 -13.61 -7.08
C LEU A 68 1.51 -12.71 -6.50
N ILE A 69 0.71 -13.27 -5.60
CA ILE A 69 -0.40 -12.54 -5.00
C ILE A 69 0.10 -11.34 -4.21
N VAL A 70 1.15 -11.54 -3.43
CA VAL A 70 1.79 -10.46 -2.69
C VAL A 70 2.31 -9.39 -3.64
N SER A 71 2.96 -9.82 -4.72
CA SER A 71 3.48 -8.90 -5.72
C SER A 71 2.35 -8.10 -6.37
N TYR A 72 1.23 -8.77 -6.62
CA TYR A 72 0.08 -8.12 -7.24
C TYR A 72 -0.47 -7.00 -6.37
N VAL A 73 -0.56 -7.26 -5.07
CA VAL A 73 -1.03 -6.27 -4.12
C VAL A 73 -0.07 -5.09 -4.04
N VAL A 74 1.22 -5.38 -3.95
CA VAL A 74 2.25 -4.35 -3.95
C VAL A 74 2.21 -3.52 -5.22
N SER A 75 2.03 -4.19 -6.36
CA SER A 75 1.94 -3.52 -7.65
C SER A 75 0.77 -2.55 -7.67
N GLY A 76 -0.36 -2.98 -7.12
CA GLY A 76 -1.54 -2.13 -7.03
C GLY A 76 -1.26 -0.87 -6.24
N LYS A 77 -0.33 -0.97 -5.29
CA LYS A 77 0.01 0.16 -4.44
C LYS A 77 1.33 0.80 -4.87
N SER A 78 1.74 0.51 -6.10
CA SER A 78 2.98 1.04 -6.64
C SER A 78 2.87 2.55 -6.87
N VAL A 79 4.02 3.21 -7.00
CA VAL A 79 4.06 4.64 -7.30
C VAL A 79 3.36 4.95 -8.60
N ASP A 80 3.60 4.11 -9.62
CA ASP A 80 2.97 4.29 -10.92
C ASP A 80 1.46 4.31 -10.82
N MET A 81 0.92 3.37 -10.04
CA MET A 81 -0.53 3.28 -9.85
C MET A 81 -1.06 4.50 -9.10
N TYR A 82 -0.28 5.00 -8.16
CA TYR A 82 -0.64 6.20 -7.41
C TYR A 82 -0.72 7.41 -8.33
N ILE A 83 0.21 7.51 -9.26
CA ILE A 83 0.24 8.62 -10.21
C ILE A 83 -0.98 8.57 -11.13
N GLU A 84 -1.24 7.42 -11.72
CA GLU A 84 -2.38 7.24 -12.61
C GLU A 84 -3.69 7.47 -11.88
N ARG A 85 -3.77 6.98 -10.65
CA ARG A 85 -4.95 7.20 -9.82
C ARG A 85 -5.15 8.67 -9.50
N ALA A 86 -4.06 9.34 -9.11
CA ALA A 86 -4.11 10.75 -8.78
C ALA A 86 -4.60 11.58 -9.97
N GLY A 87 -4.28 11.12 -11.18
CA GLY A 87 -4.65 11.83 -12.39
C GLY A 87 -6.16 12.05 -12.45
N ASP A 88 -6.91 11.13 -11.85
CA ASP A 88 -8.37 11.18 -11.90
C ASP A 88 -8.96 11.56 -10.56
N ILE A 89 -8.13 12.16 -9.70
CA ILE A 89 -8.56 12.53 -8.36
C ILE A 89 -9.62 13.62 -8.41
N THR A 90 -10.63 13.51 -7.55
CA THR A 90 -11.70 14.50 -7.49
C THR A 90 -11.89 15.03 -6.08
N TRP A 91 -11.05 14.57 -5.16
CA TRP A 91 -11.21 14.86 -3.75
C TRP A 91 -10.83 16.30 -3.43
N GLU A 92 -11.80 17.08 -2.96
CA GLU A 92 -11.61 18.51 -2.74
C GLU A 92 -10.65 18.76 -1.58
N LYS A 93 -10.51 17.76 -0.71
CA LYS A 93 -9.69 17.90 0.49
C LYS A 93 -8.24 17.52 0.21
N ASP A 94 -7.97 17.09 -1.03
CA ASP A 94 -6.63 16.68 -1.42
C ASP A 94 -6.02 17.66 -2.41
N ALA A 95 -4.97 18.36 -1.99
CA ALA A 95 -4.46 19.50 -2.73
C ALA A 95 -4.14 19.12 -4.17
N GLU A 96 -3.87 17.84 -4.40
CA GLU A 96 -3.47 17.36 -5.71
C GLU A 96 -4.55 17.60 -6.74
N VAL A 97 -5.80 17.71 -6.27
CA VAL A 97 -6.93 17.93 -7.16
C VAL A 97 -6.83 19.27 -7.86
N THR A 98 -6.07 20.19 -7.28
CA THR A 98 -5.91 21.53 -7.83
C THR A 98 -4.69 21.60 -8.75
N GLY A 99 -4.01 20.48 -8.90
CA GLY A 99 -2.78 20.43 -9.70
C GLY A 99 -1.56 20.58 -8.81
N ASN A 100 -1.76 20.52 -7.49
CA ASN A 100 -0.68 20.64 -6.53
C ASN A 100 0.26 19.44 -6.64
N SER A 101 1.55 19.69 -6.40
CA SER A 101 2.55 18.62 -6.41
C SER A 101 2.14 17.46 -5.53
N PRO A 102 2.44 16.25 -5.96
CA PRO A 102 2.12 15.05 -5.18
C PRO A 102 2.62 15.19 -3.75
N ARG A 103 1.76 14.79 -2.80
CA ARG A 103 2.10 14.88 -1.39
C ARG A 103 1.76 13.60 -0.66
N LEU A 104 2.34 13.42 0.53
CA LEU A 104 2.08 12.24 1.34
C LEU A 104 1.57 12.62 2.72
N ASP A 105 2.12 13.69 3.28
CA ASP A 105 2.04 13.95 4.71
C ASP A 105 0.65 14.46 5.09
N VAL A 106 -0.27 13.53 5.32
CA VAL A 106 -1.61 13.87 5.78
C VAL A 106 -1.55 14.63 7.11
N ALA A 107 -2.47 15.57 7.29
CA ALA A 107 -2.50 16.40 8.48
C ALA A 107 -3.88 16.99 8.72
N LEU A 108 -4.18 17.32 9.98
CA LEU A 108 -5.38 18.06 10.31
C LEU A 108 -5.10 19.54 10.47
N ASP A 109 -5.76 20.35 9.63
CA ASP A 109 -5.54 21.79 9.63
C ASP A 109 -6.40 22.48 10.68
N GLU A 110 -6.14 23.75 10.92
CA GLU A 110 -6.90 24.53 11.89
C GLU A 110 -8.35 24.66 11.47
N SER A 111 -8.61 24.52 10.18
CA SER A 111 -9.96 24.65 9.64
C SER A 111 -10.82 23.46 10.03
N GLY A 112 -10.18 22.38 10.48
CA GLY A 112 -10.86 21.13 10.76
C GLY A 112 -10.77 20.17 9.58
N ASP A 113 -10.23 20.67 8.47
CA ASP A 113 -10.06 19.85 7.27
C ASP A 113 -8.88 18.89 7.43
N PHE A 114 -9.09 17.63 7.05
CA PHE A 114 -8.03 16.65 7.03
C PHE A 114 -7.33 16.62 5.67
N SER A 115 -6.17 17.26 5.60
CA SER A 115 -5.50 17.48 4.32
C SER A 115 -5.00 16.16 3.72
N LEU A 116 -5.28 15.95 2.44
CA LEU A 116 -4.82 14.76 1.75
C LEU A 116 -5.47 13.51 2.31
N VAL A 117 -6.64 13.68 2.92
CA VAL A 117 -7.40 12.56 3.46
C VAL A 117 -8.77 12.47 2.82
N GLU A 118 -9.17 11.24 2.45
CA GLU A 118 -10.49 11.01 1.89
C GLU A 118 -11.56 10.98 2.96
N GLU A 119 -11.97 12.17 3.40
CA GLU A 119 -12.84 12.29 4.56
C GLU A 119 -14.11 11.48 4.40
N ASP A 120 -14.66 11.48 3.18
CA ASP A 120 -15.92 10.81 2.91
C ASP A 120 -15.70 9.51 2.14
N GLY A 121 -14.46 9.01 2.18
CA GLY A 121 -14.12 7.78 1.49
C GLY A 121 -14.36 6.56 2.37
N PRO A 122 -13.99 5.39 1.88
CA PRO A 122 -14.12 4.15 2.64
C PRO A 122 -13.34 4.23 3.96
N PRO A 123 -13.86 3.54 4.98
CA PRO A 123 -13.19 3.49 6.28
C PRO A 123 -11.75 3.06 6.13
N MET A 124 -10.85 3.76 6.82
CA MET A 124 -9.42 3.47 6.73
C MET A 124 -9.10 2.09 7.26
N ARG A 125 -9.86 1.65 8.25
CA ARG A 125 -9.71 0.30 8.78
C ARG A 125 -9.93 -0.76 7.71
N GLU A 126 -10.98 -0.58 6.91
CA GLU A 126 -11.31 -1.53 5.86
C GLU A 126 -10.27 -1.50 4.74
N ILE A 127 -9.78 -0.30 4.44
CA ILE A 127 -8.75 -0.15 3.42
C ILE A 127 -7.46 -0.88 3.81
N ILE A 128 -7.06 -0.72 5.07
CA ILE A 128 -5.88 -1.41 5.58
C ILE A 128 -6.07 -2.92 5.54
N LEU A 129 -7.23 -3.38 6.02
CA LEU A 129 -7.53 -4.80 6.03
C LEU A 129 -7.59 -5.37 4.61
N LYS A 130 -8.18 -4.61 3.69
CA LYS A 130 -8.31 -5.04 2.31
C LYS A 130 -6.96 -5.45 1.73
N VAL A 131 -5.95 -4.61 1.94
CA VAL A 131 -4.62 -4.89 1.44
C VAL A 131 -4.12 -6.25 1.90
N VAL A 132 -4.36 -6.56 3.17
CA VAL A 132 -3.93 -7.83 3.75
C VAL A 132 -4.84 -8.96 3.30
N LEU A 133 -6.14 -8.71 3.30
CA LEU A 133 -7.12 -9.76 3.05
C LEU A 133 -7.01 -10.30 1.63
N MET A 134 -6.53 -9.46 0.72
CA MET A 134 -6.35 -9.87 -0.67
C MET A 134 -5.32 -10.97 -0.79
N ALA A 135 -4.48 -11.10 0.23
CA ALA A 135 -3.40 -12.10 0.22
C ALA A 135 -3.85 -13.39 0.88
N ILE A 136 -3.86 -14.47 0.09
CA ILE A 136 -4.48 -15.72 0.52
C ILE A 136 -3.52 -16.55 1.36
N CYS A 137 -3.83 -16.71 2.64
CA CYS A 137 -2.93 -17.35 3.58
C CYS A 137 -2.79 -18.84 3.30
N GLY A 138 -3.73 -19.37 2.53
CA GLY A 138 -3.76 -20.80 2.22
C GLY A 138 -2.74 -21.15 1.14
N MET A 139 -2.17 -20.12 0.52
CA MET A 139 -1.19 -20.31 -0.53
C MET A 139 0.21 -20.48 0.03
N ASN A 140 0.54 -19.67 1.03
CA ASN A 140 1.87 -19.69 1.63
C ASN A 140 1.83 -19.21 3.08
N PRO A 141 1.77 -20.16 4.01
CA PRO A 141 1.52 -19.85 5.41
C PRO A 141 2.60 -18.93 5.97
N ILE A 142 3.71 -18.82 5.25
CA ILE A 142 4.85 -18.04 5.71
C ILE A 142 4.89 -16.67 5.02
N ALA A 143 4.94 -16.68 3.70
CA ALA A 143 5.16 -15.46 2.94
C ALA A 143 4.03 -14.46 3.14
N ILE A 144 2.81 -14.98 3.28
CA ILE A 144 1.62 -14.15 3.24
C ILE A 144 1.55 -13.24 4.46
N PRO A 145 1.60 -13.83 5.65
CA PRO A 145 1.54 -13.07 6.89
C PRO A 145 2.77 -12.19 7.06
N PHE A 146 3.86 -12.56 6.39
CA PHE A 146 5.06 -11.74 6.36
C PHE A 146 4.82 -10.45 5.58
N ALA A 147 4.21 -10.57 4.42
CA ALA A 147 3.81 -9.41 3.63
C ALA A 147 2.78 -8.56 4.39
N ALA A 148 1.88 -9.24 5.09
CA ALA A 148 0.87 -8.54 5.88
C ALA A 148 1.51 -7.65 6.93
N GLY A 149 2.54 -8.18 7.60
CA GLY A 149 3.31 -7.40 8.57
C GLY A 149 3.83 -6.11 7.94
N ALA A 150 4.52 -6.25 6.81
CA ALA A 150 5.07 -5.09 6.10
C ALA A 150 3.97 -4.11 5.71
N TRP A 151 2.83 -4.64 5.30
CA TRP A 151 1.72 -3.81 4.86
C TRP A 151 1.10 -3.05 6.03
N TYR A 152 1.02 -3.72 7.18
CA TYR A 152 0.53 -3.09 8.40
C TYR A 152 1.40 -1.90 8.79
N VAL A 153 2.70 -2.03 8.57
CA VAL A 153 3.63 -0.92 8.77
C VAL A 153 3.47 0.13 7.67
N TYR A 154 3.34 -0.34 6.44
CA TYR A 154 3.25 0.57 5.29
C TYR A 154 2.18 1.64 5.52
N VAL A 155 0.99 1.20 5.93
CA VAL A 155 -0.17 2.07 5.99
C VAL A 155 -0.01 3.12 7.09
N LYS A 156 0.95 2.90 7.98
CA LYS A 156 1.17 3.79 9.12
C LYS A 156 1.95 5.02 8.69
N THR A 157 2.35 5.06 7.43
CA THR A 157 2.99 6.25 6.87
C THR A 157 2.00 7.37 6.63
N GLY A 158 0.72 7.02 6.56
CA GLY A 158 -0.33 7.98 6.27
C GLY A 158 -0.62 8.06 4.78
N LYS A 159 0.20 7.37 3.98
CA LYS A 159 0.04 7.36 2.54
C LYS A 159 -1.36 6.88 2.14
N ARG A 160 -2.02 7.65 1.29
CA ARG A 160 -3.35 7.30 0.82
C ARG A 160 -3.33 6.83 -0.62
N SER A 31 7.04 16.44 -4.62
CA SER A 31 6.06 16.15 -3.58
C SER A 31 6.34 14.81 -2.93
N TRP A 32 7.62 14.52 -2.72
CA TRP A 32 8.05 13.22 -2.22
C TRP A 32 9.02 13.37 -1.06
N PRO A 33 8.49 13.67 0.13
CA PRO A 33 9.31 13.92 1.29
C PRO A 33 10.18 12.71 1.63
N PRO A 34 11.21 12.94 2.44
CA PRO A 34 12.10 11.85 2.86
C PRO A 34 11.31 10.72 3.52
N SER A 35 10.12 11.04 4.00
CA SER A 35 9.26 10.04 4.64
C SER A 35 9.01 8.85 3.71
N GLU A 36 9.11 9.08 2.41
CA GLU A 36 8.87 8.04 1.42
C GLU A 36 9.86 6.88 1.60
N VAL A 37 11.00 7.17 2.19
CA VAL A 37 12.00 6.15 2.48
C VAL A 37 11.44 5.06 3.38
N LEU A 38 10.65 5.46 4.36
CA LEU A 38 10.02 4.52 5.29
C LEU A 38 9.06 3.59 4.56
N THR A 39 8.34 4.13 3.58
CA THR A 39 7.41 3.34 2.79
C THR A 39 8.14 2.46 1.80
N ALA A 40 9.27 2.94 1.30
CA ALA A 40 10.12 2.16 0.41
C ALA A 40 10.62 0.89 1.09
N VAL A 41 11.11 1.04 2.32
CA VAL A 41 11.55 -0.11 3.10
C VAL A 41 10.40 -1.06 3.37
N GLY A 42 9.25 -0.51 3.74
CA GLY A 42 8.05 -1.30 3.96
C GLY A 42 7.77 -2.22 2.78
N LEU A 43 7.65 -1.62 1.59
CA LEU A 43 7.30 -2.37 0.39
C LEU A 43 8.37 -3.40 0.05
N ILE A 44 9.63 -3.01 0.23
CA ILE A 44 10.75 -3.91 -0.01
C ILE A 44 10.70 -5.11 0.93
N CYS A 45 10.40 -4.86 2.20
CA CYS A 45 10.26 -5.91 3.18
C CYS A 45 9.12 -6.86 2.81
N ALA A 46 8.03 -6.30 2.31
CA ALA A 46 6.90 -7.10 1.85
C ALA A 46 7.30 -8.01 0.70
N LEU A 47 8.04 -7.47 -0.26
CA LEU A 47 8.50 -8.25 -1.39
C LEU A 47 9.43 -9.38 -0.95
N ALA A 48 10.30 -9.07 0.01
CA ALA A 48 11.18 -10.08 0.58
C ALA A 48 10.38 -11.20 1.24
N GLY A 49 9.36 -10.83 2.00
CA GLY A 49 8.45 -11.80 2.59
C GLY A 49 7.76 -12.64 1.53
N GLY A 50 7.52 -12.03 0.37
CA GLY A 50 6.82 -12.70 -0.72
C GLY A 50 7.58 -13.95 -1.16
N PHE A 51 8.88 -13.96 -0.92
CA PHE A 51 9.74 -15.05 -1.38
C PHE A 51 9.88 -16.13 -0.32
N ALA A 52 9.18 -15.95 0.80
CA ALA A 52 9.25 -16.91 1.90
C ALA A 52 8.64 -18.24 1.52
N LYS A 53 9.48 -19.25 1.37
CA LYS A 53 9.03 -20.56 0.89
C LYS A 53 8.37 -20.45 -0.47
N ALA A 54 8.88 -19.53 -1.30
CA ALA A 54 8.34 -19.34 -2.64
C ALA A 54 9.46 -19.07 -3.64
N ASP A 55 9.29 -19.57 -4.87
CA ASP A 55 10.29 -19.39 -5.91
C ASP A 55 11.64 -19.99 -5.49
N ILE A 56 11.59 -21.08 -4.75
CA ILE A 56 12.81 -21.78 -4.34
C ILE A 56 12.81 -23.23 -4.83
N GLU A 57 11.82 -23.57 -5.66
CA GLU A 57 11.74 -24.90 -6.23
C GLU A 57 11.60 -25.96 -5.14
N MET A 58 11.03 -25.56 -4.01
CA MET A 58 10.72 -26.49 -2.93
C MET A 58 9.26 -26.40 -2.52
N ALA A 59 8.44 -25.80 -3.39
CA ALA A 59 7.04 -25.55 -3.07
C ALA A 59 6.18 -25.59 -4.32
N GLY A 60 4.87 -25.74 -4.12
CA GLY A 60 3.95 -25.91 -5.24
C GLY A 60 3.60 -24.58 -5.89
N PRO A 61 2.82 -24.64 -6.96
CA PRO A 61 2.42 -23.42 -7.67
C PRO A 61 1.76 -22.42 -6.72
N MET A 62 1.13 -22.93 -5.67
CA MET A 62 0.46 -22.08 -4.70
C MET A 62 1.41 -21.07 -4.09
N ALA A 63 2.63 -21.52 -3.79
CA ALA A 63 3.65 -20.64 -3.24
C ALA A 63 4.06 -19.56 -4.23
N ALA A 64 4.17 -19.94 -5.50
CA ALA A 64 4.46 -18.99 -6.55
C ALA A 64 3.36 -17.93 -6.67
N VAL A 65 2.11 -18.37 -6.52
CA VAL A 65 0.98 -17.44 -6.51
C VAL A 65 1.06 -16.49 -5.32
N GLY A 66 1.44 -17.02 -4.17
CA GLY A 66 1.67 -16.20 -2.99
C GLY A 66 2.60 -15.04 -3.30
N LEU A 67 3.73 -15.34 -3.93
CA LEU A 67 4.67 -14.30 -4.34
C LEU A 67 4.00 -13.28 -5.25
N LEU A 68 3.28 -13.77 -6.25
CA LEU A 68 2.63 -12.90 -7.22
C LEU A 68 1.60 -12.00 -6.55
N ILE A 69 0.89 -12.55 -5.57
CA ILE A 69 -0.09 -11.78 -4.81
C ILE A 69 0.56 -10.60 -4.09
N VAL A 70 1.69 -10.87 -3.44
CA VAL A 70 2.44 -9.82 -2.76
C VAL A 70 2.92 -8.76 -3.74
N SER A 71 3.47 -9.21 -4.88
CA SER A 71 3.96 -8.31 -5.90
C SER A 71 2.83 -7.40 -6.41
N TYR A 72 1.65 -7.98 -6.59
CA TYR A 72 0.50 -7.21 -7.05
C TYR A 72 0.18 -6.07 -6.09
N VAL A 73 0.02 -6.40 -4.82
CA VAL A 73 -0.36 -5.41 -3.81
C VAL A 73 0.71 -4.35 -3.65
N VAL A 74 1.97 -4.77 -3.64
CA VAL A 74 3.09 -3.84 -3.56
C VAL A 74 3.13 -2.92 -4.77
N SER A 75 2.91 -3.48 -5.95
CA SER A 75 2.92 -2.70 -7.18
C SER A 75 1.88 -1.59 -7.13
N GLY A 76 0.73 -1.90 -6.53
CA GLY A 76 -0.36 -0.93 -6.42
C GLY A 76 0.05 0.27 -5.57
N LYS A 77 1.13 0.11 -4.81
CA LYS A 77 1.60 1.16 -3.92
C LYS A 77 2.84 1.85 -4.48
N SER A 78 3.10 1.62 -5.77
CA SER A 78 4.22 2.27 -6.44
C SER A 78 3.93 3.75 -6.69
N VAL A 79 4.98 4.54 -6.88
CA VAL A 79 4.83 5.95 -7.18
C VAL A 79 4.02 6.15 -8.46
N ASP A 80 4.32 5.35 -9.48
CA ASP A 80 3.62 5.45 -10.76
C ASP A 80 2.11 5.31 -10.59
N MET A 81 1.71 4.32 -9.79
CA MET A 81 0.30 4.05 -9.58
C MET A 81 -0.40 5.19 -8.86
N TYR A 82 0.32 5.82 -7.93
CA TYR A 82 -0.19 6.98 -7.22
C TYR A 82 -0.41 8.17 -8.17
N ILE A 83 0.53 8.34 -9.09
CA ILE A 83 0.41 9.40 -10.09
C ILE A 83 -0.76 9.16 -11.03
N GLU A 84 -0.86 7.93 -11.54
CA GLU A 84 -1.97 7.55 -12.41
C GLU A 84 -3.30 7.65 -11.69
N ARG A 85 -3.32 7.23 -10.43
CA ARG A 85 -4.52 7.34 -9.60
C ARG A 85 -5.00 8.79 -9.54
N ALA A 86 -4.08 9.71 -9.27
CA ALA A 86 -4.43 11.12 -9.16
C ALA A 86 -5.10 11.63 -10.42
N GLY A 87 -4.66 11.12 -11.57
CA GLY A 87 -5.23 11.53 -12.85
C GLY A 87 -6.72 11.26 -12.91
N ASP A 88 -7.17 10.21 -12.22
CA ASP A 88 -8.55 9.78 -12.29
C ASP A 88 -9.26 10.01 -10.96
N ILE A 89 -8.70 10.88 -10.14
CA ILE A 89 -9.25 11.16 -8.82
C ILE A 89 -10.63 11.80 -8.92
N THR A 90 -11.57 11.31 -8.13
CA THR A 90 -12.93 11.83 -8.13
C THR A 90 -13.31 12.36 -6.77
N TRP A 91 -12.57 11.97 -5.74
CA TRP A 91 -12.90 12.31 -4.36
C TRP A 91 -12.73 13.80 -4.12
N GLU A 92 -13.63 14.38 -3.33
CA GLU A 92 -13.68 15.82 -3.15
C GLU A 92 -12.75 16.27 -2.02
N LYS A 93 -12.58 15.41 -1.02
CA LYS A 93 -11.76 15.74 0.13
C LYS A 93 -10.32 15.30 -0.08
N ASP A 94 -10.07 14.60 -1.18
CA ASP A 94 -8.72 14.19 -1.54
C ASP A 94 -7.98 15.30 -2.29
N ALA A 95 -6.95 15.83 -1.67
CA ALA A 95 -6.34 17.08 -2.13
C ALA A 95 -5.90 16.97 -3.58
N GLU A 96 -5.70 15.75 -4.05
CA GLU A 96 -5.23 15.51 -5.41
C GLU A 96 -6.21 16.07 -6.43
N VAL A 97 -7.47 16.15 -6.05
CA VAL A 97 -8.52 16.65 -6.94
C VAL A 97 -8.30 18.12 -7.27
N THR A 98 -7.55 18.80 -6.42
CA THR A 98 -7.27 20.22 -6.62
C THR A 98 -5.97 20.43 -7.41
N GLY A 99 -5.34 19.32 -7.79
CA GLY A 99 -4.08 19.38 -8.52
C GLY A 99 -2.89 19.26 -7.57
N ASN A 100 -3.16 18.91 -6.32
CA ASN A 100 -2.11 18.74 -5.33
C ASN A 100 -1.46 17.37 -5.44
N SER A 101 -0.26 17.34 -6.01
CA SER A 101 0.42 16.08 -6.29
C SER A 101 0.42 15.17 -5.06
N PRO A 102 0.37 13.87 -5.31
CA PRO A 102 0.32 12.88 -4.23
C PRO A 102 1.41 13.14 -3.19
N ARG A 103 1.03 13.06 -1.92
CA ARG A 103 1.98 13.26 -0.83
C ARG A 103 1.85 12.17 0.23
N LEU A 104 2.73 12.21 1.22
CA LEU A 104 2.75 11.20 2.26
C LEU A 104 2.36 11.79 3.62
N ASP A 105 2.87 12.98 3.90
CA ASP A 105 2.82 13.53 5.25
C ASP A 105 1.42 14.02 5.60
N VAL A 106 0.61 13.12 6.14
CA VAL A 106 -0.75 13.46 6.53
C VAL A 106 -0.76 14.64 7.51
N ALA A 107 -1.63 15.61 7.26
CA ALA A 107 -1.65 16.84 8.03
C ALA A 107 -3.04 17.46 8.05
N LEU A 108 -3.30 18.30 9.05
CA LEU A 108 -4.55 19.04 9.12
C LEU A 108 -4.41 20.43 8.52
N ASP A 109 -5.25 20.73 7.54
CA ASP A 109 -5.21 22.02 6.86
C ASP A 109 -6.00 23.07 7.63
N GLU A 110 -5.83 24.33 7.23
CA GLU A 110 -6.48 25.44 7.91
C GLU A 110 -7.99 25.36 7.77
N SER A 111 -8.46 24.68 6.73
CA SER A 111 -9.88 24.58 6.44
C SER A 111 -10.58 23.67 7.45
N GLY A 112 -9.81 22.89 8.19
CA GLY A 112 -10.35 21.87 9.07
C GLY A 112 -10.32 20.50 8.39
N ASP A 113 -10.04 20.49 7.09
CA ASP A 113 -9.94 19.25 6.34
C ASP A 113 -8.58 18.59 6.56
N PHE A 114 -8.58 17.28 6.77
CA PHE A 114 -7.35 16.52 6.92
C PHE A 114 -6.78 16.11 5.58
N SER A 115 -5.59 16.62 5.27
CA SER A 115 -4.94 16.35 4.00
C SER A 115 -4.54 14.88 3.88
N LEU A 116 -4.75 14.30 2.70
CA LEU A 116 -4.45 12.90 2.46
C LEU A 116 -5.32 11.98 3.30
N VAL A 117 -6.48 12.50 3.70
CA VAL A 117 -7.52 11.67 4.31
C VAL A 117 -8.81 11.74 3.51
N GLU A 118 -9.28 10.58 3.06
CA GLU A 118 -10.49 10.50 2.24
C GLU A 118 -11.74 10.59 3.10
N GLU A 119 -12.01 11.79 3.62
CA GLU A 119 -13.11 11.98 4.57
C GLU A 119 -14.45 11.66 3.91
N ASP A 120 -14.53 11.86 2.60
CA ASP A 120 -15.74 11.55 1.86
C ASP A 120 -15.65 10.17 1.21
N GLY A 121 -14.63 9.42 1.57
CA GLY A 121 -14.41 8.09 1.00
C GLY A 121 -14.40 7.02 2.07
N PRO A 122 -13.89 5.84 1.72
CA PRO A 122 -13.84 4.72 2.65
C PRO A 122 -13.04 5.08 3.90
N PRO A 123 -13.44 4.52 5.04
CA PRO A 123 -12.72 4.72 6.28
C PRO A 123 -11.24 4.36 6.13
N MET A 124 -10.38 5.08 6.84
CA MET A 124 -8.95 4.86 6.78
C MET A 124 -8.60 3.43 7.16
N ARG A 125 -9.34 2.88 8.12
CA ARG A 125 -9.10 1.52 8.59
C ARG A 125 -9.40 0.50 7.49
N GLU A 126 -10.50 0.73 6.76
CA GLU A 126 -10.89 -0.17 5.69
C GLU A 126 -9.86 -0.17 4.56
N ILE A 127 -9.28 0.99 4.29
CA ILE A 127 -8.21 1.10 3.32
C ILE A 127 -6.98 0.31 3.76
N ILE A 128 -6.62 0.43 5.03
CA ILE A 128 -5.52 -0.32 5.59
C ILE A 128 -5.76 -1.82 5.49
N LEU A 129 -6.96 -2.24 5.86
CA LEU A 129 -7.33 -3.65 5.83
C LEU A 129 -7.34 -4.18 4.39
N LYS A 130 -7.83 -3.35 3.47
CA LYS A 130 -7.91 -3.73 2.07
C LYS A 130 -6.57 -4.25 1.56
N VAL A 131 -5.50 -3.53 1.91
CA VAL A 131 -4.16 -3.88 1.44
C VAL A 131 -3.85 -5.34 1.74
N VAL A 132 -4.23 -5.79 2.92
CA VAL A 132 -3.97 -7.16 3.35
C VAL A 132 -5.04 -8.11 2.82
N LEU A 133 -6.29 -7.66 2.86
CA LEU A 133 -7.42 -8.50 2.51
C LEU A 133 -7.38 -8.92 1.04
N MET A 134 -6.71 -8.11 0.23
CA MET A 134 -6.53 -8.42 -1.19
C MET A 134 -5.71 -9.70 -1.37
N ALA A 135 -4.94 -10.05 -0.35
CA ALA A 135 -4.04 -11.20 -0.42
C ALA A 135 -4.73 -12.46 0.09
N ILE A 136 -4.27 -13.60 -0.41
CA ILE A 136 -4.84 -14.89 -0.01
C ILE A 136 -3.82 -15.74 0.73
N CYS A 137 -3.99 -15.84 2.04
CA CYS A 137 -3.05 -16.56 2.89
C CYS A 137 -3.06 -18.06 2.56
N GLY A 138 -4.16 -18.53 2.00
CA GLY A 138 -4.30 -19.93 1.64
C GLY A 138 -3.22 -20.35 0.65
N MET A 139 -2.77 -19.41 -0.16
CA MET A 139 -1.78 -19.70 -1.19
C MET A 139 -0.40 -19.90 -0.59
N ASN A 140 -0.10 -19.16 0.46
CA ASN A 140 1.20 -19.25 1.13
C ASN A 140 1.12 -18.75 2.57
N PRO A 141 0.86 -19.66 3.49
CA PRO A 141 0.56 -19.29 4.87
C PRO A 141 1.75 -18.62 5.54
N ILE A 142 2.86 -18.54 4.81
CA ILE A 142 4.08 -17.92 5.32
C ILE A 142 4.29 -16.54 4.71
N ALA A 143 4.39 -16.52 3.38
CA ALA A 143 4.82 -15.31 2.67
C ALA A 143 3.80 -14.19 2.83
N ILE A 144 2.52 -14.56 2.84
CA ILE A 144 1.44 -13.57 2.76
C ILE A 144 1.34 -12.76 4.04
N PRO A 145 1.19 -13.45 5.16
CA PRO A 145 1.07 -12.80 6.46
C PRO A 145 2.36 -12.09 6.84
N PHE A 146 3.47 -12.53 6.24
CA PHE A 146 4.74 -11.82 6.38
C PHE A 146 4.71 -10.48 5.68
N ALA A 147 4.21 -10.47 4.44
CA ALA A 147 3.99 -9.24 3.70
C ALA A 147 2.98 -8.35 4.40
N ALA A 148 1.95 -8.97 4.97
CA ALA A 148 0.92 -8.23 5.70
C ALA A 148 1.52 -7.42 6.84
N GLY A 149 2.46 -8.03 7.56
CA GLY A 149 3.21 -7.32 8.59
C GLY A 149 3.85 -6.06 8.04
N ALA A 150 4.61 -6.21 6.96
CA ALA A 150 5.28 -5.08 6.31
C ALA A 150 4.26 -4.04 5.84
N TRP A 151 3.11 -4.52 5.37
CA TRP A 151 2.07 -3.64 4.88
C TRP A 151 1.41 -2.87 6.01
N TYR A 152 1.31 -3.49 7.18
CA TYR A 152 0.80 -2.83 8.37
C TYR A 152 1.74 -1.75 8.85
N VAL A 153 3.03 -1.91 8.56
CA VAL A 153 4.02 -0.86 8.79
C VAL A 153 3.92 0.22 7.74
N TYR A 154 3.76 -0.18 6.48
CA TYR A 154 3.65 0.76 5.37
C TYR A 154 2.68 1.89 5.70
N VAL A 155 1.49 1.51 6.18
CA VAL A 155 0.39 2.46 6.33
C VAL A 155 0.63 3.39 7.51
N LYS A 156 1.52 2.99 8.41
CA LYS A 156 1.76 3.71 9.65
C LYS A 156 2.65 4.93 9.42
N THR A 157 3.06 5.12 8.16
CA THR A 157 3.77 6.34 7.78
C THR A 157 2.80 7.49 7.50
N GLY A 158 1.53 7.15 7.33
CA GLY A 158 0.53 8.10 6.86
C GLY A 158 0.22 7.89 5.38
N LYS A 159 1.09 7.17 4.70
CA LYS A 159 0.89 6.85 3.29
C LYS A 159 -0.35 5.98 3.10
N ARG A 160 -1.22 6.38 2.19
CA ARG A 160 -2.50 5.72 2.00
C ARG A 160 -2.45 4.73 0.84
N SER A 31 7.68 15.90 -6.68
CA SER A 31 7.22 16.11 -5.31
C SER A 31 7.18 14.79 -4.54
N TRP A 32 8.36 14.31 -4.16
CA TRP A 32 8.47 13.06 -3.41
C TRP A 32 9.36 13.23 -2.19
N PRO A 33 8.78 13.78 -1.11
CA PRO A 33 9.56 14.10 0.09
C PRO A 33 10.25 12.88 0.64
N PRO A 34 11.32 13.10 1.41
CA PRO A 34 12.06 12.01 2.03
C PRO A 34 11.14 11.12 2.86
N SER A 35 10.00 11.66 3.27
CA SER A 35 9.04 10.92 4.07
C SER A 35 8.59 9.65 3.36
N GLU A 36 8.64 9.68 2.03
CA GLU A 36 8.14 8.57 1.22
C GLU A 36 9.03 7.34 1.34
N VAL A 37 10.20 7.53 1.95
CA VAL A 37 11.09 6.41 2.24
C VAL A 37 10.40 5.38 3.11
N LEU A 38 9.56 5.84 4.03
CA LEU A 38 8.84 4.96 4.94
C LEU A 38 7.91 4.03 4.17
N THR A 39 7.28 4.55 3.13
CA THR A 39 6.37 3.77 2.30
C THR A 39 7.13 2.80 1.39
N ALA A 40 8.30 3.24 0.93
CA ALA A 40 9.17 2.39 0.13
C ALA A 40 9.61 1.16 0.93
N VAL A 41 10.12 1.39 2.13
CA VAL A 41 10.60 0.32 2.98
C VAL A 41 9.48 -0.67 3.31
N GLY A 42 8.30 -0.14 3.63
CA GLY A 42 7.14 -0.98 3.90
C GLY A 42 6.90 -1.96 2.76
N LEU A 43 6.78 -1.43 1.55
CA LEU A 43 6.47 -2.25 0.38
C LEU A 43 7.60 -3.23 0.09
N ILE A 44 8.84 -2.77 0.24
CA ILE A 44 10.01 -3.61 0.04
C ILE A 44 10.03 -4.79 1.00
N CYS A 45 9.72 -4.51 2.27
CA CYS A 45 9.64 -5.55 3.29
C CYS A 45 8.59 -6.59 2.93
N ALA A 46 7.46 -6.12 2.41
CA ALA A 46 6.40 -7.02 1.97
C ALA A 46 6.86 -7.93 0.85
N LEU A 47 7.56 -7.35 -0.12
CA LEU A 47 8.09 -8.12 -1.25
C LEU A 47 9.09 -9.18 -0.78
N ALA A 48 9.92 -8.80 0.18
CA ALA A 48 10.88 -9.74 0.77
C ALA A 48 10.17 -10.91 1.42
N GLY A 49 9.10 -10.62 2.17
CA GLY A 49 8.27 -11.66 2.76
C GLY A 49 7.65 -12.55 1.69
N GLY A 50 7.36 -11.96 0.54
CA GLY A 50 6.72 -12.68 -0.55
C GLY A 50 7.57 -13.87 -0.99
N PHE A 51 8.87 -13.78 -0.76
CA PHE A 51 9.81 -14.78 -1.23
C PHE A 51 10.03 -15.88 -0.20
N ALA A 52 9.31 -15.78 0.91
CA ALA A 52 9.43 -16.76 1.99
C ALA A 52 8.93 -18.13 1.54
N LYS A 53 9.85 -19.07 1.40
CA LYS A 53 9.53 -20.40 0.89
C LYS A 53 8.90 -20.31 -0.49
N ALA A 54 9.34 -19.33 -1.28
CA ALA A 54 8.84 -19.16 -2.64
C ALA A 54 9.96 -18.75 -3.58
N ASP A 55 9.90 -19.22 -4.82
CA ASP A 55 10.92 -18.93 -5.82
C ASP A 55 12.30 -19.34 -5.32
N ILE A 56 12.37 -20.54 -4.73
CA ILE A 56 13.64 -21.05 -4.21
C ILE A 56 14.02 -22.36 -4.90
N GLU A 57 13.44 -22.60 -6.07
CA GLU A 57 13.75 -23.79 -6.84
C GLU A 57 13.27 -25.05 -6.13
N MET A 58 12.69 -24.88 -4.95
CA MET A 58 12.03 -25.97 -4.25
C MET A 58 10.59 -25.63 -3.94
N ALA A 59 10.11 -24.51 -4.48
CA ALA A 59 8.77 -24.02 -4.18
C ALA A 59 7.72 -24.78 -4.97
N GLY A 60 6.54 -24.93 -4.38
CA GLY A 60 5.39 -25.48 -5.09
C GLY A 60 4.64 -24.39 -5.86
N PRO A 61 3.76 -24.82 -6.76
CA PRO A 61 2.96 -23.88 -7.54
C PRO A 61 2.24 -22.89 -6.63
N MET A 62 1.74 -23.38 -5.50
CA MET A 62 0.99 -22.54 -4.57
C MET A 62 1.88 -21.45 -3.98
N ALA A 63 3.09 -21.81 -3.59
CA ALA A 63 4.05 -20.86 -3.05
C ALA A 63 4.40 -19.78 -4.07
N ALA A 64 4.52 -20.20 -5.33
CA ALA A 64 4.78 -19.26 -6.42
C ALA A 64 3.65 -18.25 -6.55
N VAL A 65 2.41 -18.72 -6.44
CA VAL A 65 1.26 -17.85 -6.44
C VAL A 65 1.28 -16.89 -5.26
N GLY A 66 1.67 -17.41 -4.10
CA GLY A 66 1.83 -16.58 -2.90
C GLY A 66 2.68 -15.36 -3.21
N LEU A 67 3.85 -15.57 -3.82
CA LEU A 67 4.72 -14.49 -4.22
C LEU A 67 4.01 -13.51 -5.14
N LEU A 68 3.32 -14.05 -6.14
CA LEU A 68 2.64 -13.22 -7.13
C LEU A 68 1.54 -12.38 -6.48
N ILE A 69 0.86 -12.97 -5.50
CA ILE A 69 -0.18 -12.26 -4.75
C ILE A 69 0.38 -11.04 -4.04
N VAL A 70 1.52 -11.23 -3.38
CA VAL A 70 2.20 -10.13 -2.69
C VAL A 70 2.62 -9.04 -3.67
N SER A 71 3.19 -9.47 -4.79
CA SER A 71 3.62 -8.53 -5.83
C SER A 71 2.43 -7.73 -6.36
N TYR A 72 1.31 -8.40 -6.54
CA TYR A 72 0.09 -7.75 -7.01
C TYR A 72 -0.32 -6.62 -6.08
N VAL A 73 -0.45 -6.93 -4.80
CA VAL A 73 -0.90 -5.96 -3.81
C VAL A 73 0.09 -4.81 -3.67
N VAL A 74 1.37 -5.14 -3.61
CA VAL A 74 2.43 -4.14 -3.54
C VAL A 74 2.41 -3.22 -4.77
N SER A 75 2.23 -3.83 -5.94
CA SER A 75 2.14 -3.07 -7.18
C SER A 75 0.97 -2.10 -7.14
N GLY A 76 -0.15 -2.55 -6.58
CA GLY A 76 -1.33 -1.71 -6.46
C GLY A 76 -1.04 -0.44 -5.68
N LYS A 77 -0.12 -0.54 -4.73
CA LYS A 77 0.25 0.61 -3.89
C LYS A 77 1.60 1.18 -4.30
N SER A 78 2.00 0.92 -5.55
CA SER A 78 3.24 1.46 -6.08
C SER A 78 3.12 2.95 -6.35
N VAL A 79 4.26 3.62 -6.49
CA VAL A 79 4.29 5.03 -6.85
C VAL A 79 3.58 5.28 -8.17
N ASP A 80 3.82 4.42 -9.14
CA ASP A 80 3.21 4.55 -10.45
C ASP A 80 1.69 4.55 -10.36
N MET A 81 1.15 3.65 -9.54
CA MET A 81 -0.29 3.53 -9.36
C MET A 81 -0.86 4.77 -8.67
N TYR A 82 -0.09 5.34 -7.75
CA TYR A 82 -0.48 6.56 -7.07
C TYR A 82 -0.54 7.73 -8.06
N ILE A 83 0.40 7.76 -8.99
CA ILE A 83 0.43 8.78 -10.02
C ILE A 83 -0.78 8.67 -10.94
N GLU A 84 -1.04 7.46 -11.42
CA GLU A 84 -2.20 7.20 -12.27
C GLU A 84 -3.50 7.49 -11.53
N ARG A 85 -3.56 7.08 -10.27
CA ARG A 85 -4.72 7.35 -9.43
C ARG A 85 -5.00 8.85 -9.34
N ALA A 86 -3.95 9.64 -9.17
CA ALA A 86 -4.08 11.09 -9.13
C ALA A 86 -4.69 11.63 -10.42
N GLY A 87 -4.27 11.07 -11.55
CA GLY A 87 -4.76 11.50 -12.85
C GLY A 87 -6.27 11.30 -12.96
N ASP A 88 -6.76 10.21 -12.37
CA ASP A 88 -8.17 9.87 -12.47
C ASP A 88 -8.88 10.09 -11.14
N ILE A 89 -8.29 10.90 -10.28
CA ILE A 89 -8.85 11.16 -8.96
C ILE A 89 -10.19 11.88 -9.06
N THR A 90 -11.17 11.42 -8.27
CA THR A 90 -12.50 12.00 -8.30
C THR A 90 -12.86 12.60 -6.95
N TRP A 91 -12.07 12.27 -5.93
CA TRP A 91 -12.39 12.66 -4.56
C TRP A 91 -12.05 14.12 -4.30
N GLU A 92 -13.06 14.91 -3.95
CA GLU A 92 -12.88 16.35 -3.79
C GLU A 92 -12.02 16.67 -2.57
N LYS A 93 -11.96 15.73 -1.63
CA LYS A 93 -11.18 15.93 -0.41
C LYS A 93 -9.72 15.61 -0.62
N ASP A 94 -9.41 14.98 -1.75
CA ASP A 94 -8.04 14.55 -2.06
C ASP A 94 -7.30 15.62 -2.85
N ALA A 95 -6.25 16.17 -2.25
CA ALA A 95 -5.60 17.36 -2.79
C ALA A 95 -5.16 17.15 -4.23
N GLU A 96 -5.01 15.88 -4.61
CA GLU A 96 -4.58 15.53 -5.96
C GLU A 96 -5.53 16.09 -7.00
N VAL A 97 -6.80 16.25 -6.62
CA VAL A 97 -7.82 16.74 -7.54
C VAL A 97 -7.54 18.18 -7.96
N THR A 98 -6.74 18.88 -7.16
CA THR A 98 -6.40 20.27 -7.44
C THR A 98 -5.10 20.37 -8.22
N GLY A 99 -4.50 19.22 -8.53
CA GLY A 99 -3.23 19.19 -9.25
C GLY A 99 -2.07 19.09 -8.28
N ASN A 100 -2.36 18.83 -7.01
CA ASN A 100 -1.33 18.70 -5.99
C ASN A 100 -0.76 17.29 -5.96
N SER A 101 0.46 17.14 -6.46
CA SER A 101 1.05 15.82 -6.63
C SER A 101 0.92 14.99 -5.36
N PRO A 102 0.90 13.67 -5.53
CA PRO A 102 0.75 12.75 -4.40
C PRO A 102 1.77 13.07 -3.32
N ARG A 103 1.32 13.09 -2.07
CA ARG A 103 2.19 13.34 -0.93
C ARG A 103 1.91 12.37 0.21
N LEU A 104 2.76 12.42 1.23
CA LEU A 104 2.60 11.57 2.41
C LEU A 104 2.36 12.39 3.66
N ASP A 105 2.83 13.63 3.64
CA ASP A 105 2.98 14.42 4.86
C ASP A 105 1.62 14.93 5.35
N VAL A 106 0.80 14.02 5.85
CA VAL A 106 -0.52 14.38 6.36
C VAL A 106 -0.43 15.38 7.50
N ALA A 107 -1.28 16.40 7.47
CA ALA A 107 -1.27 17.45 8.48
C ALA A 107 -2.65 18.07 8.65
N LEU A 108 -2.89 18.61 9.84
CA LEU A 108 -4.14 19.34 10.09
C LEU A 108 -3.91 20.84 9.99
N ASP A 109 -4.66 21.49 9.09
CA ASP A 109 -4.52 22.92 8.86
C ASP A 109 -5.31 23.72 9.88
N GLU A 110 -5.06 25.03 9.90
CA GLU A 110 -5.74 25.91 10.85
C GLU A 110 -7.24 25.96 10.58
N SER A 111 -7.62 25.66 9.35
CA SER A 111 -9.02 25.71 8.94
C SER A 111 -9.82 24.58 9.57
N GLY A 112 -9.11 23.57 10.08
CA GLY A 112 -9.75 22.37 10.59
C GLY A 112 -9.75 21.26 9.53
N ASP A 113 -9.35 21.61 8.31
CA ASP A 113 -9.27 20.65 7.21
C ASP A 113 -8.04 19.76 7.35
N PHE A 114 -8.23 18.46 7.20
CA PHE A 114 -7.13 17.51 7.27
C PHE A 114 -6.49 17.31 5.91
N SER A 115 -5.28 17.85 5.75
CA SER A 115 -4.61 17.85 4.46
C SER A 115 -4.17 16.44 4.07
N LEU A 116 -4.42 16.08 2.81
CA LEU A 116 -4.05 14.77 2.30
C LEU A 116 -4.82 13.66 3.01
N VAL A 117 -5.99 14.01 3.55
CA VAL A 117 -6.89 13.03 4.13
C VAL A 117 -8.25 13.06 3.44
N GLU A 118 -8.71 11.90 3.00
CA GLU A 118 -10.01 11.78 2.35
C GLU A 118 -11.14 11.75 3.37
N GLU A 119 -11.51 12.93 3.87
CA GLU A 119 -12.45 13.02 4.98
C GLU A 119 -13.76 12.33 4.65
N ASP A 120 -14.17 12.41 3.40
CA ASP A 120 -15.43 11.82 2.95
C ASP A 120 -15.19 10.54 2.18
N GLY A 121 -13.98 10.01 2.27
CA GLY A 121 -13.61 8.80 1.54
C GLY A 121 -13.81 7.56 2.39
N PRO A 122 -13.38 6.41 1.86
CA PRO A 122 -13.50 5.16 2.59
C PRO A 122 -12.76 5.21 3.92
N PRO A 123 -13.35 4.60 4.93
CA PRO A 123 -12.71 4.49 6.25
C PRO A 123 -11.32 3.88 6.13
N MET A 124 -10.39 4.42 6.91
CA MET A 124 -9.01 3.93 6.89
C MET A 124 -8.93 2.47 7.29
N ARG A 125 -9.84 2.05 8.16
CA ARG A 125 -9.95 0.65 8.55
C ARG A 125 -10.14 -0.25 7.34
N GLU A 126 -11.03 0.16 6.44
CA GLU A 126 -11.32 -0.61 5.24
C GLU A 126 -10.15 -0.58 4.27
N ILE A 127 -9.47 0.56 4.20
CA ILE A 127 -8.27 0.69 3.37
C ILE A 127 -7.17 -0.25 3.84
N ILE A 128 -6.95 -0.29 5.15
CA ILE A 128 -5.94 -1.17 5.73
C ILE A 128 -6.28 -2.63 5.49
N LEU A 129 -7.52 -3.01 5.79
CA LEU A 129 -7.95 -4.40 5.65
C LEU A 129 -7.88 -4.86 4.19
N LYS A 130 -8.33 -3.98 3.29
CA LYS A 130 -8.35 -4.31 1.87
C LYS A 130 -6.99 -4.80 1.39
N VAL A 131 -5.94 -4.06 1.75
CA VAL A 131 -4.58 -4.39 1.33
C VAL A 131 -4.24 -5.83 1.69
N VAL A 132 -4.59 -6.23 2.90
CA VAL A 132 -4.27 -7.56 3.39
C VAL A 132 -5.26 -8.60 2.86
N LEU A 133 -6.53 -8.25 2.84
CA LEU A 133 -7.58 -9.20 2.51
C LEU A 133 -7.51 -9.65 1.06
N MET A 134 -6.89 -8.81 0.23
CA MET A 134 -6.70 -9.14 -1.18
C MET A 134 -5.82 -10.37 -1.34
N ALA A 135 -5.05 -10.67 -0.30
CA ALA A 135 -4.10 -11.78 -0.35
C ALA A 135 -4.72 -13.08 0.16
N ILE A 136 -4.22 -14.20 -0.33
CA ILE A 136 -4.74 -15.51 0.07
C ILE A 136 -3.69 -16.32 0.81
N CYS A 137 -3.86 -16.45 2.12
CA CYS A 137 -2.88 -17.13 2.96
C CYS A 137 -2.81 -18.61 2.62
N GLY A 138 -3.88 -19.13 2.03
CA GLY A 138 -3.95 -20.55 1.68
C GLY A 138 -2.84 -20.93 0.71
N MET A 139 -2.42 -19.96 -0.10
CA MET A 139 -1.41 -20.21 -1.13
C MET A 139 -0.02 -20.35 -0.52
N ASN A 140 0.24 -19.58 0.53
CA ASN A 140 1.53 -19.60 1.21
C ASN A 140 1.42 -19.12 2.64
N PRO A 141 1.21 -20.05 3.56
CA PRO A 141 0.89 -19.70 4.94
C PRO A 141 2.05 -18.98 5.62
N ILE A 142 3.15 -18.84 4.89
CA ILE A 142 4.32 -18.13 5.41
C ILE A 142 4.45 -16.76 4.79
N ALA A 143 4.57 -16.71 3.46
CA ALA A 143 4.92 -15.49 2.76
C ALA A 143 3.83 -14.43 2.92
N ILE A 144 2.58 -14.87 2.90
CA ILE A 144 1.45 -13.96 2.82
C ILE A 144 1.28 -13.16 4.10
N PRO A 145 1.17 -13.87 5.22
CA PRO A 145 1.00 -13.23 6.52
C PRO A 145 2.25 -12.43 6.90
N PHE A 146 3.38 -12.80 6.31
CA PHE A 146 4.60 -12.02 6.45
C PHE A 146 4.48 -10.68 5.73
N ALA A 147 4.00 -10.71 4.50
CA ALA A 147 3.70 -9.50 3.75
C ALA A 147 2.63 -8.67 4.46
N ALA A 148 1.65 -9.35 5.02
CA ALA A 148 0.58 -8.68 5.77
C ALA A 148 1.15 -7.86 6.91
N GLY A 149 2.10 -8.43 7.63
CA GLY A 149 2.83 -7.70 8.67
C GLY A 149 3.42 -6.41 8.11
N ALA A 150 4.17 -6.51 7.02
CA ALA A 150 4.77 -5.34 6.39
C ALA A 150 3.71 -4.35 5.94
N TRP A 151 2.58 -4.88 5.47
CA TRP A 151 1.49 -4.04 4.99
C TRP A 151 0.82 -3.31 6.15
N TYR A 152 0.73 -3.97 7.30
CA TYR A 152 0.19 -3.35 8.51
C TYR A 152 1.11 -2.24 9.00
N VAL A 153 2.40 -2.35 8.70
CA VAL A 153 3.35 -1.28 8.97
C VAL A 153 3.24 -0.19 7.91
N TYR A 154 3.11 -0.59 6.65
CA TYR A 154 3.00 0.35 5.54
C TYR A 154 1.97 1.42 5.84
N VAL A 155 0.79 1.00 6.29
CA VAL A 155 -0.35 1.89 6.42
C VAL A 155 -0.14 2.88 7.55
N LYS A 156 0.80 2.58 8.43
CA LYS A 156 1.08 3.42 9.59
C LYS A 156 1.64 4.77 9.15
N THR A 157 2.10 4.84 7.90
CA THR A 157 2.64 6.08 7.36
C THR A 157 1.53 7.09 7.09
N GLY A 158 0.30 6.61 7.01
CA GLY A 158 -0.83 7.46 6.69
C GLY A 158 -1.19 7.37 5.21
N LYS A 159 -0.31 6.77 4.43
CA LYS A 159 -0.52 6.62 3.00
C LYS A 159 -1.78 5.82 2.72
N ARG A 160 -2.63 6.35 1.85
CA ARG A 160 -3.94 5.74 1.58
C ARG A 160 -3.93 5.02 0.24
N SER A 31 8.56 16.61 -6.17
CA SER A 31 7.42 16.56 -5.26
C SER A 31 7.42 15.27 -4.45
N TRP A 32 8.62 14.81 -4.08
CA TRP A 32 8.76 13.54 -3.37
C TRP A 32 9.64 13.70 -2.14
N PRO A 33 9.07 14.21 -1.06
CA PRO A 33 9.82 14.50 0.15
C PRO A 33 10.50 13.24 0.69
N PRO A 34 11.53 13.43 1.50
CA PRO A 34 12.25 12.31 2.11
C PRO A 34 11.29 11.38 2.83
N SER A 35 10.15 11.91 3.26
CA SER A 35 9.15 11.13 3.97
C SER A 35 8.73 9.91 3.16
N GLU A 36 8.82 10.02 1.84
CA GLU A 36 8.37 8.97 0.94
C GLU A 36 9.12 7.66 1.19
N VAL A 37 10.32 7.78 1.76
CA VAL A 37 11.15 6.62 2.05
C VAL A 37 10.41 5.62 2.94
N LEU A 38 9.57 6.15 3.84
CA LEU A 38 8.85 5.31 4.79
C LEU A 38 7.96 4.32 4.07
N THR A 39 7.33 4.78 2.99
CA THR A 39 6.42 3.92 2.22
C THR A 39 7.20 2.98 1.31
N ALA A 40 8.36 3.44 0.85
CA ALA A 40 9.24 2.60 0.04
C ALA A 40 9.70 1.37 0.82
N VAL A 41 10.15 1.59 2.05
CA VAL A 41 10.64 0.50 2.89
C VAL A 41 9.52 -0.49 3.20
N GLY A 42 8.35 0.04 3.55
CA GLY A 42 7.20 -0.80 3.84
C GLY A 42 6.93 -1.80 2.72
N LEU A 43 6.80 -1.28 1.50
CA LEU A 43 6.47 -2.11 0.36
C LEU A 43 7.58 -3.11 0.05
N ILE A 44 8.82 -2.65 0.18
CA ILE A 44 9.98 -3.51 -0.03
C ILE A 44 9.99 -4.67 0.94
N CYS A 45 9.70 -4.38 2.21
CA CYS A 45 9.62 -5.41 3.24
C CYS A 45 8.56 -6.46 2.89
N ALA A 46 7.43 -5.99 2.38
CA ALA A 46 6.36 -6.89 1.96
C ALA A 46 6.81 -7.79 0.82
N LEU A 47 7.50 -7.22 -0.15
CA LEU A 47 8.01 -7.98 -1.29
C LEU A 47 9.01 -9.03 -0.84
N ALA A 48 9.87 -8.67 0.10
CA ALA A 48 10.82 -9.60 0.67
C ALA A 48 10.12 -10.79 1.32
N GLY A 49 9.07 -10.51 2.08
CA GLY A 49 8.25 -11.56 2.67
C GLY A 49 7.62 -12.43 1.60
N GLY A 50 7.31 -11.83 0.46
CA GLY A 50 6.66 -12.54 -0.64
C GLY A 50 7.50 -13.72 -1.10
N PHE A 51 8.81 -13.63 -0.88
CA PHE A 51 9.74 -14.64 -1.38
C PHE A 51 9.98 -15.73 -0.35
N ALA A 52 9.30 -15.64 0.77
CA ALA A 52 9.44 -16.61 1.84
C ALA A 52 8.91 -17.98 1.42
N LYS A 53 9.82 -18.93 1.26
CA LYS A 53 9.46 -20.25 0.75
C LYS A 53 8.80 -20.16 -0.62
N ALA A 54 9.25 -19.20 -1.42
CA ALA A 54 8.73 -19.03 -2.77
C ALA A 54 9.84 -18.64 -3.74
N ASP A 55 9.74 -19.10 -4.98
CA ASP A 55 10.75 -18.83 -5.99
C ASP A 55 12.12 -19.32 -5.54
N ILE A 56 12.15 -20.49 -4.90
CA ILE A 56 13.39 -21.07 -4.43
C ILE A 56 13.60 -22.45 -5.03
N GLU A 57 12.80 -22.79 -6.04
CA GLU A 57 12.91 -24.08 -6.71
C GLU A 57 12.76 -25.23 -5.74
N MET A 58 12.16 -24.95 -4.58
CA MET A 58 11.92 -25.97 -3.57
C MET A 58 10.52 -25.85 -2.98
N ALA A 59 9.59 -25.34 -3.78
CA ALA A 59 8.23 -25.12 -3.33
C ALA A 59 7.22 -25.29 -4.45
N GLY A 60 5.98 -25.53 -4.10
CA GLY A 60 4.93 -25.84 -5.08
C GLY A 60 4.49 -24.58 -5.81
N PRO A 61 3.73 -24.76 -6.89
CA PRO A 61 3.20 -23.64 -7.66
C PRO A 61 2.46 -22.66 -6.77
N MET A 62 1.84 -23.18 -5.70
CA MET A 62 1.06 -22.36 -4.79
C MET A 62 1.91 -21.29 -4.14
N ALA A 63 3.17 -21.64 -3.85
CA ALA A 63 4.12 -20.69 -3.28
C ALA A 63 4.42 -19.56 -4.26
N ALA A 64 4.56 -19.91 -5.53
CA ALA A 64 4.77 -18.92 -6.58
C ALA A 64 3.58 -17.98 -6.69
N VAL A 65 2.38 -18.52 -6.55
CA VAL A 65 1.16 -17.72 -6.52
C VAL A 65 1.16 -16.76 -5.34
N GLY A 66 1.57 -17.26 -4.18
CA GLY A 66 1.71 -16.42 -2.99
C GLY A 66 2.58 -15.20 -3.29
N LEU A 67 3.74 -15.43 -3.89
CA LEU A 67 4.63 -14.35 -4.28
C LEU A 67 3.92 -13.35 -5.19
N LEU A 68 3.23 -13.87 -6.20
CA LEU A 68 2.54 -13.02 -7.16
C LEU A 68 1.47 -12.18 -6.48
N ILE A 69 0.75 -12.80 -5.55
CA ILE A 69 -0.29 -12.09 -4.80
C ILE A 69 0.28 -10.90 -4.05
N VAL A 70 1.39 -11.11 -3.36
CA VAL A 70 2.07 -10.04 -2.65
C VAL A 70 2.53 -8.94 -3.61
N SER A 71 3.12 -9.36 -4.74
CA SER A 71 3.59 -8.41 -5.74
C SER A 71 2.45 -7.56 -6.28
N TYR A 72 1.31 -8.19 -6.51
CA TYR A 72 0.16 -7.52 -7.09
C TYR A 72 -0.39 -6.45 -6.15
N VAL A 73 -0.51 -6.81 -4.87
CA VAL A 73 -1.00 -5.88 -3.86
C VAL A 73 -0.03 -4.72 -3.65
N VAL A 74 1.27 -5.05 -3.60
CA VAL A 74 2.31 -4.04 -3.51
C VAL A 74 2.30 -3.11 -4.71
N SER A 75 2.17 -3.70 -5.90
CA SER A 75 2.20 -2.93 -7.14
C SER A 75 1.11 -1.87 -7.15
N GLY A 76 -0.06 -2.22 -6.63
CA GLY A 76 -1.19 -1.30 -6.58
C GLY A 76 -0.88 -0.09 -5.70
N LYS A 77 0.12 -0.24 -4.84
CA LYS A 77 0.49 0.82 -3.92
C LYS A 77 1.80 1.48 -4.33
N SER A 78 2.25 1.21 -5.55
CA SER A 78 3.49 1.78 -6.07
C SER A 78 3.32 3.27 -6.39
N VAL A 79 4.43 3.97 -6.48
CA VAL A 79 4.41 5.38 -6.86
C VAL A 79 3.80 5.58 -8.23
N ASP A 80 4.14 4.71 -9.16
CA ASP A 80 3.61 4.78 -10.53
C ASP A 80 2.08 4.73 -10.52
N MET A 81 1.53 3.82 -9.73
CA MET A 81 0.08 3.67 -9.64
C MET A 81 -0.55 4.85 -8.92
N TYR A 82 0.17 5.41 -7.96
CA TYR A 82 -0.29 6.59 -7.25
C TYR A 82 -0.40 7.80 -8.19
N ILE A 83 0.56 7.92 -9.09
CA ILE A 83 0.54 8.98 -10.09
C ILE A 83 -0.65 8.84 -11.02
N GLU A 84 -0.87 7.63 -11.52
CA GLU A 84 -2.02 7.34 -12.37
C GLU A 84 -3.32 7.56 -11.61
N ARG A 85 -3.36 7.13 -10.36
CA ARG A 85 -4.52 7.34 -9.50
C ARG A 85 -4.85 8.82 -9.38
N ALA A 86 -3.82 9.65 -9.20
CA ALA A 86 -4.01 11.09 -9.12
C ALA A 86 -4.63 11.64 -10.39
N GLY A 87 -4.18 11.13 -11.53
CA GLY A 87 -4.69 11.58 -12.83
C GLY A 87 -6.19 11.33 -12.94
N ASP A 88 -6.65 10.20 -12.40
CA ASP A 88 -8.04 9.81 -12.52
C ASP A 88 -8.77 9.94 -11.19
N ILE A 89 -8.21 10.75 -10.29
CA ILE A 89 -8.79 10.94 -8.97
C ILE A 89 -10.14 11.62 -9.06
N THR A 90 -11.10 11.11 -8.30
CA THR A 90 -12.47 11.63 -8.34
C THR A 90 -12.86 12.26 -7.00
N TRP A 91 -12.06 12.00 -5.98
CA TRP A 91 -12.39 12.42 -4.62
C TRP A 91 -12.07 13.90 -4.42
N GLU A 92 -13.10 14.69 -4.12
CA GLU A 92 -12.95 16.13 -4.00
C GLU A 92 -12.04 16.50 -2.85
N LYS A 93 -12.05 15.67 -1.80
CA LYS A 93 -11.30 15.95 -0.60
C LYS A 93 -9.82 15.62 -0.77
N ASP A 94 -9.52 14.88 -1.83
CA ASP A 94 -8.15 14.45 -2.09
C ASP A 94 -7.37 15.50 -2.88
N ALA A 95 -6.34 16.06 -2.26
CA ALA A 95 -5.67 17.24 -2.80
C ALA A 95 -5.20 17.00 -4.22
N GLU A 96 -5.04 15.73 -4.59
CA GLU A 96 -4.58 15.37 -5.93
C GLU A 96 -5.52 15.90 -7.00
N VAL A 97 -6.77 16.08 -6.64
CA VAL A 97 -7.79 16.55 -7.58
C VAL A 97 -7.49 17.99 -8.03
N THR A 98 -6.70 18.70 -7.23
CA THR A 98 -6.36 20.08 -7.52
C THR A 98 -5.06 20.16 -8.32
N GLY A 99 -4.47 19.00 -8.61
CA GLY A 99 -3.20 18.94 -9.34
C GLY A 99 -2.03 18.84 -8.38
N ASN A 100 -2.32 18.59 -7.10
CA ASN A 100 -1.29 18.46 -6.08
C ASN A 100 -0.69 17.07 -6.09
N SER A 101 0.55 16.95 -6.56
CA SER A 101 1.23 15.67 -6.65
C SER A 101 1.09 14.87 -5.36
N PRO A 102 1.02 13.55 -5.50
CA PRO A 102 0.85 12.67 -4.35
C PRO A 102 1.87 12.99 -3.26
N ARG A 103 1.39 13.08 -2.02
CA ARG A 103 2.26 13.36 -0.89
C ARG A 103 1.95 12.43 0.29
N LEU A 104 2.89 12.34 1.22
CA LEU A 104 2.73 11.48 2.39
C LEU A 104 2.48 12.29 3.65
N ASP A 105 2.89 13.56 3.63
CA ASP A 105 2.99 14.35 4.85
C ASP A 105 1.62 14.81 5.33
N VAL A 106 0.82 13.87 5.79
CA VAL A 106 -0.53 14.18 6.29
C VAL A 106 -0.47 15.14 7.45
N ALA A 107 -1.35 16.15 7.43
CA ALA A 107 -1.36 17.18 8.45
C ALA A 107 -2.75 17.79 8.61
N LEU A 108 -3.03 18.32 9.79
CA LEU A 108 -4.26 19.06 10.03
C LEU A 108 -4.01 20.56 9.97
N ASP A 109 -4.71 21.24 9.05
CA ASP A 109 -4.53 22.67 8.86
C ASP A 109 -5.34 23.48 9.87
N GLU A 110 -5.06 24.77 9.94
CA GLU A 110 -5.75 25.65 10.87
C GLU A 110 -7.24 25.74 10.55
N SER A 111 -7.58 25.47 9.30
CA SER A 111 -8.97 25.56 8.84
C SER A 111 -9.81 24.44 9.43
N GLY A 112 -9.14 23.41 9.94
CA GLY A 112 -9.82 22.21 10.40
C GLY A 112 -9.83 21.12 9.33
N ASP A 113 -9.37 21.48 8.14
CA ASP A 113 -9.28 20.53 7.04
C ASP A 113 -8.08 19.60 7.20
N PHE A 114 -8.32 18.31 7.04
CA PHE A 114 -7.25 17.32 7.14
C PHE A 114 -6.57 17.11 5.80
N SER A 115 -5.36 17.64 5.67
CA SER A 115 -4.66 17.65 4.39
C SER A 115 -4.21 16.25 4.00
N LEU A 116 -4.45 15.89 2.74
CA LEU A 116 -4.06 14.58 2.23
C LEU A 116 -4.83 13.47 2.93
N VAL A 117 -6.01 13.81 3.44
CA VAL A 117 -6.91 12.82 4.02
C VAL A 117 -8.25 12.81 3.29
N GLU A 118 -8.68 11.62 2.89
CA GLU A 118 -9.96 11.47 2.19
C GLU A 118 -11.13 11.49 3.17
N GLU A 119 -11.50 12.68 3.61
CA GLU A 119 -12.51 12.82 4.65
C GLU A 119 -13.83 12.17 4.24
N ASP A 120 -14.11 12.17 2.94
CA ASP A 120 -15.35 11.61 2.42
C ASP A 120 -15.14 10.18 1.93
N GLY A 121 -13.92 9.67 2.09
CA GLY A 121 -13.55 8.40 1.51
C GLY A 121 -13.83 7.25 2.47
N PRO A 122 -13.47 6.04 2.06
CA PRO A 122 -13.67 4.86 2.89
C PRO A 122 -12.93 4.97 4.21
N PRO A 123 -13.48 4.38 5.26
CA PRO A 123 -12.83 4.33 6.56
C PRO A 123 -11.42 3.75 6.43
N MET A 124 -10.48 4.31 7.20
CA MET A 124 -9.10 3.86 7.17
C MET A 124 -8.99 2.40 7.58
N ARG A 125 -9.85 1.97 8.50
CA ARG A 125 -9.89 0.58 8.91
C ARG A 125 -10.12 -0.35 7.72
N GLU A 126 -11.07 0.01 6.87
CA GLU A 126 -11.39 -0.80 5.70
C GLU A 126 -10.26 -0.77 4.68
N ILE A 127 -9.61 0.38 4.56
CA ILE A 127 -8.46 0.52 3.66
C ILE A 127 -7.31 -0.38 4.10
N ILE A 128 -7.03 -0.38 5.39
CA ILE A 128 -5.96 -1.22 5.94
C ILE A 128 -6.27 -2.70 5.74
N LEU A 129 -7.49 -3.09 6.10
CA LEU A 129 -7.90 -4.50 5.99
C LEU A 129 -7.89 -4.96 4.53
N LYS A 130 -8.38 -4.09 3.65
CA LYS A 130 -8.46 -4.43 2.23
C LYS A 130 -7.11 -4.91 1.70
N VAL A 131 -6.06 -4.15 2.00
CA VAL A 131 -4.73 -4.48 1.51
C VAL A 131 -4.34 -5.90 1.87
N VAL A 132 -4.64 -6.30 3.10
CA VAL A 132 -4.31 -7.65 3.57
C VAL A 132 -5.31 -8.68 3.05
N LEU A 133 -6.58 -8.33 3.08
CA LEU A 133 -7.65 -9.28 2.77
C LEU A 133 -7.58 -9.71 1.30
N MET A 134 -7.02 -8.86 0.47
CA MET A 134 -6.86 -9.17 -0.96
C MET A 134 -5.96 -10.38 -1.16
N ALA A 135 -5.14 -10.68 -0.15
CA ALA A 135 -4.18 -11.77 -0.24
C ALA A 135 -4.78 -13.08 0.24
N ILE A 136 -4.27 -14.19 -0.27
CA ILE A 136 -4.78 -15.51 0.07
C ILE A 136 -3.72 -16.34 0.80
N CYS A 137 -3.91 -16.50 2.10
CA CYS A 137 -2.92 -17.20 2.93
C CYS A 137 -2.85 -18.68 2.56
N GLY A 138 -3.90 -19.19 1.94
CA GLY A 138 -3.97 -20.59 1.58
C GLY A 138 -2.94 -20.93 0.51
N MET A 139 -2.43 -19.91 -0.18
CA MET A 139 -1.44 -20.10 -1.22
C MET A 139 -0.04 -20.25 -0.64
N ASN A 140 0.25 -19.49 0.41
CA ASN A 140 1.56 -19.54 1.05
C ASN A 140 1.46 -19.09 2.51
N PRO A 141 1.30 -20.05 3.41
CA PRO A 141 0.98 -19.74 4.80
C PRO A 141 2.13 -18.99 5.46
N ILE A 142 3.23 -18.83 4.74
CA ILE A 142 4.39 -18.11 5.26
C ILE A 142 4.50 -16.72 4.64
N ALA A 143 4.60 -16.66 3.32
CA ALA A 143 4.91 -15.41 2.64
C ALA A 143 3.81 -14.39 2.82
N ILE A 144 2.57 -14.85 2.83
CA ILE A 144 1.42 -13.96 2.78
C ILE A 144 1.28 -13.17 4.07
N PRO A 145 1.19 -13.88 5.19
CA PRO A 145 1.05 -13.24 6.50
C PRO A 145 2.30 -12.44 6.85
N PHE A 146 3.42 -12.78 6.24
CA PHE A 146 4.64 -11.99 6.36
C PHE A 146 4.50 -10.65 5.66
N ALA A 147 3.99 -10.67 4.44
CA ALA A 147 3.67 -9.45 3.71
C ALA A 147 2.60 -8.64 4.44
N ALA A 148 1.63 -9.33 5.01
CA ALA A 148 0.57 -8.69 5.78
C ALA A 148 1.14 -7.88 6.94
N GLY A 149 2.13 -8.46 7.62
CA GLY A 149 2.87 -7.74 8.66
C GLY A 149 3.43 -6.43 8.13
N ALA A 150 4.18 -6.52 7.02
CA ALA A 150 4.77 -5.34 6.40
C ALA A 150 3.70 -4.34 5.99
N TRP A 151 2.57 -4.86 5.51
CA TRP A 151 1.46 -4.00 5.08
C TRP A 151 0.81 -3.30 6.26
N TYR A 152 0.73 -4.00 7.39
CA TYR A 152 0.21 -3.40 8.61
C TYR A 152 1.14 -2.29 9.11
N VAL A 153 2.42 -2.42 8.83
CA VAL A 153 3.38 -1.37 9.10
C VAL A 153 3.28 -0.24 8.07
N TYR A 154 3.13 -0.62 6.81
CA TYR A 154 3.04 0.36 5.72
C TYR A 154 2.02 1.43 6.04
N VAL A 155 0.82 1.01 6.47
CA VAL A 155 -0.30 1.92 6.62
C VAL A 155 -0.09 2.88 7.78
N LYS A 156 0.90 2.58 8.62
CA LYS A 156 1.21 3.42 9.76
C LYS A 156 1.81 4.74 9.33
N THR A 157 2.20 4.82 8.06
CA THR A 157 2.73 6.07 7.49
C THR A 157 1.63 7.08 7.26
N GLY A 158 0.38 6.61 7.28
CA GLY A 158 -0.77 7.46 7.00
C GLY A 158 -1.20 7.34 5.55
N LYS A 159 -0.36 6.70 4.73
CA LYS A 159 -0.67 6.51 3.32
C LYS A 159 -1.89 5.64 3.13
N ARG A 160 -2.79 6.08 2.25
CA ARG A 160 -4.07 5.39 2.07
C ARG A 160 -4.07 4.54 0.81
N SER A 31 7.56 16.49 -4.45
CA SER A 31 6.34 16.15 -3.71
C SER A 31 6.49 14.79 -3.03
N TRP A 32 7.70 14.48 -2.60
CA TRP A 32 7.99 13.18 -2.01
C TRP A 32 8.71 13.31 -0.68
N PRO A 33 7.95 13.56 0.38
CA PRO A 33 8.52 13.78 1.70
C PRO A 33 9.41 12.62 2.12
N PRO A 34 10.34 12.90 3.03
CA PRO A 34 11.24 11.87 3.55
C PRO A 34 10.44 10.67 4.06
N SER A 35 9.21 10.91 4.49
CA SER A 35 8.37 9.85 5.03
C SER A 35 8.13 8.76 3.99
N GLU A 36 8.28 9.11 2.72
CA GLU A 36 8.08 8.16 1.64
C GLU A 36 9.09 7.03 1.70
N VAL A 37 10.19 7.26 2.40
CA VAL A 37 11.17 6.22 2.66
C VAL A 37 10.56 5.06 3.43
N LEU A 38 9.71 5.39 4.41
CA LEU A 38 9.03 4.38 5.21
C LEU A 38 8.05 3.56 4.36
N THR A 39 7.41 4.24 3.40
CA THR A 39 6.50 3.56 2.48
C THR A 39 7.26 2.62 1.55
N ALA A 40 8.45 3.04 1.13
CA ALA A 40 9.32 2.20 0.32
C ALA A 40 9.74 0.94 1.08
N VAL A 41 10.27 1.14 2.28
CA VAL A 41 10.76 0.04 3.09
C VAL A 41 9.64 -0.96 3.40
N GLY A 42 8.47 -0.43 3.74
CA GLY A 42 7.30 -1.28 4.00
C GLY A 42 7.04 -2.22 2.84
N LEU A 43 6.91 -1.67 1.64
CA LEU A 43 6.59 -2.46 0.46
C LEU A 43 7.72 -3.43 0.13
N ILE A 44 8.96 -2.97 0.29
CA ILE A 44 10.13 -3.80 0.05
C ILE A 44 10.14 -5.01 0.99
N CYS A 45 9.84 -4.77 2.26
CA CYS A 45 9.78 -5.83 3.25
C CYS A 45 8.70 -6.84 2.89
N ALA A 46 7.57 -6.35 2.39
CA ALA A 46 6.48 -7.21 1.96
C ALA A 46 6.92 -8.12 0.81
N LEU A 47 7.62 -7.54 -0.16
CA LEU A 47 8.12 -8.29 -1.30
C LEU A 47 9.11 -9.37 -0.85
N ALA A 48 9.97 -9.01 0.10
CA ALA A 48 10.91 -9.98 0.68
C ALA A 48 10.18 -11.15 1.31
N GLY A 49 9.13 -10.85 2.07
CA GLY A 49 8.29 -11.88 2.65
C GLY A 49 7.64 -12.74 1.57
N GLY A 50 7.34 -12.12 0.44
CA GLY A 50 6.69 -12.82 -0.66
C GLY A 50 7.52 -14.01 -1.13
N PHE A 51 8.83 -13.93 -0.90
CA PHE A 51 9.75 -14.94 -1.41
C PHE A 51 9.97 -16.05 -0.39
N ALA A 52 9.26 -15.98 0.73
CA ALA A 52 9.38 -16.97 1.79
C ALA A 52 8.87 -18.33 1.32
N LYS A 53 9.79 -19.27 1.17
CA LYS A 53 9.45 -20.59 0.64
C LYS A 53 8.80 -20.48 -0.74
N ALA A 54 9.23 -19.48 -1.51
CA ALA A 54 8.71 -19.27 -2.85
C ALA A 54 9.80 -18.85 -3.81
N ASP A 55 9.74 -19.34 -5.04
CA ASP A 55 10.75 -19.03 -6.05
C ASP A 55 12.15 -19.39 -5.57
N ILE A 56 12.28 -20.57 -4.98
CA ILE A 56 13.57 -21.02 -4.47
C ILE A 56 13.98 -22.32 -5.16
N GLU A 57 13.39 -22.60 -6.31
CA GLU A 57 13.73 -23.79 -7.08
C GLU A 57 13.30 -25.06 -6.35
N MET A 58 12.70 -24.89 -5.17
CA MET A 58 12.09 -25.99 -4.45
C MET A 58 10.64 -25.69 -4.11
N ALA A 59 10.13 -24.58 -4.64
CA ALA A 59 8.79 -24.12 -4.31
C ALA A 59 7.73 -24.88 -5.10
N GLY A 60 6.55 -25.03 -4.50
CA GLY A 60 5.40 -25.58 -5.21
C GLY A 60 4.67 -24.51 -6.00
N PRO A 61 3.82 -24.94 -6.93
CA PRO A 61 3.03 -24.02 -7.73
C PRO A 61 2.28 -23.02 -6.86
N MET A 62 1.79 -23.50 -5.72
CA MET A 62 1.00 -22.68 -4.80
C MET A 62 1.85 -21.55 -4.21
N ALA A 63 3.06 -21.91 -3.78
CA ALA A 63 3.98 -20.93 -3.21
C ALA A 63 4.33 -19.86 -4.23
N ALA A 64 4.47 -20.27 -5.49
CA ALA A 64 4.75 -19.33 -6.58
C ALA A 64 3.63 -18.30 -6.71
N VAL A 65 2.40 -18.76 -6.59
CA VAL A 65 1.24 -17.87 -6.59
C VAL A 65 1.27 -16.93 -5.39
N GLY A 66 1.64 -17.48 -4.23
CA GLY A 66 1.81 -16.67 -3.03
C GLY A 66 2.66 -15.44 -3.31
N LEU A 67 3.81 -15.65 -3.94
CA LEU A 67 4.68 -14.54 -4.34
C LEU A 67 3.94 -13.55 -5.24
N LEU A 68 3.25 -14.07 -6.24
CA LEU A 68 2.54 -13.23 -7.20
C LEU A 68 1.46 -12.41 -6.52
N ILE A 69 0.79 -13.01 -5.54
CA ILE A 69 -0.24 -12.32 -4.77
C ILE A 69 0.33 -11.11 -4.04
N VAL A 70 1.48 -11.31 -3.39
CA VAL A 70 2.15 -10.22 -2.70
C VAL A 70 2.58 -9.13 -3.67
N SER A 71 3.16 -9.53 -4.79
CA SER A 71 3.60 -8.59 -5.81
C SER A 71 2.44 -7.75 -6.33
N TYR A 72 1.29 -8.39 -6.53
CA TYR A 72 0.10 -7.69 -6.98
C TYR A 72 -0.29 -6.58 -6.01
N VAL A 73 -0.43 -6.94 -4.74
CA VAL A 73 -0.87 -5.99 -3.73
C VAL A 73 0.13 -4.86 -3.56
N VAL A 74 1.42 -5.21 -3.54
CA VAL A 74 2.49 -4.23 -3.44
C VAL A 74 2.48 -3.29 -4.64
N SER A 75 2.32 -3.84 -5.83
CA SER A 75 2.32 -3.05 -7.05
C SER A 75 1.23 -1.99 -7.02
N GLY A 76 0.08 -2.34 -6.46
CA GLY A 76 -1.05 -1.42 -6.38
C GLY A 76 -0.71 -0.19 -5.54
N LYS A 77 0.33 -0.31 -4.73
CA LYS A 77 0.74 0.78 -3.85
C LYS A 77 2.05 1.40 -4.30
N SER A 78 2.42 1.15 -5.56
CA SER A 78 3.61 1.75 -6.14
C SER A 78 3.40 3.22 -6.44
N VAL A 79 4.50 3.95 -6.61
CA VAL A 79 4.44 5.36 -6.98
C VAL A 79 3.70 5.55 -8.30
N ASP A 80 4.01 4.69 -9.27
CA ASP A 80 3.38 4.77 -10.58
C ASP A 80 1.86 4.68 -10.48
N MET A 81 1.38 3.76 -9.66
CA MET A 81 -0.05 3.54 -9.49
C MET A 81 -0.71 4.73 -8.80
N TYR A 82 0.02 5.33 -7.86
CA TYR A 82 -0.45 6.53 -7.19
C TYR A 82 -0.59 7.69 -8.15
N ILE A 83 0.34 7.81 -9.08
CA ILE A 83 0.29 8.84 -10.12
C ILE A 83 -0.91 8.63 -11.04
N GLU A 84 -1.09 7.39 -11.48
CA GLU A 84 -2.24 7.04 -12.31
C GLU A 84 -3.55 7.27 -11.56
N ARG A 85 -3.57 6.91 -10.28
CA ARG A 85 -4.73 7.16 -9.43
C ARG A 85 -5.09 8.64 -9.42
N ALA A 86 -4.08 9.49 -9.29
CA ALA A 86 -4.28 10.94 -9.31
C ALA A 86 -4.96 11.38 -10.59
N GLY A 87 -4.56 10.80 -11.70
CA GLY A 87 -5.14 11.13 -13.01
C GLY A 87 -6.64 10.87 -13.02
N ASP A 88 -7.06 9.80 -12.34
CA ASP A 88 -8.45 9.39 -12.35
C ASP A 88 -9.13 9.67 -11.02
N ILE A 89 -8.52 10.57 -10.24
CA ILE A 89 -9.04 10.91 -8.92
C ILE A 89 -10.41 11.57 -9.01
N THR A 90 -11.32 11.15 -8.16
CA THR A 90 -12.68 11.68 -8.16
C THR A 90 -12.99 12.41 -6.86
N TRP A 91 -12.16 12.20 -5.85
CA TRP A 91 -12.41 12.71 -4.51
C TRP A 91 -12.06 14.19 -4.41
N GLU A 92 -13.05 15.01 -4.08
CA GLU A 92 -12.86 16.45 -4.02
C GLU A 92 -12.01 16.86 -2.83
N LYS A 93 -11.90 15.95 -1.86
CA LYS A 93 -11.11 16.21 -0.66
C LYS A 93 -9.63 15.94 -0.91
N ASP A 94 -9.33 15.29 -2.03
CA ASP A 94 -7.97 14.89 -2.35
C ASP A 94 -7.30 15.92 -3.27
N ALA A 95 -6.24 16.53 -2.78
CA ALA A 95 -5.62 17.67 -3.47
C ALA A 95 -5.24 17.31 -4.90
N GLU A 96 -5.11 16.01 -5.16
CA GLU A 96 -4.76 15.53 -6.49
C GLU A 96 -5.76 15.98 -7.53
N VAL A 97 -6.99 16.21 -7.09
CA VAL A 97 -8.06 16.62 -7.99
C VAL A 97 -7.79 17.99 -8.59
N THR A 98 -6.91 18.75 -7.93
CA THR A 98 -6.56 20.09 -8.39
C THR A 98 -5.31 20.05 -9.26
N GLY A 99 -4.77 18.86 -9.45
CA GLY A 99 -3.54 18.69 -10.23
C GLY A 99 -2.32 18.69 -9.32
N ASN A 100 -2.56 18.60 -8.01
CA ASN A 100 -1.48 18.58 -7.03
C ASN A 100 -0.87 17.19 -6.90
N SER A 101 0.41 17.07 -7.26
CA SER A 101 1.09 15.79 -7.24
C SER A 101 0.88 15.07 -5.91
N PRO A 102 0.80 13.75 -5.97
CA PRO A 102 0.56 12.94 -4.77
C PRO A 102 1.52 13.32 -3.65
N ARG A 103 1.00 13.44 -2.44
CA ARG A 103 1.82 13.75 -1.28
C ARG A 103 1.49 12.83 -0.11
N LEU A 104 2.35 12.84 0.90
CA LEU A 104 2.15 12.02 2.09
C LEU A 104 2.06 12.87 3.34
N ASP A 105 2.63 14.07 3.28
CA ASP A 105 2.81 14.90 4.46
C ASP A 105 1.50 15.57 4.87
N VAL A 106 0.56 14.76 5.33
CA VAL A 106 -0.74 15.27 5.75
C VAL A 106 -0.61 16.20 6.95
N ALA A 107 -1.52 17.16 7.06
CA ALA A 107 -1.49 18.12 8.15
C ALA A 107 -2.87 18.70 8.40
N LEU A 108 -3.10 19.16 9.63
CA LEU A 108 -4.33 19.87 9.97
C LEU A 108 -4.13 21.37 9.95
N ASP A 109 -4.88 22.06 9.11
CA ASP A 109 -4.76 23.50 8.95
C ASP A 109 -5.56 24.25 10.02
N GLU A 110 -5.34 25.55 10.11
CA GLU A 110 -6.03 26.37 11.09
C GLU A 110 -7.53 26.40 10.83
N SER A 111 -7.91 26.15 9.58
CA SER A 111 -9.32 26.19 9.20
C SER A 111 -10.09 25.02 9.78
N GLY A 112 -9.36 24.00 10.24
CA GLY A 112 -9.96 22.76 10.69
C GLY A 112 -9.96 21.72 9.59
N ASP A 113 -9.57 22.13 8.39
CA ASP A 113 -9.48 21.22 7.25
C ASP A 113 -8.23 20.36 7.32
N PHE A 114 -8.38 19.06 7.08
CA PHE A 114 -7.25 18.13 7.10
C PHE A 114 -6.62 18.03 5.72
N SER A 115 -5.48 18.68 5.55
CA SER A 115 -4.85 18.78 4.23
C SER A 115 -4.34 17.43 3.75
N LEU A 116 -4.61 17.12 2.49
CA LEU A 116 -4.14 15.87 1.90
C LEU A 116 -4.79 14.66 2.56
N VAL A 117 -5.92 14.89 3.22
CA VAL A 117 -6.69 13.82 3.82
C VAL A 117 -8.08 13.71 3.22
N GLU A 118 -8.47 12.50 2.83
CA GLU A 118 -9.79 12.26 2.26
C GLU A 118 -10.86 12.22 3.35
N GLU A 119 -11.28 13.38 3.81
CA GLU A 119 -12.21 13.49 4.93
C GLU A 119 -13.48 12.68 4.66
N ASP A 120 -13.91 12.67 3.40
CA ASP A 120 -15.14 11.98 3.02
C ASP A 120 -14.84 10.60 2.43
N GLY A 121 -13.58 10.20 2.50
CA GLY A 121 -13.15 8.96 1.84
C GLY A 121 -13.38 7.75 2.74
N PRO A 122 -12.99 6.58 2.24
CA PRO A 122 -13.16 5.35 3.00
C PRO A 122 -12.39 5.40 4.31
N PRO A 123 -12.95 4.78 5.34
CA PRO A 123 -12.27 4.63 6.63
C PRO A 123 -10.89 4.00 6.45
N MET A 124 -9.92 4.48 7.21
CA MET A 124 -8.56 3.97 7.12
C MET A 124 -8.50 2.48 7.48
N ARG A 125 -9.41 2.06 8.34
CA ARG A 125 -9.47 0.66 8.77
C ARG A 125 -9.78 -0.25 7.58
N GLU A 126 -10.73 0.17 6.75
CA GLU A 126 -11.08 -0.59 5.56
C GLU A 126 -9.93 -0.63 4.57
N ILE A 127 -9.20 0.48 4.46
CA ILE A 127 -8.03 0.55 3.60
C ILE A 127 -6.95 -0.41 4.07
N ILE A 128 -6.70 -0.41 5.38
CA ILE A 128 -5.69 -1.29 5.97
C ILE A 128 -6.04 -2.76 5.74
N LEU A 129 -7.28 -3.11 6.04
CA LEU A 129 -7.75 -4.49 5.90
C LEU A 129 -7.72 -4.93 4.44
N LYS A 130 -8.15 -4.04 3.55
CA LYS A 130 -8.21 -4.35 2.12
C LYS A 130 -6.87 -4.84 1.61
N VAL A 131 -5.80 -4.12 1.96
CA VAL A 131 -4.47 -4.47 1.50
C VAL A 131 -4.13 -5.92 1.84
N VAL A 132 -4.46 -6.33 3.06
CA VAL A 132 -4.17 -7.68 3.52
C VAL A 132 -5.17 -8.68 2.96
N LEU A 133 -6.44 -8.30 2.96
CA LEU A 133 -7.52 -9.23 2.62
C LEU A 133 -7.44 -9.64 1.16
N MET A 134 -6.83 -8.79 0.33
CA MET A 134 -6.64 -9.09 -1.08
C MET A 134 -5.78 -10.31 -1.28
N ALA A 135 -5.01 -10.65 -0.25
CA ALA A 135 -4.07 -11.79 -0.33
C ALA A 135 -4.71 -13.05 0.24
N ILE A 136 -4.27 -14.19 -0.28
CA ILE A 136 -4.81 -15.48 0.14
C ILE A 136 -3.76 -16.33 0.84
N CYS A 137 -3.89 -16.46 2.16
CA CYS A 137 -2.89 -17.15 2.96
C CYS A 137 -2.84 -18.63 2.61
N GLY A 138 -3.94 -19.14 2.08
CA GLY A 138 -4.04 -20.56 1.74
C GLY A 138 -2.97 -20.95 0.71
N MET A 139 -2.60 -20.00 -0.13
CA MET A 139 -1.64 -20.27 -1.21
C MET A 139 -0.23 -20.38 -0.68
N ASN A 140 0.06 -19.67 0.41
CA ASN A 140 1.37 -19.73 1.04
C ASN A 140 1.30 -19.25 2.49
N PRO A 141 1.10 -20.19 3.40
CA PRO A 141 0.79 -19.86 4.79
C PRO A 141 1.98 -19.17 5.46
N ILE A 142 3.08 -19.03 4.71
CA ILE A 142 4.27 -18.36 5.23
C ILE A 142 4.42 -16.97 4.62
N ALA A 143 4.51 -16.90 3.30
CA ALA A 143 4.88 -15.67 2.62
C ALA A 143 3.81 -14.59 2.81
N ILE A 144 2.55 -15.01 2.81
CA ILE A 144 1.44 -14.08 2.75
C ILE A 144 1.31 -13.29 4.06
N PRO A 145 1.20 -14.02 5.16
CA PRO A 145 1.06 -13.39 6.48
C PRO A 145 2.33 -12.63 6.85
N PHE A 146 3.44 -13.01 6.24
CA PHE A 146 4.68 -12.25 6.38
C PHE A 146 4.58 -10.89 5.68
N ALA A 147 4.06 -10.90 4.46
CA ALA A 147 3.78 -9.66 3.75
C ALA A 147 2.74 -8.83 4.48
N ALA A 148 1.74 -9.50 5.05
CA ALA A 148 0.71 -8.82 5.82
C ALA A 148 1.29 -8.03 6.97
N GLY A 149 2.26 -8.61 7.66
CA GLY A 149 3.02 -7.90 8.68
C GLY A 149 3.61 -6.61 8.15
N ALA A 150 4.34 -6.72 7.05
CA ALA A 150 4.96 -5.55 6.41
C ALA A 150 3.91 -4.54 5.98
N TRP A 151 2.76 -5.04 5.53
CA TRP A 151 1.68 -4.18 5.08
C TRP A 151 1.04 -3.44 6.25
N TYR A 152 0.96 -4.11 7.39
CA TYR A 152 0.47 -3.49 8.62
C TYR A 152 1.40 -2.39 9.09
N VAL A 153 2.68 -2.52 8.76
CA VAL A 153 3.65 -1.46 9.00
C VAL A 153 3.53 -0.35 7.97
N TYR A 154 3.38 -0.75 6.70
CA TYR A 154 3.25 0.21 5.61
C TYR A 154 2.22 1.29 5.94
N VAL A 155 1.06 0.86 6.41
CA VAL A 155 -0.08 1.77 6.56
C VAL A 155 0.15 2.74 7.71
N LYS A 156 1.13 2.45 8.55
CA LYS A 156 1.44 3.29 9.69
C LYS A 156 1.97 4.65 9.25
N THR A 157 2.37 4.74 7.99
CA THR A 157 2.87 6.00 7.44
C THR A 157 1.74 6.98 7.19
N GLY A 158 0.52 6.48 7.17
CA GLY A 158 -0.64 7.30 6.86
C GLY A 158 -0.99 7.23 5.37
N LYS A 159 -0.10 6.64 4.59
CA LYS A 159 -0.31 6.49 3.16
C LYS A 159 -1.57 5.68 2.87
N ARG A 160 -2.44 6.23 2.03
CA ARG A 160 -3.74 5.61 1.78
C ARG A 160 -3.74 4.85 0.45
#